data_5J3V
#
_entry.id   5J3V
#
_cell.length_a   150.296
_cell.length_b   154.185
_cell.length_c   192.661
_cell.angle_alpha   90.000
_cell.angle_beta   90.000
_cell.angle_gamma   90.000
#
_symmetry.space_group_name_H-M   'C 2 2 21'
#
loop_
_entity.id
_entity.type
_entity.pdbx_description
1 polymer Transportin-1,Transportin-1
2 polymer 'Histone H3'
#
loop_
_entity_poly.entity_id
_entity_poly.type
_entity_poly.pdbx_seq_one_letter_code
_entity_poly.pdbx_strand_id
1 'polypeptide(L)'
;MEYEWKPDEQGLQQILQLLKESQSPDTTIQRTVQQKLEQLNQYPDFNNYLIFVLTKLKSEDEPTRSLSGLILKNNVKAHF
QNFPNGVTDFIKSECLNNIGDSSPLIRATVGILITTIASKGELQNWPDLLPKLCSLLDSEDYNTCEGAFGALQKICEDSA
EILDSDVLDRPLNIMIPKFLQFFKHSSPKIRSHAVACVNQFIISRTQALMLHIDSFIENLFALAGDEEPEVRKNVCRALV
MLLEVRMDRLLPHMHNIVEYMLQRTQDQDENVALEACEFWLTLAEQPICKDVLVRHLPKLIPVLVNGMKYSDIDIILLKG
DVEGGSGGSGDDTISDWNLRKCSAAALDVLANVYRDELLPHILPLLKELLFHHEWVVKESGILVLGAIAEGCMQGMIPYL
PELIPHLIQCLSDKKALVRSITCWTLSRYAHWVVSQPPDTYLKPLMTELLKRILDSNKRVQEAACSAFATLEEEACTELV
PYLAYILDTLVFAFSKYQHKNLLILYDAIGTLADSVGHHLNKPEYIQMLMPPLIQKWNMLKDEDKDLFPLLECLSSVATA
LQSGFLPYCEPVYQRCVNLVQKTLAQAMLNNAQPDQYEAPDKDFMIVALDLLSGLAEGLGGNIEQLVARSNILTLMYQCM
QDKMPEVRQSSFALLGDLTKACFQHVKPCIADFMPILGTNLNPEFISVCNNATWAIGEISIQMGIEMQPYIPMVLHQLVE
IINRPNTPKTLLENTAITIGRLGYVCPQEVAPMLQQFIRPWCTSLRNIRDNEEKDSAFRGICTMISVNPSGVIQDFIFFC
DAVASWINPKDDLRDMFCKILHGFKNQVGDENWRRFSDQFPLPLKERLAAFYGV
;
A,B
2 'polypeptide(L)' TGGKAPRKQLATKAARK C,D
#
# COMPACT_ATOMS: atom_id res chain seq x y z
N ASP A 8 50.48 25.02 -42.58
CA ASP A 8 50.14 23.61 -42.49
C ASP A 8 51.26 22.76 -43.13
N GLU A 9 52.43 23.35 -43.25
CA GLU A 9 53.59 22.66 -43.82
C GLU A 9 54.88 23.36 -43.45
N GLN A 10 54.81 24.67 -43.21
CA GLN A 10 55.98 25.46 -42.86
C GLN A 10 55.98 25.77 -41.36
N GLY A 11 54.86 25.51 -40.72
CA GLY A 11 54.73 25.73 -39.29
C GLY A 11 54.29 24.49 -38.55
N LEU A 12 54.14 23.40 -39.28
CA LEU A 12 53.73 22.13 -38.70
C LEU A 12 54.90 21.45 -37.99
N GLN A 13 56.08 21.54 -38.58
CA GLN A 13 57.29 21.00 -37.96
C GLN A 13 57.73 21.89 -36.80
N GLN A 14 57.21 23.11 -36.76
CA GLN A 14 57.50 24.03 -35.68
C GLN A 14 56.78 23.59 -34.40
N ILE A 15 55.72 22.81 -34.58
CA ILE A 15 54.94 22.30 -33.45
C ILE A 15 55.40 20.90 -33.05
N LEU A 16 55.73 20.08 -34.04
CA LEU A 16 56.19 18.71 -33.78
C LEU A 16 57.45 18.70 -32.95
N GLN A 17 58.32 19.68 -33.17
CA GLN A 17 59.55 19.80 -32.41
C GLN A 17 59.27 20.23 -30.97
N LEU A 18 58.17 20.97 -30.78
CA LEU A 18 57.75 21.38 -29.45
C LEU A 18 57.13 20.21 -28.69
N LEU A 19 56.57 19.27 -29.43
CA LEU A 19 55.98 18.07 -28.83
C LEU A 19 57.06 17.13 -28.33
N LYS A 20 58.14 17.00 -29.12
CA LYS A 20 59.27 16.17 -28.73
C LYS A 20 60.03 16.80 -27.57
N GLU A 21 60.08 18.13 -27.56
CA GLU A 21 60.80 18.87 -26.54
C GLU A 21 60.04 18.86 -25.21
N SER A 22 58.72 18.73 -25.30
CA SER A 22 57.87 18.71 -24.11
C SER A 22 57.93 17.37 -23.38
N GLN A 23 58.51 16.38 -24.06
CA GLN A 23 58.66 15.05 -23.49
C GLN A 23 60.04 14.84 -22.87
N SER A 24 60.83 15.91 -22.88
CA SER A 24 62.18 15.86 -22.31
C SER A 24 62.12 15.73 -20.79
N PRO A 25 63.03 14.94 -20.21
CA PRO A 25 63.06 14.69 -18.76
C PRO A 25 63.49 15.90 -17.94
N ASP A 26 63.95 16.96 -18.61
CA ASP A 26 64.37 18.17 -17.92
C ASP A 26 63.16 18.97 -17.44
N THR A 27 63.19 19.36 -16.17
CA THR A 27 62.06 20.06 -15.56
C THR A 27 61.89 21.48 -16.10
N THR A 28 63.00 22.19 -16.25
CA THR A 28 62.97 23.58 -16.71
C THR A 28 62.52 23.70 -18.16
N ILE A 29 63.02 22.79 -19.00
CA ILE A 29 62.67 22.79 -20.42
C ILE A 29 61.17 22.58 -20.62
N GLN A 30 60.58 21.71 -19.80
CA GLN A 30 59.15 21.41 -19.89
C GLN A 30 58.29 22.64 -19.71
N ARG A 31 58.42 23.31 -18.56
CA ARG A 31 57.57 24.44 -18.22
C ARG A 31 57.72 25.60 -19.20
N THR A 32 58.90 25.73 -19.80
CA THR A 32 59.17 26.80 -20.75
C THR A 32 58.50 26.54 -22.10
N VAL A 33 58.34 25.26 -22.44
CA VAL A 33 57.68 24.88 -23.68
C VAL A 33 56.16 24.84 -23.50
N GLN A 34 55.72 24.43 -22.30
CA GLN A 34 54.31 24.43 -21.96
C GLN A 34 53.72 25.83 -22.04
N GLN A 35 54.56 26.82 -21.75
CA GLN A 35 54.14 28.22 -21.84
C GLN A 35 53.97 28.63 -23.29
N LYS A 36 54.79 28.07 -24.17
CA LYS A 36 54.71 28.36 -25.60
C LYS A 36 53.39 27.87 -26.18
N LEU A 37 52.94 26.71 -25.71
CA LEU A 37 51.71 26.11 -26.22
C LEU A 37 50.47 26.85 -25.70
N GLU A 38 50.69 27.81 -24.82
CA GLU A 38 49.62 28.69 -24.37
C GLU A 38 49.67 29.99 -25.17
N GLN A 39 50.88 30.40 -25.52
CA GLN A 39 51.09 31.60 -26.33
C GLN A 39 50.77 31.30 -27.80
N LEU A 40 50.74 30.03 -28.15
CA LEU A 40 50.33 29.60 -29.49
C LEU A 40 48.84 29.31 -29.51
N ASN A 41 48.26 29.09 -28.33
CA ASN A 41 46.84 28.79 -28.20
C ASN A 41 45.97 29.99 -28.57
N GLN A 42 46.57 31.18 -28.55
CA GLN A 42 45.86 32.40 -28.88
C GLN A 42 45.72 32.61 -30.39
N TYR A 43 46.23 31.64 -31.14
CA TYR A 43 46.06 31.65 -32.60
C TYR A 43 44.79 30.90 -32.99
N PRO A 44 44.03 31.44 -33.95
CA PRO A 44 42.73 30.91 -34.38
C PRO A 44 42.74 29.44 -34.77
N ASP A 45 43.74 29.01 -35.53
CA ASP A 45 43.78 27.62 -36.02
C ASP A 45 45.00 26.85 -35.53
N PHE A 46 45.36 27.04 -34.26
CA PHE A 46 46.46 26.28 -33.67
C PHE A 46 45.99 24.89 -33.29
N ASN A 47 44.75 24.80 -32.81
CA ASN A 47 44.16 23.51 -32.44
C ASN A 47 43.86 22.66 -33.66
N ASN A 48 43.95 23.27 -34.84
CA ASN A 48 43.80 22.56 -36.09
C ASN A 48 44.93 21.54 -36.27
N TYR A 49 46.09 21.87 -35.73
CA TYR A 49 47.27 21.00 -35.83
C TYR A 49 47.23 19.86 -34.84
N LEU A 50 46.79 20.14 -33.61
CA LEU A 50 46.79 19.16 -32.53
C LEU A 50 45.94 17.93 -32.87
N ILE A 51 44.77 18.16 -33.47
CA ILE A 51 43.89 17.07 -33.85
C ILE A 51 44.42 16.39 -35.12
N PHE A 52 45.19 17.14 -35.91
CA PHE A 52 45.78 16.63 -37.14
C PHE A 52 46.87 15.61 -36.84
N VAL A 53 47.69 15.90 -35.84
CA VAL A 53 48.77 15.01 -35.43
C VAL A 53 48.22 13.71 -34.85
N LEU A 54 47.10 13.82 -34.14
CA LEU A 54 46.50 12.69 -33.45
C LEU A 54 45.90 11.66 -34.40
N THR A 55 45.22 12.11 -35.44
CA THR A 55 44.43 11.22 -36.28
C THR A 55 44.98 11.02 -37.69
N LYS A 56 45.50 12.09 -38.29
CA LYS A 56 45.92 12.03 -39.69
C LYS A 56 47.42 11.75 -39.85
N LEU A 57 48.21 12.08 -38.83
CA LEU A 57 49.64 11.83 -38.88
C LEU A 57 49.96 10.46 -38.31
N LYS A 58 49.62 9.41 -39.06
CA LYS A 58 49.81 8.03 -38.61
C LYS A 58 51.22 7.53 -38.88
N SER A 59 52.16 8.46 -39.06
CA SER A 59 53.54 8.09 -39.34
C SER A 59 54.40 8.13 -38.08
N GLU A 60 54.23 9.18 -37.28
CA GLU A 60 55.02 9.35 -36.06
C GLU A 60 54.57 8.42 -34.95
N ASP A 61 55.35 8.38 -33.87
CA ASP A 61 55.10 7.48 -32.76
C ASP A 61 53.83 7.83 -32.01
N GLU A 62 53.30 6.84 -31.29
CA GLU A 62 52.03 6.99 -30.56
C GLU A 62 52.05 7.96 -29.37
N PRO A 63 53.11 7.94 -28.53
CA PRO A 63 53.07 8.86 -27.39
C PRO A 63 53.08 10.34 -27.79
N THR A 64 53.57 10.64 -29.00
CA THR A 64 53.55 12.01 -29.50
C THR A 64 52.15 12.35 -30.02
N ARG A 65 51.56 11.43 -30.77
CA ARG A 65 50.20 11.60 -31.28
C ARG A 65 49.22 11.72 -30.12
N SER A 66 49.44 10.93 -29.08
CA SER A 66 48.60 10.95 -27.89
C SER A 66 48.73 12.28 -27.15
N LEU A 67 49.97 12.75 -27.00
CA LEU A 67 50.26 13.98 -26.27
C LEU A 67 49.57 15.18 -26.88
N SER A 68 49.62 15.29 -28.21
CA SER A 68 48.99 16.39 -28.92
C SER A 68 47.48 16.38 -28.71
N GLY A 69 46.89 15.20 -28.69
CA GLY A 69 45.48 15.05 -28.46
C GLY A 69 45.09 15.38 -27.04
N LEU A 70 46.06 15.24 -26.12
CA LEU A 70 45.83 15.53 -24.71
C LEU A 70 46.10 17.00 -24.40
N ILE A 71 47.01 17.61 -25.16
CA ILE A 71 47.20 19.06 -25.09
C ILE A 71 45.96 19.74 -25.63
N LEU A 72 45.40 19.17 -26.69
CA LEU A 72 44.16 19.65 -27.28
C LEU A 72 43.01 19.59 -26.27
N LYS A 73 42.97 18.51 -25.51
CA LYS A 73 41.94 18.32 -24.48
C LYS A 73 41.98 19.42 -23.44
N ASN A 74 43.20 19.76 -23.00
CA ASN A 74 43.38 20.84 -22.04
C ASN A 74 43.06 22.20 -22.66
N ASN A 75 43.13 22.27 -23.98
CA ASN A 75 42.75 23.47 -24.71
C ASN A 75 41.25 23.49 -25.01
N VAL A 76 40.54 22.49 -24.47
CA VAL A 76 39.09 22.44 -24.57
C VAL A 76 38.49 22.67 -23.19
N LYS A 77 39.19 22.18 -22.16
CA LYS A 77 38.77 22.42 -20.78
C LYS A 77 39.00 23.88 -20.40
N ALA A 78 39.81 24.55 -21.20
CA ALA A 78 40.04 25.99 -21.07
C ALA A 78 40.16 26.62 -22.45
N HIS A 79 39.81 27.90 -22.53
CA HIS A 79 39.85 28.65 -23.79
C HIS A 79 38.98 28.01 -24.88
N PHE A 80 37.82 27.47 -24.48
CA PHE A 80 36.89 26.88 -25.44
C PHE A 80 35.78 27.86 -25.77
N GLN A 81 35.66 28.91 -24.95
CA GLN A 81 34.71 29.98 -25.21
C GLN A 81 35.14 30.73 -26.47
N ASN A 82 36.44 30.76 -26.71
CA ASN A 82 37.01 31.41 -27.88
C ASN A 82 37.37 30.40 -28.97
N PHE A 83 36.61 29.31 -29.04
CA PHE A 83 36.83 28.28 -30.04
C PHE A 83 35.99 28.53 -31.29
N PRO A 84 36.66 28.83 -32.41
CA PRO A 84 35.98 29.06 -33.69
C PRO A 84 35.18 27.85 -34.15
N ASN A 85 33.93 28.08 -34.57
CA ASN A 85 33.02 27.01 -34.94
C ASN A 85 33.55 26.15 -36.10
N GLY A 86 34.37 26.76 -36.96
CA GLY A 86 34.95 26.05 -38.07
C GLY A 86 35.96 25.02 -37.63
N VAL A 87 36.71 25.35 -36.58
CA VAL A 87 37.72 24.45 -36.04
C VAL A 87 37.06 23.37 -35.17
N THR A 88 36.03 23.76 -34.43
CA THR A 88 35.31 22.84 -33.56
C THR A 88 34.62 21.75 -34.38
N ASP A 89 34.14 22.11 -35.57
CA ASP A 89 33.51 21.14 -36.47
C ASP A 89 34.52 20.13 -36.98
N PHE A 90 35.78 20.55 -37.06
CA PHE A 90 36.85 19.68 -37.54
C PHE A 90 37.15 18.58 -36.53
N ILE A 91 37.33 18.98 -35.27
CA ILE A 91 37.68 18.04 -34.20
C ILE A 91 36.54 17.06 -33.92
N LYS A 92 35.31 17.56 -33.92
CA LYS A 92 34.13 16.74 -33.67
C LYS A 92 33.98 15.63 -34.71
N SER A 93 34.42 15.91 -35.94
CA SER A 93 34.31 14.94 -37.02
C SER A 93 35.45 13.92 -36.99
N GLU A 94 36.66 14.40 -36.70
CA GLU A 94 37.84 13.54 -36.70
C GLU A 94 37.79 12.51 -35.57
N CYS A 95 37.26 12.92 -34.43
CA CYS A 95 37.20 12.04 -33.26
C CYS A 95 36.20 10.91 -33.47
N LEU A 96 35.04 11.23 -34.03
CA LEU A 96 34.02 10.22 -34.30
C LEU A 96 34.49 9.22 -35.35
N ASN A 97 35.38 9.68 -36.23
CA ASN A 97 35.95 8.81 -37.26
C ASN A 97 36.92 7.80 -36.66
N ASN A 98 37.82 8.27 -35.81
CA ASN A 98 38.85 7.40 -35.23
C ASN A 98 38.40 6.72 -33.94
N ILE A 99 37.10 6.58 -33.77
CA ILE A 99 36.56 5.78 -32.66
C ILE A 99 36.85 4.31 -32.94
N GLY A 100 37.47 3.65 -31.97
CA GLY A 100 37.83 2.25 -32.14
C GLY A 100 39.09 2.10 -32.95
N ASP A 101 40.04 3.01 -32.73
CA ASP A 101 41.34 2.94 -33.38
C ASP A 101 42.09 1.69 -32.92
N SER A 102 43.00 1.20 -33.75
CA SER A 102 43.76 -0.01 -33.44
C SER A 102 44.56 0.15 -32.15
N SER A 103 45.33 1.22 -32.06
CA SER A 103 46.13 1.48 -30.87
C SER A 103 45.26 1.93 -29.71
N PRO A 104 45.30 1.18 -28.59
CA PRO A 104 44.52 1.47 -27.39
C PRO A 104 44.87 2.84 -26.79
N LEU A 105 46.11 3.28 -26.99
CA LEU A 105 46.56 4.57 -26.48
C LEU A 105 45.91 5.71 -27.27
N ILE A 106 45.84 5.56 -28.58
CA ILE A 106 45.24 6.57 -29.44
C ILE A 106 43.73 6.59 -29.25
N ARG A 107 43.14 5.41 -29.12
CA ARG A 107 41.70 5.26 -28.94
C ARG A 107 41.20 5.95 -27.67
N ALA A 108 41.94 5.75 -26.58
CA ALA A 108 41.59 6.35 -25.30
C ALA A 108 41.79 7.86 -25.33
N THR A 109 42.73 8.31 -26.17
CA THR A 109 42.98 9.74 -26.33
C THR A 109 41.84 10.38 -27.13
N VAL A 110 41.35 9.66 -28.13
CA VAL A 110 40.22 10.12 -28.93
C VAL A 110 38.94 10.12 -28.09
N GLY A 111 38.76 9.05 -27.32
CA GLY A 111 37.58 8.91 -26.50
C GLY A 111 37.43 9.98 -25.44
N ILE A 112 38.54 10.40 -24.85
CA ILE A 112 38.50 11.40 -23.80
C ILE A 112 38.27 12.79 -24.37
N LEU A 113 38.55 12.95 -25.66
CA LEU A 113 38.27 14.22 -26.34
C LEU A 113 36.77 14.39 -26.53
N ILE A 114 36.11 13.32 -26.96
CA ILE A 114 34.67 13.33 -27.20
C ILE A 114 33.90 13.61 -25.91
N THR A 115 34.32 12.96 -24.83
CA THR A 115 33.65 13.10 -23.53
C THR A 115 33.92 14.47 -22.91
N THR A 116 35.02 15.10 -23.31
CA THR A 116 35.39 16.41 -22.78
C THR A 116 34.65 17.52 -23.52
N ILE A 117 34.65 17.44 -24.85
CA ILE A 117 33.96 18.42 -25.68
C ILE A 117 32.46 18.42 -25.36
N ALA A 118 31.91 17.24 -25.13
CA ALA A 118 30.49 17.11 -24.82
C ALA A 118 30.18 17.50 -23.37
N SER A 119 31.23 17.63 -22.56
CA SER A 119 31.04 17.95 -21.14
C SER A 119 31.06 19.47 -20.91
N LYS A 120 32.21 20.10 -21.11
CA LYS A 120 32.33 21.53 -20.95
C LYS A 120 31.47 22.24 -21.98
N GLY A 121 31.73 21.99 -23.26
CA GLY A 121 30.83 22.44 -24.30
C GLY A 121 29.60 21.58 -24.11
N GLU A 122 28.43 22.13 -24.40
CA GLU A 122 27.20 21.43 -24.07
C GLU A 122 26.77 20.41 -25.12
N LEU A 123 25.90 19.51 -24.68
CA LEU A 123 25.53 18.33 -25.46
C LEU A 123 24.66 18.72 -26.63
N GLN A 124 23.76 19.68 -26.42
CA GLN A 124 22.84 20.11 -27.47
C GLN A 124 23.57 20.81 -28.63
N ASN A 125 24.75 21.35 -28.35
CA ASN A 125 25.57 21.96 -29.40
C ASN A 125 26.24 20.90 -30.27
N TRP A 126 26.16 19.65 -29.82
CA TRP A 126 26.62 18.52 -30.63
C TRP A 126 25.43 17.60 -30.89
N PRO A 127 24.59 17.96 -31.88
CA PRO A 127 23.32 17.29 -32.16
C PRO A 127 23.46 15.80 -32.48
N ASP A 128 24.26 15.49 -33.50
CA ASP A 128 24.43 14.12 -33.94
C ASP A 128 25.57 13.42 -33.22
N LEU A 129 25.59 13.52 -31.90
CA LEU A 129 26.57 12.81 -31.10
C LEU A 129 26.00 11.49 -30.61
N LEU A 130 24.86 11.58 -29.92
CA LEU A 130 24.15 10.40 -29.44
C LEU A 130 23.63 9.49 -30.57
N PRO A 131 23.03 10.06 -31.63
CA PRO A 131 22.55 9.17 -32.69
C PRO A 131 23.66 8.35 -33.37
N LYS A 132 24.88 8.88 -33.38
CA LYS A 132 26.00 8.16 -33.99
C LYS A 132 26.60 7.12 -33.05
N LEU A 133 26.81 7.52 -31.80
CA LEU A 133 27.38 6.62 -30.80
C LEU A 133 26.46 5.44 -30.51
N CYS A 134 25.16 5.71 -30.45
CA CYS A 134 24.17 4.69 -30.15
C CYS A 134 23.98 3.75 -31.35
N SER A 135 24.51 4.16 -32.50
CA SER A 135 24.42 3.34 -33.71
C SER A 135 25.73 2.60 -33.97
N LEU A 136 26.76 2.91 -33.18
CA LEU A 136 28.05 2.24 -33.29
C LEU A 136 28.15 1.07 -32.32
N LEU A 137 27.14 0.92 -31.47
CA LEU A 137 27.11 -0.16 -30.49
C LEU A 137 26.82 -1.50 -31.17
N ASP A 138 26.23 -1.43 -32.36
CA ASP A 138 25.86 -2.63 -33.10
C ASP A 138 27.01 -3.10 -34.00
N SER A 139 28.08 -2.32 -34.04
CA SER A 139 29.23 -2.63 -34.88
C SER A 139 29.91 -3.93 -34.46
N GLU A 140 30.31 -4.72 -35.45
CA GLU A 140 30.98 -5.99 -35.18
C GLU A 140 32.43 -5.76 -34.77
N ASP A 141 32.95 -4.57 -35.08
CA ASP A 141 34.28 -4.18 -34.63
C ASP A 141 34.24 -3.86 -33.14
N TYR A 142 34.91 -4.69 -32.34
CA TYR A 142 34.86 -4.58 -30.89
C TYR A 142 35.37 -3.24 -30.38
N ASN A 143 36.46 -2.75 -30.96
CA ASN A 143 37.05 -1.48 -30.55
C ASN A 143 36.10 -0.31 -30.75
N THR A 144 35.39 -0.31 -31.88
CA THR A 144 34.41 0.72 -32.16
C THR A 144 33.25 0.62 -31.17
N CYS A 145 32.92 -0.61 -30.78
CA CYS A 145 31.86 -0.86 -29.82
C CYS A 145 32.25 -0.36 -28.42
N GLU A 146 33.46 -0.73 -27.99
CA GLU A 146 33.96 -0.32 -26.68
C GLU A 146 34.20 1.19 -26.62
N GLY A 147 34.79 1.73 -27.68
CA GLY A 147 35.09 3.15 -27.75
C GLY A 147 33.85 4.02 -27.67
N ALA A 148 32.77 3.55 -28.27
CA ALA A 148 31.50 4.26 -28.22
C ALA A 148 30.82 4.06 -26.88
N PHE A 149 30.92 2.85 -26.35
CA PHE A 149 30.29 2.51 -25.07
C PHE A 149 31.04 3.18 -23.91
N GLY A 150 32.36 3.23 -24.02
CA GLY A 150 33.18 3.87 -23.00
C GLY A 150 32.93 5.36 -22.95
N ALA A 151 32.57 5.93 -24.10
CA ALA A 151 32.26 7.35 -24.18
C ALA A 151 30.85 7.63 -23.67
N LEU A 152 29.91 6.78 -24.06
CA LEU A 152 28.52 6.93 -23.64
C LEU A 152 28.36 6.86 -22.14
N GLN A 153 29.23 6.09 -21.48
CA GLN A 153 29.18 5.99 -20.03
C GLN A 153 29.56 7.31 -19.38
N LYS A 154 30.65 7.90 -19.84
CA LYS A 154 31.11 9.17 -19.30
C LYS A 154 30.12 10.28 -19.60
N ILE A 155 29.42 10.17 -20.73
CA ILE A 155 28.38 11.12 -21.08
C ILE A 155 27.22 11.04 -20.09
N CYS A 156 26.79 9.82 -19.79
CA CYS A 156 25.69 9.59 -18.85
C CYS A 156 26.08 10.03 -17.43
N GLU A 157 27.36 9.97 -17.12
CA GLU A 157 27.85 10.39 -15.81
C GLU A 157 27.95 11.91 -15.72
N ASP A 158 28.53 12.52 -16.76
CA ASP A 158 28.66 13.98 -16.81
C ASP A 158 27.30 14.63 -17.04
N SER A 159 26.49 14.02 -17.91
CA SER A 159 25.15 14.50 -18.16
C SER A 159 24.11 13.56 -17.56
N ALA A 160 24.13 13.44 -16.24
CA ALA A 160 23.15 12.62 -15.52
C ALA A 160 21.76 13.21 -15.73
N GLU A 161 21.71 14.53 -15.86
CA GLU A 161 20.49 15.21 -16.26
C GLU A 161 20.31 15.03 -17.76
N ILE A 162 19.69 16.02 -18.40
CA ILE A 162 19.35 15.93 -19.82
C ILE A 162 18.58 14.63 -20.11
N LEU A 163 17.81 14.19 -19.12
CA LEU A 163 16.83 13.11 -19.32
C LEU A 163 15.72 13.68 -20.18
N ASP A 164 15.52 14.99 -20.02
CA ASP A 164 14.68 15.81 -20.88
C ASP A 164 13.18 15.55 -20.70
N SER A 165 12.72 14.42 -21.20
CA SER A 165 11.29 14.08 -21.21
C SER A 165 10.49 15.05 -22.08
N ASP A 166 11.23 15.85 -22.86
CA ASP A 166 10.75 16.76 -23.94
C ASP A 166 11.73 17.91 -24.17
N VAL A 167 12.97 17.59 -24.54
CA VAL A 167 13.96 18.61 -24.90
C VAL A 167 14.72 18.21 -26.16
N LEU A 168 15.31 17.02 -26.12
CA LEU A 168 16.00 16.46 -27.29
C LEU A 168 15.07 15.54 -28.06
N ASP A 169 14.80 14.38 -27.46
CA ASP A 169 13.92 13.37 -28.07
C ASP A 169 13.62 12.28 -27.05
N ARG A 170 13.99 12.54 -25.79
CA ARG A 170 14.07 11.50 -24.77
C ARG A 170 14.87 10.33 -25.31
N PRO A 171 16.17 10.53 -25.57
CA PRO A 171 16.98 9.50 -26.24
C PRO A 171 17.07 8.21 -25.44
N LEU A 172 16.72 8.28 -24.16
CA LEU A 172 16.75 7.13 -23.28
C LEU A 172 15.57 6.20 -23.53
N ASN A 173 14.73 6.56 -24.50
CA ASN A 173 13.64 5.68 -24.92
C ASN A 173 14.18 4.60 -25.87
N ILE A 174 15.32 4.88 -26.48
CA ILE A 174 15.97 3.93 -27.37
C ILE A 174 17.27 3.41 -26.74
N MET A 175 17.98 4.29 -26.05
CA MET A 175 19.26 3.95 -25.44
C MET A 175 19.12 2.93 -24.32
N ILE A 176 18.24 3.22 -23.35
CA ILE A 176 18.06 2.34 -22.20
C ILE A 176 17.61 0.92 -22.58
N PRO A 177 16.62 0.77 -23.48
CA PRO A 177 16.29 -0.60 -23.86
C PRO A 177 17.45 -1.30 -24.60
N LYS A 178 18.24 -0.51 -25.33
CA LYS A 178 19.40 -1.05 -26.02
C LYS A 178 20.50 -1.41 -25.03
N PHE A 179 20.63 -0.60 -23.98
CA PHE A 179 21.62 -0.84 -22.94
C PHE A 179 21.37 -2.16 -22.22
N LEU A 180 20.11 -2.46 -21.95
CA LEU A 180 19.74 -3.68 -21.24
C LEU A 180 20.07 -4.94 -22.04
N GLN A 181 20.17 -4.80 -23.36
CA GLN A 181 20.48 -5.91 -24.23
C GLN A 181 21.96 -6.29 -24.14
N PHE A 182 22.79 -5.30 -23.79
CA PHE A 182 24.23 -5.52 -23.69
C PHE A 182 24.64 -6.05 -22.31
N PHE A 183 23.64 -6.40 -21.50
CA PHE A 183 23.90 -7.00 -20.19
C PHE A 183 24.38 -8.44 -20.34
N LYS A 184 24.17 -9.01 -21.52
CA LYS A 184 24.56 -10.39 -21.79
C LYS A 184 25.67 -10.50 -22.82
N HIS A 185 26.33 -9.37 -23.11
CA HIS A 185 27.41 -9.36 -24.08
C HIS A 185 28.59 -10.20 -23.59
N SER A 186 29.42 -10.65 -24.52
CA SER A 186 30.56 -11.50 -24.19
C SER A 186 31.56 -10.80 -23.29
N SER A 187 32.09 -9.67 -23.77
CA SER A 187 33.11 -8.93 -23.04
C SER A 187 32.59 -8.37 -21.71
N PRO A 188 33.34 -8.62 -20.62
CA PRO A 188 33.02 -8.07 -19.30
C PRO A 188 33.16 -6.56 -19.28
N LYS A 189 34.00 -6.03 -20.17
CA LYS A 189 34.24 -4.60 -20.25
C LYS A 189 33.04 -3.89 -20.88
N ILE A 190 32.32 -4.61 -21.73
CA ILE A 190 31.11 -4.08 -22.35
C ILE A 190 29.93 -4.16 -21.39
N ARG A 191 29.84 -5.28 -20.67
CA ARG A 191 28.78 -5.49 -19.69
C ARG A 191 28.86 -4.45 -18.57
N SER A 192 30.07 -4.15 -18.12
CA SER A 192 30.28 -3.18 -17.05
C SER A 192 29.84 -1.79 -17.50
N HIS A 193 30.08 -1.48 -18.77
CA HIS A 193 29.66 -0.20 -19.34
C HIS A 193 28.15 -0.09 -19.37
N ALA A 194 27.48 -1.16 -19.79
CA ALA A 194 26.03 -1.17 -19.94
C ALA A 194 25.30 -0.97 -18.62
N VAL A 195 25.82 -1.59 -17.56
CA VAL A 195 25.21 -1.47 -16.25
C VAL A 195 25.48 -0.08 -15.65
N ALA A 196 26.64 0.47 -15.95
CA ALA A 196 27.03 1.78 -15.45
C ALA A 196 26.14 2.89 -16.00
N CYS A 197 25.76 2.77 -17.27
CA CYS A 197 24.92 3.77 -17.93
C CYS A 197 23.52 3.82 -17.33
N VAL A 198 22.93 2.65 -17.15
CA VAL A 198 21.57 2.55 -16.63
C VAL A 198 21.48 3.05 -15.19
N ASN A 199 22.54 2.81 -14.41
CA ASN A 199 22.58 3.23 -13.02
C ASN A 199 22.47 4.74 -12.83
N GLN A 200 22.81 5.49 -13.87
CA GLN A 200 22.75 6.95 -13.82
C GLN A 200 21.31 7.46 -13.85
N PHE A 201 20.38 6.59 -14.24
CA PHE A 201 18.99 6.99 -14.41
C PHE A 201 18.05 6.19 -13.52
N ILE A 202 18.56 5.71 -12.39
CA ILE A 202 17.75 4.94 -11.46
C ILE A 202 17.09 5.84 -10.42
N ILE A 203 17.88 6.67 -9.76
CA ILE A 203 17.39 7.59 -8.74
C ILE A 203 16.51 8.68 -9.37
N SER A 204 16.85 9.04 -10.61
CA SER A 204 16.16 10.13 -11.30
C SER A 204 14.73 9.77 -11.72
N ARG A 205 14.29 8.57 -11.35
CA ARG A 205 12.93 8.11 -11.62
C ARG A 205 12.61 8.15 -13.12
N THR A 206 13.58 7.75 -13.94
CA THR A 206 13.41 7.78 -15.39
C THR A 206 12.27 6.88 -15.87
N GLN A 207 11.27 7.49 -16.48
CA GLN A 207 10.07 6.78 -16.93
C GLN A 207 10.42 5.72 -17.98
N ALA A 208 11.46 5.99 -18.77
CA ALA A 208 11.90 5.06 -19.80
C ALA A 208 12.50 3.79 -19.20
N LEU A 209 13.01 3.91 -17.98
CA LEU A 209 13.64 2.79 -17.29
C LEU A 209 12.66 2.11 -16.35
N MET A 210 11.73 2.88 -15.80
CA MET A 210 10.78 2.37 -14.83
C MET A 210 9.78 1.40 -15.46
N LEU A 211 9.53 1.55 -16.76
CA LEU A 211 8.65 0.63 -17.47
C LEU A 211 9.46 -0.51 -18.06
N HIS A 212 10.74 -0.57 -17.68
CA HIS A 212 11.60 -1.70 -18.02
C HIS A 212 12.26 -2.23 -16.74
N ILE A 213 11.65 -1.89 -15.61
CA ILE A 213 12.22 -2.22 -14.31
C ILE A 213 12.23 -3.72 -14.04
N ASP A 214 11.37 -4.45 -14.74
CA ASP A 214 11.32 -5.90 -14.58
C ASP A 214 12.46 -6.57 -15.35
N SER A 215 12.73 -6.08 -16.55
CA SER A 215 13.80 -6.61 -17.38
C SER A 215 15.18 -6.25 -16.80
N PHE A 216 15.23 -5.12 -16.11
CA PHE A 216 16.49 -4.63 -15.53
C PHE A 216 16.90 -5.45 -14.30
N ILE A 217 15.96 -5.67 -13.40
CA ILE A 217 16.22 -6.43 -12.18
C ILE A 217 16.54 -7.89 -12.49
N GLU A 218 15.83 -8.46 -13.46
CA GLU A 218 16.08 -9.82 -13.89
C GLU A 218 17.49 -9.96 -14.47
N ASN A 219 17.92 -8.94 -15.22
CA ASN A 219 19.27 -8.93 -15.79
C ASN A 219 20.34 -8.70 -14.73
N LEU A 220 19.95 -8.04 -13.63
CA LEU A 220 20.89 -7.79 -12.54
C LEU A 220 21.17 -9.07 -11.76
N PHE A 221 20.15 -9.90 -11.60
CA PHE A 221 20.29 -11.14 -10.85
C PHE A 221 21.24 -12.11 -11.56
N ALA A 222 21.28 -12.02 -12.89
CA ALA A 222 22.17 -12.87 -13.69
C ALA A 222 23.62 -12.43 -13.54
N LEU A 223 23.84 -11.11 -13.57
CA LEU A 223 25.19 -10.56 -13.50
C LEU A 223 25.70 -10.50 -12.06
N ALA A 224 24.88 -10.95 -11.12
CA ALA A 224 25.23 -10.90 -9.69
C ALA A 224 26.45 -11.76 -9.38
N GLY A 225 26.60 -12.86 -10.08
CA GLY A 225 27.69 -13.78 -9.82
C GLY A 225 28.78 -13.73 -10.87
N ASP A 226 28.95 -12.57 -11.48
CA ASP A 226 29.96 -12.40 -12.52
C ASP A 226 31.36 -12.42 -11.92
N GLU A 227 32.33 -12.88 -12.71
CA GLU A 227 33.71 -12.95 -12.25
C GLU A 227 34.33 -11.57 -12.09
N GLU A 228 34.24 -10.75 -13.14
CA GLU A 228 34.81 -9.41 -13.14
C GLU A 228 34.23 -8.56 -12.01
N PRO A 229 35.10 -8.07 -11.12
CA PRO A 229 34.68 -7.28 -9.96
C PRO A 229 34.01 -5.96 -10.36
N GLU A 230 34.34 -5.45 -11.54
CA GLU A 230 33.75 -4.21 -12.02
C GLU A 230 32.28 -4.39 -12.39
N VAL A 231 31.87 -5.64 -12.61
CA VAL A 231 30.47 -5.93 -12.89
C VAL A 231 29.69 -6.02 -11.59
N ARG A 232 30.20 -6.79 -10.63
CA ARG A 232 29.58 -6.92 -9.32
C ARG A 232 29.50 -5.57 -8.61
N LYS A 233 30.51 -4.74 -8.85
CA LYS A 233 30.56 -3.39 -8.30
C LYS A 233 29.35 -2.57 -8.73
N ASN A 234 29.04 -2.64 -10.02
CA ASN A 234 27.92 -1.89 -10.58
C ASN A 234 26.57 -2.53 -10.24
N VAL A 235 26.55 -3.87 -10.20
CA VAL A 235 25.33 -4.59 -9.84
C VAL A 235 24.93 -4.29 -8.40
N CYS A 236 25.92 -4.23 -7.51
CA CYS A 236 25.67 -3.90 -6.11
C CYS A 236 25.13 -2.48 -5.97
N ARG A 237 25.74 -1.55 -6.70
CA ARG A 237 25.32 -0.15 -6.65
C ARG A 237 23.89 0.01 -7.17
N ALA A 238 23.55 -0.78 -8.19
CA ALA A 238 22.23 -0.73 -8.78
C ALA A 238 21.15 -1.19 -7.80
N LEU A 239 21.42 -2.27 -7.09
CA LEU A 239 20.48 -2.82 -6.12
C LEU A 239 20.27 -1.87 -4.94
N VAL A 240 21.33 -1.16 -4.57
CA VAL A 240 21.24 -0.18 -3.49
C VAL A 240 20.32 0.98 -3.88
N MET A 241 20.47 1.43 -5.13
CA MET A 241 19.65 2.53 -5.64
C MET A 241 18.20 2.11 -5.83
N LEU A 242 18.00 0.86 -6.24
CA LEU A 242 16.66 0.32 -6.43
C LEU A 242 15.95 0.07 -5.11
N LEU A 243 16.70 0.10 -4.03
CA LEU A 243 16.16 -0.13 -2.69
C LEU A 243 15.34 1.06 -2.22
N GLU A 244 15.57 2.22 -2.86
CA GLU A 244 14.84 3.43 -2.51
C GLU A 244 13.70 3.73 -3.47
N VAL A 245 14.05 3.83 -4.75
CA VAL A 245 13.09 4.27 -5.77
C VAL A 245 12.01 3.23 -6.06
N ARG A 246 12.40 1.95 -6.11
CA ARG A 246 11.45 0.88 -6.43
C ARG A 246 11.58 -0.27 -5.45
N MET A 247 11.32 0.01 -4.17
CA MET A 247 11.38 -1.00 -3.11
C MET A 247 10.40 -2.14 -3.37
N ASP A 248 9.26 -1.82 -3.96
CA ASP A 248 8.18 -2.78 -4.18
C ASP A 248 8.58 -3.98 -5.05
N ARG A 249 9.56 -3.77 -5.91
CA ARG A 249 10.00 -4.82 -6.83
C ARG A 249 11.19 -5.61 -6.28
N LEU A 250 11.40 -5.56 -4.98
CA LEU A 250 12.53 -6.26 -4.36
C LEU A 250 12.09 -7.10 -3.17
N LEU A 251 10.88 -6.84 -2.66
CA LEU A 251 10.33 -7.60 -1.53
C LEU A 251 10.23 -9.12 -1.78
N PRO A 252 9.81 -9.56 -2.98
CA PRO A 252 9.79 -11.01 -3.19
C PRO A 252 11.17 -11.65 -3.07
N HIS A 253 12.19 -11.04 -3.66
CA HIS A 253 13.53 -11.58 -3.63
C HIS A 253 14.37 -10.93 -2.53
N MET A 254 13.71 -10.52 -1.45
CA MET A 254 14.35 -9.72 -0.41
C MET A 254 15.47 -10.46 0.32
N HIS A 255 15.13 -11.59 0.93
CA HIS A 255 16.10 -12.34 1.74
C HIS A 255 17.21 -12.93 0.90
N ASN A 256 16.94 -13.20 -0.37
CA ASN A 256 17.97 -13.68 -1.29
C ASN A 256 19.00 -12.60 -1.58
N ILE A 257 18.55 -11.35 -1.58
CA ILE A 257 19.43 -10.21 -1.81
C ILE A 257 20.28 -9.92 -0.57
N VAL A 258 19.63 -9.94 0.60
CA VAL A 258 20.32 -9.68 1.86
C VAL A 258 21.49 -10.62 2.06
N GLU A 259 21.29 -11.90 1.75
CA GLU A 259 22.36 -12.89 1.83
C GLU A 259 23.45 -12.58 0.82
N TYR A 260 23.04 -12.20 -0.39
CA TYR A 260 23.97 -11.85 -1.45
C TYR A 260 24.81 -10.65 -1.05
N MET A 261 24.16 -9.63 -0.49
CA MET A 261 24.86 -8.43 -0.04
C MET A 261 25.78 -8.72 1.14
N LEU A 262 25.39 -9.68 1.96
CA LEU A 262 26.14 -10.03 3.15
C LEU A 262 27.46 -10.72 2.79
N GLN A 263 27.49 -11.36 1.64
CA GLN A 263 28.71 -11.99 1.14
C GLN A 263 29.56 -10.99 0.36
N ARG A 264 28.89 -10.07 -0.32
CA ARG A 264 29.59 -9.06 -1.12
C ARG A 264 30.18 -7.98 -0.23
N THR A 265 29.78 -7.97 1.04
CA THR A 265 30.38 -7.06 2.02
C THR A 265 31.76 -7.59 2.41
N GLN A 266 31.91 -8.90 2.33
CA GLN A 266 33.19 -9.55 2.62
C GLN A 266 33.87 -9.98 1.32
N ASP A 267 33.65 -9.21 0.26
CA ASP A 267 34.14 -9.55 -1.06
C ASP A 267 35.66 -9.44 -1.17
N GLN A 268 36.22 -10.09 -2.19
CA GLN A 268 37.65 -10.03 -2.48
C GLN A 268 38.08 -8.59 -2.73
N ASP A 269 37.51 -7.98 -3.76
CA ASP A 269 37.77 -6.58 -4.08
C ASP A 269 37.12 -5.67 -3.05
N GLU A 270 37.93 -4.87 -2.37
CA GLU A 270 37.43 -3.97 -1.33
C GLU A 270 36.51 -2.91 -1.93
N ASN A 271 36.75 -2.55 -3.20
CA ASN A 271 35.93 -1.59 -3.89
C ASN A 271 34.49 -2.08 -4.00
N VAL A 272 34.33 -3.38 -4.27
CA VAL A 272 33.02 -4.01 -4.32
C VAL A 272 32.39 -4.06 -2.94
N ALA A 273 33.23 -4.32 -1.93
CA ALA A 273 32.78 -4.45 -0.56
C ALA A 273 32.17 -3.15 -0.03
N LEU A 274 32.69 -2.03 -0.48
CA LEU A 274 32.20 -0.72 -0.04
C LEU A 274 30.79 -0.46 -0.57
N GLU A 275 30.59 -0.71 -1.86
CA GLU A 275 29.29 -0.49 -2.49
C GLU A 275 28.24 -1.42 -1.91
N ALA A 276 28.65 -2.62 -1.54
CA ALA A 276 27.73 -3.60 -0.95
C ALA A 276 27.43 -3.22 0.50
N CYS A 277 28.32 -2.45 1.11
CA CYS A 277 28.14 -2.03 2.50
C CYS A 277 27.16 -0.86 2.60
N GLU A 278 27.03 -0.11 1.51
CA GLU A 278 26.11 1.02 1.47
C GLU A 278 24.66 0.53 1.42
N PHE A 279 24.49 -0.76 1.14
CA PHE A 279 23.17 -1.37 1.11
C PHE A 279 22.54 -1.36 2.50
N TRP A 280 23.36 -1.54 3.52
CA TRP A 280 22.88 -1.60 4.89
C TRP A 280 22.48 -0.23 5.41
N LEU A 281 23.21 0.81 4.97
CA LEU A 281 22.86 2.18 5.31
C LEU A 281 21.52 2.56 4.70
N THR A 282 21.32 2.17 3.44
CA THR A 282 20.10 2.47 2.72
C THR A 282 18.91 1.71 3.30
N LEU A 283 19.13 0.43 3.61
CA LEU A 283 18.08 -0.43 4.14
C LEU A 283 17.63 0.00 5.53
N ALA A 284 18.55 0.55 6.31
CA ALA A 284 18.27 0.94 7.69
C ALA A 284 17.44 2.21 7.77
N GLU A 285 17.09 2.77 6.61
CA GLU A 285 16.25 3.96 6.56
C GLU A 285 14.89 3.64 5.95
N GLN A 286 14.60 2.36 5.81
CA GLN A 286 13.33 1.89 5.28
C GLN A 286 12.46 1.32 6.39
N PRO A 287 11.13 1.50 6.29
CA PRO A 287 10.19 1.04 7.32
C PRO A 287 10.24 -0.47 7.56
N ILE A 288 10.59 -1.24 6.54
CA ILE A 288 10.59 -2.70 6.64
C ILE A 288 11.92 -3.26 7.14
N CYS A 289 12.81 -2.37 7.55
CA CYS A 289 14.14 -2.77 8.01
C CYS A 289 14.10 -3.66 9.25
N LYS A 290 13.32 -3.23 10.24
CA LYS A 290 13.27 -3.91 11.54
C LYS A 290 12.53 -5.24 11.44
N ASP A 291 12.01 -5.55 10.26
CA ASP A 291 11.26 -6.78 10.06
C ASP A 291 12.09 -7.81 9.30
N VAL A 292 13.01 -7.34 8.46
CA VAL A 292 13.80 -8.22 7.61
C VAL A 292 15.14 -8.61 8.24
N LEU A 293 15.83 -7.64 8.80
CA LEU A 293 17.20 -7.84 9.27
C LEU A 293 17.32 -8.64 10.57
N VAL A 294 16.22 -8.79 11.29
CA VAL A 294 16.23 -9.53 12.56
C VAL A 294 16.76 -10.95 12.37
N ARG A 295 16.31 -11.58 11.29
CA ARG A 295 16.79 -12.91 10.93
C ARG A 295 18.30 -12.90 10.65
N HIS A 296 18.75 -11.85 9.98
CA HIS A 296 20.14 -11.78 9.54
C HIS A 296 21.02 -10.96 10.48
N LEU A 297 20.46 -10.51 11.59
CA LEU A 297 21.21 -9.70 12.56
C LEU A 297 22.44 -10.40 13.16
N PRO A 298 22.29 -11.65 13.65
CA PRO A 298 23.48 -12.26 14.26
C PRO A 298 24.59 -12.55 13.26
N LYS A 299 24.25 -12.51 11.97
CA LYS A 299 25.21 -12.82 10.92
C LYS A 299 25.76 -11.54 10.27
N LEU A 300 25.03 -10.45 10.42
CA LEU A 300 25.43 -9.17 9.85
C LEU A 300 26.29 -8.35 10.79
N ILE A 301 25.89 -8.31 12.06
CA ILE A 301 26.58 -7.52 13.08
C ILE A 301 28.10 -7.77 13.16
N PRO A 302 28.54 -9.04 13.21
CA PRO A 302 30.00 -9.22 13.25
C PRO A 302 30.69 -8.80 11.96
N VAL A 303 30.00 -8.91 10.83
CA VAL A 303 30.56 -8.52 9.54
C VAL A 303 30.78 -7.01 9.49
N LEU A 304 29.84 -6.25 10.02
CA LEU A 304 29.97 -4.80 10.08
C LEU A 304 31.12 -4.38 10.98
N VAL A 305 31.15 -4.94 12.19
CA VAL A 305 32.19 -4.61 13.18
C VAL A 305 33.58 -4.94 12.66
N ASN A 306 33.71 -6.10 12.03
CA ASN A 306 35.00 -6.54 11.50
C ASN A 306 35.50 -5.62 10.39
N GLY A 307 34.57 -4.98 9.69
CA GLY A 307 34.92 -4.07 8.62
C GLY A 307 35.35 -2.71 9.14
N MET A 308 35.12 -2.49 10.43
CA MET A 308 35.46 -1.22 11.07
C MET A 308 36.92 -1.20 11.53
N LYS A 309 37.61 -2.32 11.35
CA LYS A 309 39.03 -2.41 11.66
C LYS A 309 39.85 -1.60 10.66
N TYR A 310 40.98 -1.08 11.11
CA TYR A 310 41.90 -0.39 10.21
C TYR A 310 42.57 -1.40 9.28
N SER A 311 42.53 -1.12 7.97
CA SER A 311 43.26 -1.94 7.02
C SER A 311 44.75 -1.66 7.15
N ASP A 312 45.57 -2.57 6.65
CA ASP A 312 47.01 -2.41 6.72
C ASP A 312 47.48 -1.17 5.95
N ILE A 313 46.72 -0.79 4.93
CA ILE A 313 47.04 0.37 4.12
C ILE A 313 46.79 1.67 4.90
N ASP A 314 45.70 1.69 5.67
CA ASP A 314 45.33 2.87 6.43
C ASP A 314 46.34 3.18 7.53
N ILE A 315 46.91 2.13 8.13
CA ILE A 315 47.88 2.30 9.21
C ILE A 315 49.21 2.82 8.67
N ILE A 316 49.36 2.79 7.35
CA ILE A 316 50.55 3.33 6.71
C ILE A 316 50.32 4.77 6.25
N LEU A 317 49.16 5.03 5.65
CA LEU A 317 48.77 6.38 5.28
C LEU A 317 48.64 7.24 6.53
N LEU A 318 47.92 6.72 7.52
CA LEU A 318 47.89 7.34 8.84
C LEU A 318 49.10 6.84 9.63
N LYS A 319 50.15 7.66 9.67
CA LYS A 319 51.43 7.26 10.26
C LYS A 319 51.29 6.75 11.69
N GLY A 320 52.07 5.74 12.03
CA GLY A 320 52.02 5.12 13.34
C GLY A 320 51.96 3.61 13.25
N ASP A 321 53.12 2.97 13.42
CA ASP A 321 53.24 1.51 13.34
C ASP A 321 52.75 0.98 11.98
N ASP A 332 44.54 13.52 8.08
CA ASP A 332 43.62 13.59 6.95
C ASP A 332 44.34 13.21 5.66
N THR A 333 44.83 11.98 5.60
CA THR A 333 45.54 11.50 4.43
C THR A 333 44.82 10.35 3.75
N ILE A 334 43.65 9.99 4.28
CA ILE A 334 42.84 8.94 3.67
C ILE A 334 41.54 9.51 3.09
N SER A 335 40.77 8.66 2.42
CA SER A 335 39.56 9.09 1.73
C SER A 335 38.46 9.52 2.70
N ASP A 336 37.50 10.28 2.19
CA ASP A 336 36.37 10.73 2.98
C ASP A 336 35.42 9.58 3.28
N TRP A 337 35.45 8.55 2.44
CA TRP A 337 34.55 7.43 2.58
C TRP A 337 35.27 6.10 2.40
N ASN A 338 35.32 5.32 3.48
CA ASN A 338 35.96 4.01 3.46
C ASN A 338 34.96 2.90 3.78
N LEU A 339 35.44 1.66 3.78
CA LEU A 339 34.64 0.55 4.26
C LEU A 339 34.45 0.68 5.77
N ARG A 340 35.44 1.32 6.41
CA ARG A 340 35.41 1.55 7.84
C ARG A 340 34.32 2.55 8.23
N LYS A 341 34.32 3.71 7.59
CA LYS A 341 33.34 4.75 7.89
C LYS A 341 31.93 4.34 7.48
N CYS A 342 31.83 3.53 6.43
CA CYS A 342 30.53 3.07 5.95
C CYS A 342 29.94 2.03 6.90
N SER A 343 30.80 1.18 7.46
CA SER A 343 30.37 0.19 8.42
C SER A 343 30.05 0.85 9.76
N ALA A 344 30.81 1.90 10.09
CA ALA A 344 30.57 2.67 11.30
C ALA A 344 29.23 3.36 11.23
N ALA A 345 28.94 3.94 10.06
CA ALA A 345 27.67 4.61 9.83
C ALA A 345 26.51 3.63 9.87
N ALA A 346 26.71 2.46 9.27
CA ALA A 346 25.69 1.42 9.24
C ALA A 346 25.36 0.94 10.64
N LEU A 347 26.39 0.79 11.47
CA LEU A 347 26.21 0.35 12.85
C LEU A 347 25.57 1.46 13.68
N ASP A 348 25.84 2.71 13.29
CA ASP A 348 25.27 3.87 13.98
C ASP A 348 23.76 3.93 13.76
N VAL A 349 23.34 3.82 12.50
CA VAL A 349 21.93 3.91 12.16
C VAL A 349 21.14 2.72 12.68
N LEU A 350 21.71 1.52 12.55
CA LEU A 350 21.06 0.31 13.05
C LEU A 350 20.85 0.36 14.55
N ALA A 351 21.73 1.08 15.25
CA ALA A 351 21.61 1.24 16.69
C ALA A 351 20.39 2.08 17.06
N ASN A 352 20.06 3.04 16.19
CA ASN A 352 18.91 3.91 16.43
C ASN A 352 17.60 3.28 15.97
N VAL A 353 17.70 2.16 15.25
CA VAL A 353 16.52 1.45 14.78
C VAL A 353 16.11 0.35 15.76
N TYR A 354 17.09 -0.39 16.26
CA TYR A 354 16.81 -1.50 17.17
C TYR A 354 16.95 -1.10 18.64
N ARG A 355 17.49 0.10 18.89
CA ARG A 355 17.66 0.63 20.24
C ARG A 355 18.42 -0.33 21.16
N ASP A 356 17.72 -0.89 22.13
CA ASP A 356 18.33 -1.79 23.11
C ASP A 356 18.27 -3.25 22.66
N GLU A 357 17.56 -3.50 21.56
CA GLU A 357 17.43 -4.86 21.04
C GLU A 357 18.68 -5.28 20.27
N LEU A 358 19.58 -4.33 20.06
CA LEU A 358 20.82 -4.59 19.33
C LEU A 358 21.92 -5.06 20.29
N LEU A 359 21.75 -4.75 21.57
CA LEU A 359 22.73 -5.09 22.60
C LEU A 359 23.10 -6.59 22.68
N PRO A 360 22.10 -7.50 22.62
CA PRO A 360 22.50 -8.91 22.67
C PRO A 360 23.40 -9.36 21.52
N HIS A 361 23.44 -8.59 20.44
CA HIS A 361 24.28 -8.92 19.29
C HIS A 361 25.63 -8.19 19.36
N ILE A 362 25.68 -7.10 20.12
CA ILE A 362 26.88 -6.29 20.22
C ILE A 362 27.69 -6.60 21.49
N LEU A 363 27.03 -6.50 22.64
CA LEU A 363 27.68 -6.63 23.95
C LEU A 363 28.59 -7.86 24.13
N PRO A 364 28.19 -9.04 23.61
CA PRO A 364 29.13 -10.17 23.73
C PRO A 364 30.47 -9.94 23.04
N LEU A 365 30.44 -9.63 21.75
CA LEU A 365 31.67 -9.42 20.99
C LEU A 365 32.35 -8.11 21.38
N LEU A 366 31.55 -7.13 21.85
CA LEU A 366 32.10 -5.86 22.28
C LEU A 366 32.94 -6.04 23.55
N LYS A 367 32.51 -6.95 24.42
CA LYS A 367 33.23 -7.24 25.65
C LYS A 367 34.57 -7.88 25.33
N GLU A 368 34.65 -8.57 24.20
CA GLU A 368 35.87 -9.22 23.76
C GLU A 368 36.64 -8.38 22.75
N LEU A 369 36.35 -7.08 22.74
CA LEU A 369 37.00 -6.15 21.83
C LEU A 369 37.67 -5.01 22.58
N LEU A 370 37.01 -4.52 23.62
CA LEU A 370 37.48 -3.37 24.38
C LEU A 370 38.73 -3.70 25.20
N PHE A 371 38.85 -4.94 25.63
CA PHE A 371 39.97 -5.37 26.45
C PHE A 371 40.90 -6.32 25.71
N HIS A 372 40.91 -6.20 24.38
CA HIS A 372 41.76 -7.02 23.54
C HIS A 372 43.20 -6.50 23.59
N HIS A 373 44.16 -7.40 23.36
CA HIS A 373 45.57 -7.04 23.47
C HIS A 373 46.11 -6.36 22.23
N GLU A 374 45.58 -6.73 21.07
CA GLU A 374 45.98 -6.11 19.81
C GLU A 374 45.37 -4.71 19.70
N TRP A 375 46.20 -3.72 19.40
CA TRP A 375 45.75 -2.33 19.41
C TRP A 375 44.78 -2.03 18.28
N VAL A 376 44.97 -2.66 17.13
CA VAL A 376 44.06 -2.49 16.00
C VAL A 376 42.67 -3.03 16.37
N VAL A 377 42.64 -4.25 16.89
CA VAL A 377 41.40 -4.89 17.28
C VAL A 377 40.74 -4.16 18.44
N LYS A 378 41.55 -3.59 19.32
CA LYS A 378 41.05 -2.84 20.46
C LYS A 378 40.50 -1.48 20.03
N GLU A 379 41.18 -0.85 19.07
CA GLU A 379 40.77 0.45 18.58
C GLU A 379 39.40 0.39 17.91
N SER A 380 39.18 -0.66 17.14
CA SER A 380 37.91 -0.84 16.44
C SER A 380 36.79 -1.11 17.44
N GLY A 381 37.14 -1.71 18.57
CA GLY A 381 36.17 -1.99 19.62
C GLY A 381 35.67 -0.72 20.28
N ILE A 382 36.57 0.23 20.46
CA ILE A 382 36.21 1.52 21.06
C ILE A 382 35.29 2.30 20.12
N LEU A 383 35.55 2.18 18.82
CA LEU A 383 34.74 2.85 17.81
C LEU A 383 33.32 2.33 17.81
N VAL A 384 33.17 1.02 18.01
CA VAL A 384 31.86 0.39 18.09
C VAL A 384 31.09 0.93 19.29
N LEU A 385 31.80 1.10 20.40
CA LEU A 385 31.21 1.64 21.61
C LEU A 385 30.70 3.06 21.40
N GLY A 386 31.36 3.80 20.52
CA GLY A 386 30.98 5.17 20.21
C GLY A 386 29.83 5.26 19.21
N ALA A 387 29.84 4.37 18.23
CA ALA A 387 28.83 4.38 17.18
C ALA A 387 27.44 4.04 17.72
N ILE A 388 27.39 3.13 18.69
CA ILE A 388 26.11 2.67 19.24
C ILE A 388 25.69 3.48 20.46
N ALA A 389 26.40 4.58 20.72
CA ALA A 389 26.12 5.40 21.90
C ALA A 389 24.75 6.05 21.85
N GLU A 390 24.44 6.71 20.74
CA GLU A 390 23.19 7.46 20.60
C GLU A 390 21.95 6.56 20.70
N GLY A 391 21.97 5.45 19.98
CA GLY A 391 20.81 4.57 19.91
C GLY A 391 20.65 3.67 21.12
N CYS A 392 21.75 3.04 21.54
CA CYS A 392 21.70 2.08 22.63
C CYS A 392 22.06 2.71 23.98
N MET A 393 21.79 4.02 24.10
CA MET A 393 22.15 4.76 25.30
C MET A 393 21.47 4.21 26.55
N GLN A 394 20.17 3.96 26.46
CA GLN A 394 19.38 3.52 27.61
C GLN A 394 19.75 2.12 28.08
N GLY A 395 20.50 1.40 27.26
CA GLY A 395 20.93 0.05 27.61
C GLY A 395 22.40 -0.02 27.97
N MET A 396 23.14 1.05 27.67
CA MET A 396 24.57 1.08 27.94
C MET A 396 24.88 1.69 29.30
N ILE A 397 23.91 2.41 29.87
CA ILE A 397 24.08 3.06 31.16
C ILE A 397 24.52 2.12 32.30
N PRO A 398 23.93 0.91 32.39
CA PRO A 398 24.42 0.02 33.44
C PRO A 398 25.89 -0.40 33.26
N TYR A 399 26.35 -0.44 32.01
CA TYR A 399 27.71 -0.88 31.71
C TYR A 399 28.71 0.28 31.78
N LEU A 400 28.20 1.49 31.97
CA LEU A 400 29.02 2.70 31.97
C LEU A 400 29.98 2.85 33.17
N PRO A 401 29.52 2.54 34.41
CA PRO A 401 30.45 2.68 35.54
C PRO A 401 31.72 1.83 35.42
N GLU A 402 31.72 0.85 34.51
CA GLU A 402 32.90 0.03 34.27
C GLU A 402 33.69 0.56 33.07
N LEU A 403 32.99 0.92 32.01
CA LEU A 403 33.61 1.31 30.76
C LEU A 403 34.20 2.72 30.80
N ILE A 404 33.48 3.65 31.40
CA ILE A 404 33.93 5.04 31.47
C ILE A 404 35.30 5.20 32.14
N PRO A 405 35.51 4.55 33.30
CA PRO A 405 36.87 4.69 33.86
C PRO A 405 37.93 4.01 33.02
N HIS A 406 37.55 3.01 32.25
CA HIS A 406 38.50 2.29 31.40
C HIS A 406 38.91 3.13 30.19
N LEU A 407 37.95 3.86 29.62
CA LEU A 407 38.21 4.72 28.47
C LEU A 407 39.14 5.86 28.85
N ILE A 408 38.96 6.40 30.06
CA ILE A 408 39.82 7.46 30.55
C ILE A 408 41.26 6.98 30.64
N GLN A 409 41.44 5.69 30.88
CA GLN A 409 42.76 5.07 30.88
C GLN A 409 43.28 4.88 29.45
N CYS A 410 42.36 4.67 28.52
CA CYS A 410 42.72 4.49 27.12
C CYS A 410 43.21 5.81 26.50
N LEU A 411 42.93 6.91 27.19
CA LEU A 411 43.44 8.22 26.77
C LEU A 411 44.94 8.31 26.95
N SER A 412 45.50 7.39 27.76
CA SER A 412 46.92 7.39 28.06
C SER A 412 47.64 6.26 27.34
N ASP A 413 46.98 5.67 26.34
CA ASP A 413 47.55 4.56 25.58
C ASP A 413 48.79 5.00 24.82
N LYS A 414 49.68 4.05 24.54
CA LYS A 414 50.91 4.34 23.83
C LYS A 414 50.66 4.64 22.36
N LYS A 415 49.59 4.05 21.81
CA LYS A 415 49.26 4.22 20.40
C LYS A 415 48.47 5.51 20.16
N ALA A 416 48.79 6.19 19.08
CA ALA A 416 48.17 7.47 18.76
C ALA A 416 46.73 7.30 18.31
N LEU A 417 46.50 6.35 17.39
CA LEU A 417 45.18 6.13 16.82
C LEU A 417 44.17 5.65 17.86
N VAL A 418 44.68 5.04 18.93
CA VAL A 418 43.82 4.58 20.01
C VAL A 418 43.41 5.74 20.91
N ARG A 419 44.34 6.67 21.11
CA ARG A 419 44.07 7.85 21.95
C ARG A 419 43.04 8.78 21.31
N SER A 420 43.14 8.97 19.99
CA SER A 420 42.26 9.89 19.28
C SER A 420 40.81 9.40 19.27
N ILE A 421 40.62 8.13 18.94
CA ILE A 421 39.28 7.55 18.88
C ILE A 421 38.65 7.47 20.27
N THR A 422 39.50 7.47 21.29
CA THR A 422 39.02 7.37 22.67
C THR A 422 38.38 8.68 23.12
N CYS A 423 38.96 9.79 22.69
CA CYS A 423 38.42 11.12 22.98
C CYS A 423 36.99 11.24 22.46
N TRP A 424 36.80 10.78 21.22
CA TRP A 424 35.50 10.89 20.55
C TRP A 424 34.44 10.02 21.20
N THR A 425 34.82 8.80 21.57
CA THR A 425 33.87 7.86 22.19
C THR A 425 33.43 8.36 23.55
N LEU A 426 34.34 8.98 24.29
CA LEU A 426 34.03 9.54 25.60
C LEU A 426 33.10 10.75 25.50
N SER A 427 33.19 11.48 24.39
CA SER A 427 32.37 12.67 24.21
C SER A 427 30.92 12.30 23.93
N ARG A 428 30.69 11.07 23.47
CA ARG A 428 29.34 10.62 23.15
C ARG A 428 28.61 10.11 24.38
N TYR A 429 29.28 10.13 25.52
CA TYR A 429 28.67 9.77 26.79
C TYR A 429 28.84 10.91 27.79
N ALA A 430 29.01 12.12 27.27
CA ALA A 430 29.25 13.29 28.09
C ALA A 430 28.02 13.68 28.91
N HIS A 431 26.85 13.33 28.41
CA HIS A 431 25.60 13.67 29.09
C HIS A 431 25.43 12.86 30.37
N TRP A 432 25.91 11.62 30.36
CA TRP A 432 25.81 10.75 31.52
C TRP A 432 26.88 11.09 32.55
N VAL A 433 28.07 11.42 32.08
CA VAL A 433 29.19 11.76 32.96
C VAL A 433 28.87 12.98 33.83
N VAL A 434 28.27 14.00 33.22
CA VAL A 434 27.96 15.23 33.93
C VAL A 434 26.76 15.06 34.85
N SER A 435 25.95 14.03 34.60
CA SER A 435 24.79 13.74 35.44
C SER A 435 25.25 13.08 36.74
N GLN A 436 26.38 12.38 36.66
CA GLN A 436 26.97 11.73 37.82
C GLN A 436 27.75 12.75 38.65
N PRO A 437 28.08 12.41 39.91
CA PRO A 437 28.93 13.27 40.73
C PRO A 437 30.23 13.67 40.03
N PRO A 438 30.55 14.97 40.04
CA PRO A 438 31.71 15.56 39.36
C PRO A 438 33.03 14.85 39.68
N ASP A 439 33.23 14.44 40.92
CA ASP A 439 34.47 13.80 41.34
C ASP A 439 34.34 12.27 41.32
N THR A 440 34.34 11.70 40.12
CA THR A 440 34.34 10.25 39.89
C THR A 440 34.62 9.99 38.42
N TYR A 441 34.05 10.86 37.58
CA TYR A 441 34.17 10.74 36.14
C TYR A 441 34.60 12.06 35.51
N LEU A 442 33.87 13.12 35.83
CA LEU A 442 34.09 14.43 35.20
C LEU A 442 35.49 14.98 35.46
N LYS A 443 35.90 14.98 36.73
CA LYS A 443 37.19 15.55 37.10
C LYS A 443 38.39 14.78 36.50
N PRO A 444 38.38 13.44 36.57
CA PRO A 444 39.51 12.76 35.92
C PRO A 444 39.44 12.84 34.38
N LEU A 445 38.24 12.77 33.83
CA LEU A 445 38.06 12.84 32.37
C LEU A 445 38.55 14.18 31.84
N MET A 446 38.10 15.27 32.46
CA MET A 446 38.50 16.61 32.06
C MET A 446 40.01 16.80 32.16
N THR A 447 40.60 16.21 33.19
CA THR A 447 42.04 16.31 33.42
C THR A 447 42.82 15.59 32.32
N GLU A 448 42.44 14.35 32.05
CA GLU A 448 43.11 13.54 31.04
C GLU A 448 42.86 14.07 29.63
N LEU A 449 41.68 14.67 29.43
CA LEU A 449 41.33 15.23 28.13
C LEU A 449 42.13 16.49 27.85
N LEU A 450 42.38 17.28 28.89
CA LEU A 450 43.20 18.48 28.78
C LEU A 450 44.64 18.10 28.44
N LYS A 451 45.07 16.93 28.89
CA LYS A 451 46.40 16.44 28.61
C LYS A 451 46.57 16.08 27.14
N ARG A 452 45.51 15.56 26.54
CA ARG A 452 45.54 15.15 25.14
C ARG A 452 45.39 16.33 24.20
N ILE A 453 44.99 17.48 24.74
CA ILE A 453 44.93 18.71 23.96
C ILE A 453 46.34 19.15 23.62
N LEU A 454 47.25 18.99 24.57
CA LEU A 454 48.65 19.35 24.39
C LEU A 454 49.48 18.15 23.94
N ASP A 455 48.83 17.19 23.31
CA ASP A 455 49.50 15.97 22.85
C ASP A 455 50.53 16.28 21.77
N SER A 456 51.52 15.40 21.63
CA SER A 456 52.58 15.58 20.63
C SER A 456 52.05 15.37 19.22
N ASN A 457 51.21 14.35 19.05
CA ASN A 457 50.62 14.05 17.75
C ASN A 457 49.51 15.04 17.40
N LYS A 458 49.59 15.59 16.19
CA LYS A 458 48.65 16.62 15.76
C LYS A 458 47.23 16.08 15.58
N ARG A 459 47.12 14.79 15.28
CA ARG A 459 45.81 14.17 15.06
C ARG A 459 45.05 13.97 16.38
N VAL A 460 45.79 13.65 17.44
CA VAL A 460 45.19 13.45 18.75
C VAL A 460 44.71 14.78 19.34
N GLN A 461 45.39 15.86 18.98
CA GLN A 461 45.06 17.20 19.46
C GLN A 461 43.63 17.60 19.08
N GLU A 462 43.33 17.54 17.78
CA GLU A 462 42.02 17.95 17.29
C GLU A 462 40.91 17.04 17.82
N ALA A 463 41.22 15.77 18.04
CA ALA A 463 40.23 14.82 18.56
C ALA A 463 39.86 15.16 20.00
N ALA A 464 40.85 15.52 20.79
CA ALA A 464 40.64 15.86 22.20
C ALA A 464 40.03 17.24 22.35
N CYS A 465 40.52 18.19 21.54
CA CYS A 465 40.05 19.56 21.61
C CYS A 465 38.59 19.66 21.17
N SER A 466 38.19 18.78 20.26
CA SER A 466 36.80 18.70 19.83
C SER A 466 35.96 17.99 20.89
N ALA A 467 36.52 16.94 21.47
CA ALA A 467 35.82 16.18 22.51
C ALA A 467 35.62 17.03 23.75
N PHE A 468 36.59 17.90 24.03
CA PHE A 468 36.52 18.77 25.19
C PHE A 468 35.46 19.85 24.97
N ALA A 469 35.36 20.34 23.74
CA ALA A 469 34.36 21.34 23.39
C ALA A 469 32.95 20.76 23.54
N THR A 470 32.82 19.47 23.24
CA THR A 470 31.56 18.77 23.42
C THR A 470 31.25 18.62 24.91
N LEU A 471 32.29 18.33 25.68
CA LEU A 471 32.17 18.14 27.12
C LEU A 471 31.70 19.43 27.80
N GLU A 472 32.17 20.57 27.29
CA GLU A 472 31.85 21.86 27.87
C GLU A 472 30.37 22.23 27.76
N GLU A 473 29.73 21.77 26.69
CA GLU A 473 28.32 22.08 26.47
C GLU A 473 27.42 21.31 27.43
N GLU A 474 27.78 20.08 27.72
CA GLU A 474 26.99 19.23 28.61
C GLU A 474 27.25 19.55 30.09
N ALA A 475 28.42 20.11 30.38
CA ALA A 475 28.81 20.39 31.75
C ALA A 475 28.41 21.80 32.19
N CYS A 476 28.70 22.78 31.34
CA CYS A 476 28.40 24.19 31.61
C CYS A 476 29.06 24.69 32.90
N THR A 477 28.23 25.08 33.86
CA THR A 477 28.72 25.69 35.10
C THR A 477 29.44 24.71 36.01
N GLU A 478 29.46 23.43 35.62
CA GLU A 478 30.18 22.42 36.39
C GLU A 478 31.69 22.52 36.18
N LEU A 479 32.10 23.39 35.25
CA LEU A 479 33.51 23.57 34.93
C LEU A 479 34.08 24.84 35.55
N VAL A 480 33.22 25.62 36.18
CA VAL A 480 33.62 26.87 36.84
C VAL A 480 34.72 26.68 37.90
N PRO A 481 34.63 25.62 38.74
CA PRO A 481 35.74 25.43 39.69
C PRO A 481 37.10 25.20 39.01
N TYR A 482 37.09 24.49 37.88
CA TYR A 482 38.32 24.17 37.19
C TYR A 482 38.62 25.15 36.06
N LEU A 483 37.96 26.30 36.10
CA LEU A 483 38.06 27.29 35.04
C LEU A 483 39.49 27.84 34.90
N ALA A 484 40.25 27.78 35.99
CA ALA A 484 41.65 28.22 35.97
C ALA A 484 42.55 27.14 35.39
N TYR A 485 42.19 25.88 35.64
CA TYR A 485 42.94 24.74 35.13
C TYR A 485 42.69 24.58 33.63
N ILE A 486 41.44 24.80 33.22
CA ILE A 486 41.05 24.68 31.82
C ILE A 486 41.73 25.73 30.95
N LEU A 487 41.69 26.99 31.40
CA LEU A 487 42.25 28.11 30.64
C LEU A 487 43.76 28.00 30.44
N ASP A 488 44.45 27.52 31.47
CA ASP A 488 45.90 27.42 31.41
C ASP A 488 46.35 26.50 30.28
N THR A 489 45.61 25.42 30.07
CA THR A 489 45.90 24.48 28.99
C THR A 489 45.55 25.07 27.63
N LEU A 490 44.36 25.67 27.54
CA LEU A 490 43.88 26.23 26.28
C LEU A 490 44.73 27.40 25.79
N VAL A 491 45.10 28.29 26.72
CA VAL A 491 45.92 29.44 26.37
C VAL A 491 47.32 29.01 25.93
N PHE A 492 47.87 28.01 26.61
CA PHE A 492 49.18 27.49 26.26
C PHE A 492 49.15 26.81 24.89
N ALA A 493 47.98 26.29 24.53
CA ALA A 493 47.80 25.60 23.26
C ALA A 493 47.79 26.59 22.09
N PHE A 494 47.79 27.88 22.40
CA PHE A 494 47.79 28.92 21.37
C PHE A 494 49.20 29.16 20.83
N SER A 495 50.16 28.39 21.31
CA SER A 495 51.56 28.60 20.95
C SER A 495 52.14 27.44 20.15
N LYS A 496 51.49 26.28 20.22
CA LYS A 496 51.98 25.09 19.54
C LYS A 496 50.93 24.48 18.63
N TYR A 497 49.99 25.29 18.16
CA TYR A 497 48.92 24.81 17.30
C TYR A 497 49.04 25.33 15.87
N GLN A 498 48.79 24.45 14.91
CA GLN A 498 48.82 24.83 13.50
C GLN A 498 47.51 25.51 13.11
N HIS A 499 47.41 25.95 11.87
CA HIS A 499 46.23 26.66 11.40
C HIS A 499 45.02 25.74 11.26
N LYS A 500 45.29 24.43 11.17
CA LYS A 500 44.21 23.45 11.02
C LYS A 500 43.53 23.17 12.34
N ASN A 501 44.32 23.08 13.41
CA ASN A 501 43.79 22.79 14.74
C ASN A 501 43.42 24.05 15.51
N LEU A 502 43.85 25.20 15.01
CA LEU A 502 43.54 26.47 15.64
C LEU A 502 42.04 26.75 15.56
N LEU A 503 41.40 26.18 14.54
CA LEU A 503 39.95 26.30 14.38
C LEU A 503 39.21 25.57 15.50
N ILE A 504 39.69 24.36 15.81
CA ILE A 504 39.09 23.57 16.88
C ILE A 504 39.28 24.27 18.22
N LEU A 505 40.45 24.89 18.40
CA LEU A 505 40.76 25.61 19.62
C LEU A 505 39.84 26.81 19.79
N TYR A 506 39.59 27.51 18.69
CA TYR A 506 38.67 28.64 18.68
C TYR A 506 37.27 28.22 19.13
N ASP A 507 36.88 27.01 18.73
CA ASP A 507 35.59 26.47 19.10
C ASP A 507 35.55 26.14 20.60
N ALA A 508 36.60 25.48 21.08
CA ALA A 508 36.68 25.08 22.48
C ALA A 508 36.69 26.28 23.42
N ILE A 509 37.40 27.33 23.03
CA ILE A 509 37.45 28.55 23.83
C ILE A 509 36.10 29.27 23.82
N GLY A 510 35.54 29.46 22.63
CA GLY A 510 34.26 30.10 22.48
C GLY A 510 33.13 29.35 23.16
N THR A 511 33.21 28.02 23.11
CA THR A 511 32.21 27.17 23.75
C THR A 511 32.30 27.31 25.27
N LEU A 512 33.53 27.45 25.78
CA LEU A 512 33.76 27.62 27.20
C LEU A 512 33.07 28.86 27.73
N ALA A 513 33.22 29.97 27.02
CA ALA A 513 32.60 31.24 27.41
C ALA A 513 31.09 31.13 27.41
N ASP A 514 30.54 30.41 26.44
CA ASP A 514 29.10 30.22 26.34
C ASP A 514 28.58 29.33 27.47
N SER A 515 29.45 28.47 27.98
CA SER A 515 29.06 27.49 28.99
C SER A 515 29.14 28.06 30.41
N VAL A 516 30.29 28.65 30.75
CA VAL A 516 30.51 29.18 32.08
C VAL A 516 29.87 30.55 32.26
N GLY A 517 29.55 31.20 31.14
CA GLY A 517 28.91 32.49 31.17
C GLY A 517 29.75 33.59 31.80
N HIS A 518 29.13 34.34 32.71
CA HIS A 518 29.78 35.48 33.33
C HIS A 518 30.82 35.08 34.38
N HIS A 519 30.91 33.77 34.65
CA HIS A 519 31.89 33.26 35.60
C HIS A 519 33.31 33.44 35.09
N LEU A 520 33.42 33.70 33.79
CA LEU A 520 34.72 33.92 33.16
C LEU A 520 35.22 35.34 33.43
N ASN A 521 34.34 36.18 33.98
CA ASN A 521 34.69 37.57 34.24
C ASN A 521 35.50 37.74 35.52
N LYS A 522 36.70 37.17 35.52
CA LYS A 522 37.64 37.36 36.62
C LYS A 522 38.94 37.95 36.07
N PRO A 523 39.56 38.88 36.81
CA PRO A 523 40.78 39.58 36.41
C PRO A 523 41.91 38.65 35.97
N GLU A 524 42.09 37.52 36.64
CA GLU A 524 43.17 36.60 36.31
C GLU A 524 42.88 35.81 35.03
N TYR A 525 41.59 35.64 34.72
CA TYR A 525 41.19 34.91 33.53
C TYR A 525 41.39 35.76 32.28
N ILE A 526 40.91 37.01 32.36
CA ILE A 526 41.06 37.97 31.27
C ILE A 526 42.54 38.26 31.01
N GLN A 527 43.35 38.15 32.05
CA GLN A 527 44.77 38.45 31.97
C GLN A 527 45.52 37.46 31.09
N MET A 528 44.99 36.25 30.96
CA MET A 528 45.67 35.20 30.21
C MET A 528 44.94 34.81 28.93
N LEU A 529 43.65 35.09 28.87
CA LEU A 529 42.83 34.67 27.73
C LEU A 529 42.84 35.67 26.58
N MET A 530 42.90 36.95 26.92
CA MET A 530 42.81 38.01 25.90
C MET A 530 44.10 38.28 25.10
N PRO A 531 45.28 38.34 25.78
CA PRO A 531 46.48 38.63 24.99
C PRO A 531 46.76 37.70 23.79
N PRO A 532 46.49 36.39 23.88
CA PRO A 532 46.70 35.61 22.65
C PRO A 532 45.70 35.96 21.56
N LEU A 533 44.49 36.35 21.95
CA LEU A 533 43.45 36.70 20.99
C LEU A 533 43.74 38.05 20.33
N ILE A 534 44.30 38.98 21.11
CA ILE A 534 44.69 40.28 20.58
C ILE A 534 45.89 40.11 19.64
N GLN A 535 46.71 39.10 19.93
CA GLN A 535 47.85 38.77 19.09
C GLN A 535 47.42 38.47 17.65
N LYS A 536 46.47 37.54 17.51
CA LYS A 536 45.95 37.18 16.20
C LYS A 536 45.16 38.34 15.59
N TRP A 537 44.55 39.15 16.45
CA TRP A 537 43.77 40.31 16.03
C TRP A 537 44.63 41.31 15.26
N ASN A 538 45.82 41.56 15.77
CA ASN A 538 46.71 42.57 15.20
C ASN A 538 47.50 42.06 14.00
N MET A 539 47.63 40.73 13.89
CA MET A 539 48.44 40.14 12.84
C MET A 539 47.63 39.84 11.57
N LEU A 540 46.32 40.00 11.64
CA LEU A 540 45.46 39.73 10.49
C LEU A 540 44.95 41.01 9.85
N LYS A 541 44.79 40.99 8.54
CA LYS A 541 44.28 42.14 7.80
C LYS A 541 42.80 41.91 7.45
N ASP A 542 42.11 42.99 7.08
CA ASP A 542 40.67 42.98 6.88
C ASP A 542 40.22 42.14 5.67
N GLU A 543 41.15 41.55 4.95
CA GLU A 543 40.81 40.71 3.79
C GLU A 543 41.08 39.24 4.06
N ASP A 544 41.83 38.96 5.14
CA ASP A 544 42.15 37.59 5.50
C ASP A 544 40.91 36.87 6.03
N LYS A 545 40.60 35.71 5.45
CA LYS A 545 39.43 34.94 5.84
C LYS A 545 39.64 34.20 7.17
N ASP A 546 40.80 34.39 7.78
CA ASP A 546 41.09 33.79 9.07
C ASP A 546 40.50 34.62 10.21
N LEU A 547 39.84 35.72 9.85
CA LEU A 547 39.15 36.55 10.83
C LEU A 547 37.85 35.90 11.27
N PHE A 548 37.28 35.07 10.40
CA PHE A 548 35.99 34.45 10.65
C PHE A 548 35.96 33.60 11.93
N PRO A 549 36.96 32.70 12.12
CA PRO A 549 36.89 31.93 13.37
C PRO A 549 37.26 32.75 14.59
N LEU A 550 38.11 33.76 14.41
CA LEU A 550 38.59 34.58 15.51
C LEU A 550 37.48 35.43 16.11
N LEU A 551 36.75 36.14 15.27
CA LEU A 551 35.71 37.05 15.74
C LEU A 551 34.48 36.30 16.25
N GLU A 552 34.26 35.09 15.72
CA GLU A 552 33.20 34.24 16.23
C GLU A 552 33.53 33.81 17.65
N CYS A 553 34.82 33.61 17.91
CA CYS A 553 35.29 33.25 19.24
C CYS A 553 35.18 34.45 20.17
N LEU A 554 35.62 35.61 19.68
CA LEU A 554 35.55 36.86 20.45
C LEU A 554 34.11 37.25 20.75
N SER A 555 33.19 36.85 19.88
CA SER A 555 31.78 37.15 20.07
C SER A 555 31.26 36.46 21.32
N SER A 556 31.73 35.24 21.55
CA SER A 556 31.33 34.48 22.74
C SER A 556 32.05 34.99 23.98
N VAL A 557 33.29 35.41 23.81
CA VAL A 557 34.10 35.91 24.91
C VAL A 557 33.61 37.28 25.39
N ALA A 558 33.29 38.16 24.44
CA ALA A 558 32.83 39.50 24.77
C ALA A 558 31.49 39.46 25.50
N THR A 559 30.64 38.52 25.11
CA THR A 559 29.34 38.34 25.76
C THR A 559 29.52 37.82 27.19
N ALA A 560 30.51 36.95 27.37
CA ALA A 560 30.75 36.33 28.67
C ALA A 560 31.47 37.29 29.62
N LEU A 561 32.53 37.93 29.14
CA LEU A 561 33.31 38.84 29.97
C LEU A 561 32.51 40.07 30.39
N GLN A 562 31.51 40.42 29.58
CA GLN A 562 30.63 41.55 29.85
C GLN A 562 31.39 42.85 30.08
N SER A 563 31.29 43.39 31.30
CA SER A 563 31.93 44.65 31.64
C SER A 563 33.45 44.54 31.70
N GLY A 564 33.94 43.31 31.83
CA GLY A 564 35.38 43.07 31.86
C GLY A 564 36.02 43.28 30.50
N PHE A 565 35.17 43.41 29.48
CA PHE A 565 35.64 43.60 28.11
C PHE A 565 35.76 45.08 27.77
N LEU A 566 35.49 45.94 28.76
CA LEU A 566 35.55 47.39 28.58
C LEU A 566 36.91 47.92 28.08
N PRO A 567 38.04 47.43 28.60
CA PRO A 567 39.28 48.01 28.11
C PRO A 567 39.67 47.55 26.69
N TYR A 568 38.84 46.72 26.06
CA TYR A 568 39.14 46.23 24.72
C TYR A 568 38.06 46.59 23.71
N CYS A 569 37.00 47.26 24.17
CA CYS A 569 35.82 47.47 23.35
C CYS A 569 36.05 48.40 22.16
N GLU A 570 36.67 49.54 22.38
CA GLU A 570 36.83 50.56 21.34
C GLU A 570 37.62 50.10 20.09
N PRO A 571 38.78 49.44 20.27
CA PRO A 571 39.45 49.00 19.04
C PRO A 571 38.71 47.87 18.33
N VAL A 572 37.91 47.11 19.07
CA VAL A 572 37.11 46.04 18.50
C VAL A 572 35.89 46.61 17.78
N TYR A 573 35.23 47.56 18.44
CA TYR A 573 34.03 48.19 17.87
C TYR A 573 34.34 48.92 16.57
N GLN A 574 35.41 49.71 16.57
CA GLN A 574 35.80 50.49 15.41
C GLN A 574 36.07 49.62 14.18
N ARG A 575 36.81 48.53 14.39
CA ARG A 575 37.21 47.66 13.28
C ARG A 575 36.00 46.93 12.70
N CYS A 576 35.04 46.57 13.54
CA CYS A 576 33.83 45.90 13.09
C CYS A 576 32.99 46.81 12.20
N VAL A 577 32.88 48.07 12.59
CA VAL A 577 32.14 49.05 11.80
C VAL A 577 32.81 49.23 10.44
N ASN A 578 34.14 49.33 10.44
CA ASN A 578 34.91 49.45 9.22
C ASN A 578 34.72 48.25 8.30
N LEU A 579 34.65 47.06 8.89
CA LEU A 579 34.43 45.85 8.11
C LEU A 579 33.07 45.88 7.41
N VAL A 580 32.04 46.27 8.15
CA VAL A 580 30.70 46.35 7.60
C VAL A 580 30.60 47.47 6.57
N GLN A 581 31.18 48.61 6.89
CA GLN A 581 31.14 49.78 6.01
C GLN A 581 31.84 49.49 4.68
N LYS A 582 33.00 48.84 4.74
CA LYS A 582 33.75 48.53 3.52
C LYS A 582 33.06 47.46 2.69
N THR A 583 32.52 46.45 3.38
CA THR A 583 31.82 45.36 2.70
C THR A 583 30.60 45.89 1.94
N LEU A 584 29.90 46.83 2.56
CA LEU A 584 28.74 47.46 1.93
C LEU A 584 29.17 48.36 0.78
N ALA A 585 30.29 49.07 0.97
CA ALA A 585 30.81 49.97 -0.06
C ALA A 585 31.23 49.19 -1.30
N GLN A 586 31.92 48.07 -1.09
CA GLN A 586 32.35 47.23 -2.20
C GLN A 586 31.16 46.56 -2.87
N ALA A 587 30.09 46.33 -2.11
CA ALA A 587 28.88 45.76 -2.65
C ALA A 587 28.20 46.75 -3.59
N MET A 588 28.26 48.03 -3.25
CA MET A 588 27.69 49.09 -4.08
C MET A 588 28.47 49.21 -5.39
N LEU A 589 29.80 49.12 -5.28
CA LEU A 589 30.66 49.22 -6.45
C LEU A 589 30.42 48.06 -7.41
N ASN A 590 30.29 46.85 -6.87
CA ASN A 590 30.01 45.67 -7.67
C ASN A 590 28.64 45.73 -8.32
N ASN A 591 27.69 46.38 -7.64
CA ASN A 591 26.34 46.52 -8.15
C ASN A 591 26.29 47.49 -9.32
N ALA A 592 27.19 48.47 -9.33
CA ALA A 592 27.26 49.44 -10.40
C ALA A 592 28.04 48.89 -11.60
N GLN A 593 29.30 48.53 -11.36
CA GLN A 593 30.14 47.98 -12.40
C GLN A 593 30.71 46.61 -11.99
N PRO A 594 29.96 45.53 -12.28
CA PRO A 594 30.38 44.17 -11.98
C PRO A 594 31.63 43.75 -12.75
N ASP A 595 31.86 44.38 -13.90
CA ASP A 595 32.99 44.03 -14.75
C ASP A 595 34.30 44.64 -14.27
N GLN A 596 34.20 45.67 -13.43
CA GLN A 596 35.38 46.37 -12.94
C GLN A 596 35.59 46.13 -11.44
N TYR A 597 34.50 46.00 -10.70
CA TYR A 597 34.58 45.76 -9.25
C TYR A 597 34.00 44.40 -8.90
N GLU A 598 34.75 43.63 -8.12
CA GLU A 598 34.32 42.28 -7.74
C GLU A 598 33.39 42.32 -6.54
N ALA A 599 32.55 41.29 -6.42
CA ALA A 599 31.62 41.18 -5.31
C ALA A 599 32.35 40.78 -4.03
N PRO A 600 31.96 41.38 -2.89
CA PRO A 600 32.64 41.14 -1.61
C PRO A 600 32.10 39.93 -0.88
N ASP A 601 32.92 39.36 0.00
CA ASP A 601 32.49 38.25 0.84
C ASP A 601 31.66 38.80 2.00
N LYS A 602 30.35 38.55 1.96
CA LYS A 602 29.45 39.05 2.98
C LYS A 602 29.69 38.38 4.33
N ASP A 603 30.46 37.31 4.33
CA ASP A 603 30.80 36.62 5.57
C ASP A 603 31.64 37.53 6.47
N PHE A 604 32.36 38.46 5.87
CA PHE A 604 33.08 39.47 6.63
C PHE A 604 32.10 40.38 7.36
N MET A 605 30.99 40.68 6.68
CA MET A 605 29.96 41.55 7.25
C MET A 605 29.12 40.83 8.29
N ILE A 606 28.76 39.59 8.00
CA ILE A 606 27.98 38.77 8.93
C ILE A 606 28.72 38.57 10.24
N VAL A 607 29.99 38.20 10.14
CA VAL A 607 30.83 37.94 11.30
C VAL A 607 31.05 39.22 12.12
N ALA A 608 31.29 40.33 11.44
CA ALA A 608 31.52 41.61 12.12
C ALA A 608 30.28 42.10 12.84
N LEU A 609 29.11 41.83 12.27
CA LEU A 609 27.85 42.22 12.90
C LEU A 609 27.57 41.38 14.14
N ASP A 610 27.98 40.11 14.11
CA ASP A 610 27.78 39.22 15.24
C ASP A 610 28.65 39.62 16.43
N LEU A 611 29.84 40.12 16.14
CA LEU A 611 30.74 40.58 17.19
C LEU A 611 30.21 41.88 17.80
N LEU A 612 29.54 42.68 16.99
CA LEU A 612 28.90 43.90 17.46
C LEU A 612 27.74 43.56 18.40
N SER A 613 27.05 42.47 18.10
CA SER A 613 25.97 41.99 18.96
C SER A 613 26.55 41.50 20.29
N GLY A 614 27.75 40.93 20.24
CA GLY A 614 28.42 40.45 21.43
C GLY A 614 28.77 41.58 22.38
N LEU A 615 29.18 42.71 21.81
CA LEU A 615 29.50 43.89 22.60
C LEU A 615 28.24 44.51 23.20
N ALA A 616 27.21 44.65 22.37
CA ALA A 616 25.95 45.23 22.81
C ALA A 616 25.30 44.40 23.90
N GLU A 617 25.42 43.07 23.79
CA GLU A 617 24.85 42.17 24.78
C GLU A 617 25.74 42.07 26.01
N GLY A 618 27.02 42.29 25.83
CA GLY A 618 27.98 42.19 26.91
C GLY A 618 28.15 43.48 27.71
N LEU A 619 28.39 44.58 27.01
CA LEU A 619 28.61 45.87 27.65
C LEU A 619 27.30 46.52 28.09
N GLY A 620 26.27 46.37 27.27
CA GLY A 620 24.99 46.98 27.56
C GLY A 620 25.02 48.48 27.33
N GLY A 621 24.73 49.24 28.38
CA GLY A 621 24.70 50.69 28.28
C GLY A 621 26.05 51.33 28.07
N ASN A 622 27.12 50.56 28.29
CA ASN A 622 28.48 51.09 28.15
C ASN A 622 28.89 51.27 26.69
N ILE A 623 28.08 50.77 25.78
CA ILE A 623 28.37 50.88 24.35
C ILE A 623 27.70 52.11 23.76
N GLU A 624 26.94 52.83 24.59
CA GLU A 624 26.19 54.00 24.15
C GLU A 624 27.05 55.06 23.48
N GLN A 625 28.21 55.36 24.07
CA GLN A 625 29.11 56.35 23.52
C GLN A 625 29.67 55.92 22.16
N LEU A 626 29.74 54.61 21.96
CA LEU A 626 30.29 54.06 20.72
C LEU A 626 29.23 53.98 19.61
N VAL A 627 27.99 53.69 19.99
CA VAL A 627 26.90 53.63 19.02
C VAL A 627 26.69 55.00 18.40
N ALA A 628 26.64 56.02 19.24
CA ALA A 628 26.71 57.40 18.76
C ALA A 628 28.13 57.67 18.30
N ARG A 629 28.32 58.78 17.59
CA ARG A 629 29.62 59.10 17.00
C ARG A 629 30.05 58.02 16.01
N SER A 630 29.08 57.33 15.44
CA SER A 630 29.33 56.27 14.46
C SER A 630 28.10 56.09 13.57
N ASN A 631 28.30 55.51 12.40
CA ASN A 631 27.22 55.33 11.43
C ASN A 631 26.65 53.93 11.42
N ILE A 632 26.74 53.24 12.56
CA ILE A 632 26.29 51.86 12.66
C ILE A 632 24.78 51.73 12.40
N LEU A 633 24.03 52.79 12.73
CA LEU A 633 22.60 52.79 12.54
C LEU A 633 22.25 52.83 11.05
N THR A 634 22.98 53.64 10.29
CA THR A 634 22.77 53.74 8.86
C THR A 634 23.22 52.46 8.16
N LEU A 635 24.33 51.89 8.63
CA LEU A 635 24.87 50.65 8.08
C LEU A 635 23.91 49.49 8.31
N MET A 636 23.31 49.44 9.49
CA MET A 636 22.32 48.42 9.80
C MET A 636 21.12 48.52 8.88
N TYR A 637 20.70 49.75 8.61
CA TYR A 637 19.57 50.01 7.71
C TYR A 637 19.83 49.48 6.31
N GLN A 638 21.10 49.45 5.92
CA GLN A 638 21.49 48.91 4.62
C GLN A 638 21.62 47.39 4.68
N CYS A 639 21.97 46.88 5.85
CA CYS A 639 22.17 45.44 6.04
C CYS A 639 20.84 44.69 6.13
N MET A 640 19.79 45.37 6.58
CA MET A 640 18.48 44.76 6.72
C MET A 640 17.83 44.55 5.36
N GLN A 641 18.24 45.36 4.37
CA GLN A 641 17.68 45.27 3.03
C GLN A 641 18.45 44.27 2.17
N ASP A 642 19.54 43.75 2.72
CA ASP A 642 20.44 42.88 1.96
C ASP A 642 19.75 41.60 1.48
N LYS A 643 20.19 41.10 0.34
CA LYS A 643 19.61 39.91 -0.27
C LYS A 643 19.86 38.67 0.58
N MET A 644 21.06 38.59 1.15
CA MET A 644 21.45 37.43 1.94
C MET A 644 20.73 37.43 3.29
N PRO A 645 20.00 36.34 3.57
CA PRO A 645 19.20 36.20 4.80
C PRO A 645 20.04 36.24 6.07
N GLU A 646 21.23 35.63 6.04
CA GLU A 646 22.11 35.61 7.22
C GLU A 646 22.53 37.03 7.61
N VAL A 647 22.71 37.89 6.61
CA VAL A 647 23.05 39.28 6.85
C VAL A 647 21.89 39.98 7.58
N ARG A 648 20.68 39.73 7.09
CA ARG A 648 19.48 40.27 7.71
C ARG A 648 19.29 39.68 9.11
N GLN A 649 19.63 38.41 9.25
CA GLN A 649 19.54 37.72 10.54
C GLN A 649 20.44 38.37 11.59
N SER A 650 21.66 38.68 11.19
CA SER A 650 22.65 39.22 12.11
C SER A 650 22.39 40.69 12.44
N SER A 651 21.81 41.42 11.49
CA SER A 651 21.54 42.84 11.68
C SER A 651 20.32 43.06 12.59
N PHE A 652 19.33 42.17 12.46
CA PHE A 652 18.14 42.23 13.32
C PHE A 652 18.51 41.91 14.76
N ALA A 653 19.46 40.99 14.93
CA ALA A 653 19.94 40.63 16.26
C ALA A 653 20.65 41.81 16.90
N LEU A 654 21.40 42.56 16.08
CA LEU A 654 22.11 43.74 16.56
C LEU A 654 21.12 44.84 16.92
N LEU A 655 20.01 44.90 16.18
CA LEU A 655 18.97 45.89 16.44
C LEU A 655 18.34 45.70 17.81
N GLY A 656 18.01 44.46 18.14
CA GLY A 656 17.40 44.15 19.43
C GLY A 656 18.34 44.38 20.59
N ASP A 657 19.60 44.00 20.42
CA ASP A 657 20.59 44.17 21.48
C ASP A 657 20.89 45.65 21.73
N LEU A 658 20.76 46.46 20.70
CA LEU A 658 20.97 47.90 20.82
C LEU A 658 19.70 48.60 21.30
N THR A 659 18.57 47.93 21.14
CA THR A 659 17.30 48.46 21.64
C THR A 659 17.32 48.48 23.16
N LYS A 660 17.83 47.40 23.75
CA LYS A 660 17.91 47.29 25.20
C LYS A 660 19.04 48.16 25.77
N ALA A 661 20.14 48.24 25.03
CA ALA A 661 21.33 48.96 25.49
C ALA A 661 21.14 50.47 25.46
N CYS A 662 20.82 50.99 24.27
CA CYS A 662 20.69 52.44 24.09
C CYS A 662 19.61 52.77 23.07
N PHE A 663 18.37 52.89 23.55
CA PHE A 663 17.23 53.14 22.68
C PHE A 663 17.15 54.60 22.25
N GLN A 664 17.85 55.48 22.97
CA GLN A 664 17.80 56.91 22.67
C GLN A 664 18.44 57.22 21.32
N HIS A 665 19.27 56.30 20.83
CA HIS A 665 19.92 56.47 19.54
C HIS A 665 19.17 55.70 18.45
N VAL A 666 18.45 54.67 18.86
CA VAL A 666 17.72 53.82 17.91
C VAL A 666 16.34 54.41 17.60
N LYS A 667 15.82 55.20 18.54
CA LYS A 667 14.49 55.78 18.40
C LYS A 667 14.27 56.65 17.13
N PRO A 668 15.24 57.50 16.76
CA PRO A 668 14.99 58.30 15.55
C PRO A 668 14.92 57.49 14.25
N CYS A 669 15.23 56.21 14.30
CA CYS A 669 15.24 55.38 13.09
C CYS A 669 14.15 54.31 13.11
N ILE A 670 13.25 54.37 14.08
CA ILE A 670 12.18 53.39 14.20
C ILE A 670 11.22 53.45 13.01
N ALA A 671 11.00 54.65 12.49
CA ALA A 671 10.05 54.88 11.41
C ALA A 671 10.42 54.11 10.14
N ASP A 672 11.72 53.95 9.89
CA ASP A 672 12.17 53.21 8.71
C ASP A 672 12.60 51.79 9.05
N PHE A 673 12.70 51.49 10.34
CA PHE A 673 13.09 50.16 10.79
C PHE A 673 11.90 49.20 10.80
N MET A 674 10.79 49.65 11.36
CA MET A 674 9.59 48.82 11.51
C MET A 674 9.04 48.23 10.20
N PRO A 675 8.96 49.03 9.11
CA PRO A 675 8.46 48.42 7.87
C PRO A 675 9.34 47.27 7.37
N ILE A 676 10.65 47.37 7.58
CA ILE A 676 11.55 46.29 7.20
C ILE A 676 11.35 45.10 8.12
N LEU A 677 11.15 45.38 9.40
CA LEU A 677 10.86 44.34 10.39
C LEU A 677 9.56 43.62 10.07
N GLY A 678 8.57 44.38 9.63
CA GLY A 678 7.27 43.81 9.28
C GLY A 678 7.34 42.96 8.02
N THR A 679 8.27 43.29 7.15
CA THR A 679 8.47 42.56 5.91
C THR A 679 9.11 41.21 6.18
N ASN A 680 10.09 41.19 7.07
CA ASN A 680 10.84 39.98 7.38
C ASN A 680 10.19 39.13 8.46
N LEU A 681 8.87 39.23 8.57
CA LEU A 681 8.11 38.36 9.46
C LEU A 681 7.64 37.12 8.70
N ASN A 682 8.32 36.85 7.58
CA ASN A 682 8.01 35.69 6.76
C ASN A 682 8.75 34.44 7.27
N PRO A 683 8.00 33.40 7.62
CA PRO A 683 8.55 32.19 8.25
C PRO A 683 9.34 31.29 7.31
N GLU A 684 9.54 31.72 6.07
CA GLU A 684 10.35 30.97 5.12
C GLU A 684 11.79 30.93 5.60
N PHE A 685 12.27 32.06 6.09
CA PHE A 685 13.57 32.13 6.74
C PHE A 685 13.36 32.22 8.25
N ILE A 686 13.52 31.09 8.94
CA ILE A 686 13.20 30.98 10.35
C ILE A 686 14.00 31.95 11.23
N SER A 687 15.33 31.90 11.11
CA SER A 687 16.21 32.72 11.94
C SER A 687 16.00 34.21 11.72
N VAL A 688 15.65 34.59 10.49
CA VAL A 688 15.38 35.98 10.17
C VAL A 688 14.06 36.41 10.80
N CYS A 689 13.06 35.55 10.69
CA CYS A 689 11.74 35.82 11.26
C CYS A 689 11.79 35.88 12.78
N ASN A 690 12.65 35.04 13.38
CA ASN A 690 12.79 34.99 14.82
C ASN A 690 13.43 36.27 15.38
N ASN A 691 14.57 36.65 14.82
CA ASN A 691 15.27 37.84 15.28
C ASN A 691 14.47 39.12 15.02
N ALA A 692 13.70 39.11 13.94
CA ALA A 692 12.84 40.26 13.64
C ALA A 692 11.73 40.38 14.67
N THR A 693 11.09 39.24 14.97
CA THR A 693 10.01 39.19 15.95
C THR A 693 10.50 39.60 17.33
N TRP A 694 11.68 39.10 17.71
CA TRP A 694 12.27 39.43 19.00
C TRP A 694 12.64 40.90 19.09
N ALA A 695 13.09 41.46 17.97
CA ALA A 695 13.46 42.88 17.92
C ALA A 695 12.24 43.75 18.15
N ILE A 696 11.14 43.42 17.49
CA ILE A 696 9.88 44.14 17.64
C ILE A 696 9.44 44.17 19.10
N GLY A 697 9.54 43.03 19.77
CA GLY A 697 9.16 42.91 21.17
C GLY A 697 9.97 43.82 22.08
N GLU A 698 11.27 43.86 21.86
CA GLU A 698 12.17 44.69 22.66
C GLU A 698 11.93 46.17 22.40
N ILE A 699 11.53 46.49 21.17
CA ILE A 699 11.23 47.86 20.79
C ILE A 699 9.93 48.33 21.46
N SER A 700 8.95 47.43 21.51
CA SER A 700 7.65 47.73 22.09
C SER A 700 7.78 48.19 23.55
N ILE A 701 8.67 47.55 24.30
CA ILE A 701 8.90 47.90 25.68
C ILE A 701 9.40 49.34 25.80
N GLN A 702 10.30 49.73 24.90
CA GLN A 702 10.91 51.05 24.95
C GLN A 702 9.98 52.14 24.44
N MET A 703 9.17 51.81 23.43
CA MET A 703 8.26 52.78 22.83
C MET A 703 7.12 53.16 23.76
N GLY A 704 6.37 52.16 24.22
CA GLY A 704 5.21 52.40 25.04
C GLY A 704 3.96 52.56 24.19
N ILE A 705 3.19 53.61 24.47
CA ILE A 705 1.96 53.85 23.71
C ILE A 705 2.30 54.45 22.34
N GLU A 706 3.55 54.83 22.16
CA GLU A 706 4.02 55.40 20.90
C GLU A 706 4.19 54.31 19.83
N MET A 707 3.98 53.07 20.24
CA MET A 707 4.08 51.92 19.34
C MET A 707 2.80 51.76 18.52
N GLN A 708 1.79 52.56 18.87
CA GLN A 708 0.45 52.45 18.28
C GLN A 708 0.39 52.50 16.74
N PRO A 709 1.10 53.45 16.09
CA PRO A 709 0.95 53.49 14.63
C PRO A 709 1.61 52.33 13.90
N TYR A 710 2.57 51.66 14.56
CA TYR A 710 3.38 50.64 13.90
C TYR A 710 2.80 49.24 14.03
N ILE A 711 1.80 49.10 14.90
CA ILE A 711 1.19 47.79 15.16
C ILE A 711 0.49 47.12 13.96
N PRO A 712 -0.37 47.85 13.21
CA PRO A 712 -1.17 47.15 12.20
C PRO A 712 -0.36 46.43 11.10
N MET A 713 0.86 46.89 10.84
CA MET A 713 1.68 46.28 9.81
C MET A 713 2.55 45.14 10.36
N VAL A 714 2.37 44.83 11.64
CA VAL A 714 3.17 43.82 12.30
C VAL A 714 2.30 42.71 12.90
N LEU A 715 1.19 43.11 13.50
CA LEU A 715 0.33 42.21 14.25
C LEU A 715 -0.22 41.06 13.40
N HIS A 716 -0.70 41.38 12.21
CA HIS A 716 -1.34 40.38 11.35
C HIS A 716 -0.41 39.23 10.99
N GLN A 717 0.86 39.52 10.78
CA GLN A 717 1.84 38.48 10.50
C GLN A 717 2.05 37.61 11.73
N LEU A 718 2.22 38.26 12.88
CA LEU A 718 2.49 37.56 14.15
C LEU A 718 1.39 36.56 14.50
N VAL A 719 0.14 36.96 14.31
CA VAL A 719 -0.98 36.08 14.58
C VAL A 719 -0.96 34.87 13.64
N GLU A 720 -0.56 35.12 12.39
CA GLU A 720 -0.46 34.06 11.40
C GLU A 720 0.62 33.05 11.77
N ILE A 721 1.75 33.54 12.29
CA ILE A 721 2.86 32.69 12.67
C ILE A 721 2.49 31.79 13.86
N ILE A 722 1.72 32.35 14.80
CA ILE A 722 1.30 31.62 15.99
C ILE A 722 0.42 30.42 15.63
N ASN A 723 -0.60 30.65 14.83
CA ASN A 723 -1.50 29.58 14.43
C ASN A 723 -0.91 28.67 13.35
N ARG A 724 0.22 29.09 12.80
CA ARG A 724 0.90 28.33 11.74
C ARG A 724 1.40 27.00 12.27
N PRO A 725 1.05 25.89 11.59
CA PRO A 725 1.50 24.56 11.98
C PRO A 725 3.01 24.39 11.84
N ASN A 726 3.54 23.26 12.28
CA ASN A 726 4.98 23.01 12.31
C ASN A 726 5.68 24.11 13.10
N THR A 727 6.75 24.68 12.52
CA THR A 727 7.55 25.74 13.13
C THR A 727 8.19 25.36 14.47
N PRO A 728 9.42 25.82 14.72
CA PRO A 728 10.08 25.51 15.99
C PRO A 728 9.42 26.19 17.18
N LYS A 729 9.65 25.67 18.38
CA LYS A 729 9.09 26.25 19.59
C LYS A 729 9.71 27.61 19.89
N THR A 730 10.98 27.77 19.52
CA THR A 730 11.71 29.01 19.78
C THR A 730 11.08 30.20 19.06
N LEU A 731 10.45 29.94 17.92
CA LEU A 731 9.78 30.99 17.17
C LEU A 731 8.37 31.23 17.70
N LEU A 732 7.71 30.16 18.15
CA LEU A 732 6.39 30.29 18.75
C LEU A 732 6.46 31.06 20.07
N GLU A 733 7.44 30.72 20.90
CA GLU A 733 7.63 31.40 22.17
C GLU A 733 7.95 32.88 21.95
N ASN A 734 8.83 33.15 21.00
CA ASN A 734 9.24 34.52 20.71
C ASN A 734 8.12 35.37 20.14
N THR A 735 7.23 34.73 19.38
CA THR A 735 6.10 35.42 18.78
C THR A 735 5.04 35.74 19.84
N ALA A 736 4.87 34.82 20.79
CA ALA A 736 3.91 35.00 21.86
C ALA A 736 4.32 36.14 22.80
N ILE A 737 5.59 36.17 23.15
CA ILE A 737 6.14 37.21 24.03
C ILE A 737 6.04 38.58 23.37
N THR A 738 6.36 38.63 22.08
CA THR A 738 6.29 39.88 21.32
C THR A 738 4.86 40.41 21.26
N ILE A 739 3.92 39.53 20.98
CA ILE A 739 2.50 39.90 20.97
C ILE A 739 2.06 40.34 22.36
N GLY A 740 2.50 39.60 23.38
CA GLY A 740 2.21 39.96 24.75
C GLY A 740 2.74 41.33 25.11
N ARG A 741 3.96 41.61 24.71
CA ARG A 741 4.58 42.92 24.96
C ARG A 741 3.91 44.01 24.14
N LEU A 742 3.38 43.62 22.97
CA LEU A 742 2.66 44.55 22.11
C LEU A 742 1.27 44.87 22.68
N GLY A 743 0.65 43.88 23.31
CA GLY A 743 -0.66 44.06 23.89
C GLY A 743 -0.60 44.85 25.18
N TYR A 744 0.53 44.77 25.87
CA TYR A 744 0.72 45.47 27.14
C TYR A 744 0.82 46.97 26.95
N VAL A 745 1.45 47.39 25.86
CA VAL A 745 1.71 48.80 25.62
C VAL A 745 0.55 49.48 24.89
N CYS A 746 -0.12 48.76 24.00
CA CYS A 746 -1.25 49.31 23.26
C CYS A 746 -2.35 48.28 23.11
N PRO A 747 -3.19 48.13 24.16
CA PRO A 747 -4.26 47.12 24.19
C PRO A 747 -5.32 47.35 23.13
N GLN A 748 -5.55 48.60 22.77
CA GLN A 748 -6.63 48.97 21.87
C GLN A 748 -6.51 48.30 20.49
N GLU A 749 -5.30 48.23 19.97
CA GLU A 749 -5.09 47.71 18.61
C GLU A 749 -4.70 46.23 18.60
N VAL A 750 -4.74 45.58 19.75
CA VAL A 750 -4.36 44.17 19.83
C VAL A 750 -5.49 43.31 20.39
N ALA A 751 -6.24 43.87 21.34
CA ALA A 751 -7.34 43.16 22.00
C ALA A 751 -8.43 42.60 21.07
N PRO A 752 -8.85 43.34 20.01
CA PRO A 752 -9.92 42.78 19.19
C PRO A 752 -9.58 41.47 18.50
N MET A 753 -8.29 41.16 18.37
CA MET A 753 -7.88 39.91 17.73
C MET A 753 -7.41 38.88 18.75
N LEU A 754 -7.68 39.14 20.02
CA LEU A 754 -7.34 38.23 21.10
C LEU A 754 -8.01 36.87 20.94
N GLN A 755 -9.17 36.88 20.28
CA GLN A 755 -10.00 35.69 20.15
C GLN A 755 -9.36 34.58 19.31
N GLN A 756 -8.37 34.94 18.49
CA GLN A 756 -7.88 34.01 17.47
C GLN A 756 -6.41 33.61 17.60
N PHE A 757 -5.69 34.18 18.57
CA PHE A 757 -4.31 33.74 18.78
C PHE A 757 -4.09 33.16 20.17
N ILE A 758 -5.10 33.27 21.03
CA ILE A 758 -4.95 32.90 22.43
C ILE A 758 -4.80 31.38 22.64
N ARG A 759 -5.37 30.59 21.72
CA ARG A 759 -5.30 29.14 21.85
C ARG A 759 -3.87 28.60 21.72
N PRO A 760 -3.13 29.02 20.68
CA PRO A 760 -1.74 28.52 20.67
C PRO A 760 -0.81 29.38 21.52
N TRP A 761 -1.28 30.55 21.94
CA TRP A 761 -0.50 31.45 22.77
C TRP A 761 -0.28 30.85 24.16
N CYS A 762 -1.35 30.37 24.75
CA CYS A 762 -1.31 29.80 26.10
C CYS A 762 -0.55 28.48 26.12
N THR A 763 -0.76 27.64 25.12
CA THR A 763 -0.11 26.35 25.04
C THR A 763 1.40 26.49 24.81
N SER A 764 1.80 27.63 24.28
CA SER A 764 3.21 27.89 24.00
C SER A 764 3.97 28.38 25.23
N LEU A 765 3.28 29.14 26.08
CA LEU A 765 3.94 29.74 27.24
C LEU A 765 3.66 29.00 28.53
N ARG A 766 2.82 27.97 28.48
CA ARG A 766 2.46 27.23 29.68
C ARG A 766 3.56 26.26 30.09
N ASN A 767 4.50 26.00 29.19
CA ASN A 767 5.59 25.08 29.47
C ASN A 767 6.91 25.79 29.75
N ILE A 768 6.85 27.12 29.83
CA ILE A 768 8.04 27.93 30.12
C ILE A 768 8.10 28.25 31.61
N ARG A 769 9.31 28.19 32.17
CA ARG A 769 9.51 28.53 33.58
C ARG A 769 9.16 29.98 33.85
N ASP A 770 8.87 30.28 35.11
CA ASP A 770 8.46 31.63 35.51
C ASP A 770 9.63 32.60 35.50
N ASN A 771 9.87 33.23 34.36
CA ASN A 771 10.94 34.20 34.23
C ASN A 771 10.44 35.59 33.84
N GLU A 772 11.36 36.48 33.50
CA GLU A 772 11.02 37.84 33.11
C GLU A 772 10.22 37.88 31.81
N GLU A 773 10.65 37.10 30.84
CA GLU A 773 9.98 37.05 29.54
C GLU A 773 8.56 36.53 29.68
N LYS A 774 8.37 35.53 30.54
CA LYS A 774 7.05 34.96 30.78
C LYS A 774 6.18 35.95 31.54
N ASP A 775 6.80 36.78 32.37
CA ASP A 775 6.08 37.77 33.16
C ASP A 775 5.50 38.87 32.28
N SER A 776 6.35 39.51 31.49
CA SER A 776 5.94 40.63 30.65
C SER A 776 4.89 40.22 29.62
N ALA A 777 4.97 38.98 29.16
CA ALA A 777 4.01 38.45 28.19
C ALA A 777 2.64 38.28 28.83
N PHE A 778 2.61 37.65 30.00
CA PHE A 778 1.36 37.45 30.74
C PHE A 778 0.81 38.76 31.26
N ARG A 779 1.70 39.71 31.52
CA ARG A 779 1.29 41.03 31.99
C ARG A 779 0.56 41.77 30.89
N GLY A 780 0.79 41.33 29.64
CA GLY A 780 0.13 41.92 28.49
C GLY A 780 -1.17 41.22 28.14
N ILE A 781 -1.21 39.90 28.32
CA ILE A 781 -2.42 39.14 28.02
C ILE A 781 -3.53 39.47 29.01
N CYS A 782 -3.16 39.99 30.18
CA CYS A 782 -4.13 40.38 31.18
C CYS A 782 -4.66 41.77 30.90
N THR A 783 -3.82 42.60 30.29
CA THR A 783 -4.20 43.98 29.98
C THR A 783 -5.23 44.02 28.86
N MET A 784 -5.04 43.18 27.84
CA MET A 784 -5.97 43.12 26.73
C MET A 784 -7.04 42.06 26.96
N ILE A 785 -7.18 41.64 28.22
CA ILE A 785 -8.33 40.84 28.63
C ILE A 785 -9.28 41.79 29.38
N SER A 786 -8.69 42.72 30.12
CA SER A 786 -9.47 43.80 30.71
C SER A 786 -10.19 44.57 29.61
N VAL A 787 -9.43 45.02 28.62
CA VAL A 787 -10.00 45.60 27.42
C VAL A 787 -10.46 44.47 26.50
N ASN A 788 -11.76 44.45 26.19
CA ASN A 788 -12.37 43.38 25.41
C ASN A 788 -12.14 42.00 26.03
N PRO A 789 -12.92 41.67 27.07
CA PRO A 789 -12.86 40.35 27.70
C PRO A 789 -13.64 39.31 26.90
N SER A 790 -14.25 39.77 25.80
CA SER A 790 -15.08 38.91 24.96
C SER A 790 -14.28 37.83 24.27
N GLY A 791 -12.97 38.07 24.10
CA GLY A 791 -12.12 37.17 23.35
C GLY A 791 -11.58 35.99 24.12
N VAL A 792 -11.65 36.05 25.44
CA VAL A 792 -11.07 35.01 26.28
C VAL A 792 -12.15 34.02 26.75
N ILE A 793 -13.40 34.41 26.61
CA ILE A 793 -14.52 33.62 27.14
C ILE A 793 -14.65 32.26 26.46
N GLN A 794 -14.55 32.24 25.13
CA GLN A 794 -14.78 31.03 24.36
C GLN A 794 -13.77 29.93 24.66
N ASP A 795 -12.48 30.30 24.67
CA ASP A 795 -11.43 29.35 24.96
C ASP A 795 -10.76 29.65 26.30
N PHE A 796 -11.57 29.79 27.34
CA PHE A 796 -11.07 30.13 28.67
C PHE A 796 -10.37 28.95 29.34
N ILE A 797 -10.53 27.77 28.75
CA ILE A 797 -9.91 26.56 29.27
C ILE A 797 -8.38 26.67 29.19
N PHE A 798 -7.90 27.30 28.11
CA PHE A 798 -6.47 27.42 27.88
C PHE A 798 -5.82 28.46 28.77
N PHE A 799 -6.52 29.55 29.04
CA PHE A 799 -5.99 30.61 29.88
C PHE A 799 -5.77 30.12 31.31
N CYS A 800 -6.66 29.24 31.76
CA CYS A 800 -6.55 28.67 33.09
C CYS A 800 -5.31 27.79 33.22
N ASP A 801 -5.06 26.98 32.20
CA ASP A 801 -3.91 26.09 32.19
C ASP A 801 -2.61 26.89 32.09
N ALA A 802 -2.68 28.08 31.48
CA ALA A 802 -1.54 28.95 31.37
C ALA A 802 -1.23 29.62 32.71
N VAL A 803 -2.28 30.02 33.42
CA VAL A 803 -2.13 30.64 34.73
C VAL A 803 -1.72 29.61 35.78
N ALA A 804 -2.30 28.42 35.69
CA ALA A 804 -2.01 27.34 36.64
C ALA A 804 -0.61 26.77 36.44
N SER A 805 0.06 27.22 35.39
CA SER A 805 1.44 26.79 35.14
C SER A 805 2.40 27.62 35.97
N TRP A 806 1.95 28.77 36.43
CA TRP A 806 2.75 29.63 37.29
C TRP A 806 2.91 29.05 38.68
N ILE A 807 4.14 29.10 39.19
CA ILE A 807 4.41 28.63 40.54
C ILE A 807 4.53 29.82 41.49
N ASN A 808 5.40 30.77 41.15
CA ASN A 808 5.59 31.96 41.97
C ASN A 808 5.51 33.26 41.17
N PRO A 809 4.28 33.65 40.78
CA PRO A 809 4.09 34.92 40.06
C PRO A 809 4.18 36.11 41.01
N LYS A 810 4.58 37.26 40.50
CA LYS A 810 4.65 38.46 41.34
C LYS A 810 3.26 38.87 41.79
N ASP A 811 3.21 39.61 42.90
CA ASP A 811 1.95 39.90 43.58
C ASP A 811 0.92 40.60 42.69
N ASP A 812 1.35 41.61 41.94
CA ASP A 812 0.45 42.35 41.07
C ASP A 812 -0.07 41.48 39.93
N LEU A 813 0.77 40.60 39.41
CA LEU A 813 0.37 39.70 38.34
C LEU A 813 -0.61 38.65 38.87
N ARG A 814 -0.41 38.26 40.13
CA ARG A 814 -1.30 37.31 40.79
C ARG A 814 -2.68 37.92 41.01
N ASP A 815 -2.71 39.19 41.36
CA ASP A 815 -3.96 39.92 41.53
C ASP A 815 -4.71 40.00 40.21
N MET A 816 -3.97 40.19 39.13
CA MET A 816 -4.55 40.23 37.79
C MET A 816 -5.17 38.88 37.44
N PHE A 817 -4.45 37.81 37.71
CA PHE A 817 -4.95 36.46 37.48
C PHE A 817 -6.22 36.19 38.29
N CYS A 818 -6.19 36.57 39.56
CA CYS A 818 -7.31 36.33 40.46
C CYS A 818 -8.54 37.14 40.04
N LYS A 819 -8.32 38.38 39.62
CA LYS A 819 -9.40 39.26 39.23
C LYS A 819 -10.07 38.79 37.93
N ILE A 820 -9.30 38.12 37.08
CA ILE A 820 -9.82 37.58 35.83
C ILE A 820 -10.56 36.27 36.05
N LEU A 821 -9.97 35.38 36.86
CA LEU A 821 -10.58 34.10 37.16
C LEU A 821 -11.90 34.25 37.90
N HIS A 822 -11.91 35.09 38.94
CA HIS A 822 -13.12 35.34 39.71
C HIS A 822 -14.16 36.07 38.87
N GLY A 823 -13.69 36.93 37.96
CA GLY A 823 -14.57 37.62 37.05
C GLY A 823 -15.32 36.64 36.15
N PHE A 824 -14.59 35.66 35.63
CA PHE A 824 -15.18 34.63 34.79
C PHE A 824 -16.12 33.74 35.60
N LYS A 825 -15.74 33.47 36.85
CA LYS A 825 -16.52 32.62 37.74
C LYS A 825 -17.86 33.28 38.07
N ASN A 826 -17.87 34.60 38.18
CA ASN A 826 -19.08 35.35 38.48
C ASN A 826 -19.96 35.53 37.24
N GLN A 827 -19.37 35.41 36.07
CA GLN A 827 -20.12 35.54 34.81
C GLN A 827 -20.98 34.32 34.55
N VAL A 828 -20.48 33.15 34.94
CA VAL A 828 -21.17 31.90 34.66
C VAL A 828 -21.90 31.35 35.89
N GLY A 829 -21.46 31.78 37.08
CA GLY A 829 -22.06 31.33 38.31
C GLY A 829 -21.28 30.21 38.98
N ASP A 830 -21.54 29.99 40.26
CA ASP A 830 -20.83 28.97 41.03
C ASP A 830 -21.16 27.56 40.57
N GLU A 831 -22.32 27.39 39.93
CA GLU A 831 -22.76 26.08 39.47
C GLU A 831 -22.17 25.73 38.11
N ASN A 832 -22.05 26.72 37.23
CA ASN A 832 -21.43 26.50 35.93
C ASN A 832 -19.92 26.38 36.06
N TRP A 833 -19.34 27.14 36.98
CA TRP A 833 -17.91 27.08 37.25
C TRP A 833 -17.52 25.72 37.80
N ARG A 834 -18.45 25.11 38.54
CA ARG A 834 -18.23 23.78 39.10
C ARG A 834 -18.04 22.76 37.99
N ARG A 835 -19.00 22.70 37.07
CA ARG A 835 -18.95 21.76 35.95
C ARG A 835 -17.80 22.05 35.02
N PHE A 836 -17.44 23.33 34.90
CA PHE A 836 -16.35 23.75 34.02
C PHE A 836 -14.98 23.39 34.60
N SER A 837 -14.87 23.45 35.92
CA SER A 837 -13.59 23.20 36.58
C SER A 837 -13.33 21.71 36.82
N ASP A 838 -14.32 20.88 36.49
CA ASP A 838 -14.20 19.44 36.73
C ASP A 838 -13.47 18.73 35.60
N GLN A 839 -13.31 19.39 34.46
CA GLN A 839 -12.59 18.80 33.33
C GLN A 839 -11.10 19.05 33.45
N PHE A 840 -10.69 19.69 34.53
CA PHE A 840 -9.28 19.95 34.81
C PHE A 840 -8.62 18.75 35.48
N PRO A 841 -7.33 18.54 35.20
CA PRO A 841 -6.55 17.55 35.97
C PRO A 841 -6.50 17.96 37.44
N LEU A 842 -6.31 16.98 38.32
CA LEU A 842 -6.36 17.23 39.77
C LEU A 842 -5.36 18.29 40.27
N PRO A 843 -4.08 18.21 39.88
CA PRO A 843 -3.16 19.21 40.43
C PRO A 843 -3.44 20.63 39.91
N LEU A 844 -4.04 20.73 38.73
CA LEU A 844 -4.36 22.04 38.16
C LEU A 844 -5.62 22.62 38.79
N LYS A 845 -6.60 21.76 39.03
CA LYS A 845 -7.86 22.18 39.66
C LYS A 845 -7.63 22.64 41.09
N GLU A 846 -6.78 21.92 41.80
CA GLU A 846 -6.50 22.22 43.20
C GLU A 846 -5.66 23.48 43.36
N ARG A 847 -4.79 23.74 42.40
CA ARG A 847 -3.91 24.92 42.46
C ARG A 847 -4.72 26.19 42.26
N LEU A 848 -5.65 26.17 41.30
CA LEU A 848 -6.48 27.33 41.01
C LEU A 848 -7.38 27.69 42.19
N ALA A 849 -7.82 26.68 42.93
CA ALA A 849 -8.72 26.88 44.06
C ALA A 849 -7.97 27.42 45.28
N ALA A 850 -6.73 26.95 45.46
CA ALA A 850 -5.94 27.33 46.62
C ALA A 850 -5.23 28.66 46.42
N PHE A 851 -4.87 28.97 45.18
CA PHE A 851 -4.12 30.18 44.88
C PHE A 851 -5.03 31.39 44.68
N TYR A 852 -6.22 31.15 44.14
CA TYR A 852 -7.12 32.24 43.80
C TYR A 852 -8.54 32.00 44.33
N THR B 1 12.05 31.56 28.10
CA THR B 1 12.94 32.50 27.42
C THR B 1 12.83 32.36 25.90
N GLY B 2 13.26 33.39 25.19
CA GLY B 2 13.26 33.38 23.74
C GLY B 2 14.57 33.89 23.19
N GLY B 3 14.67 35.20 23.02
CA GLY B 3 15.91 35.82 22.57
C GLY B 3 16.15 35.67 21.09
N LYS B 4 17.41 35.87 20.68
CA LYS B 4 17.79 35.79 19.27
C LYS B 4 18.29 34.40 18.90
N ALA B 5 18.21 34.09 17.61
CA ALA B 5 18.67 32.81 17.10
C ALA B 5 20.19 32.72 17.18
N PRO B 6 20.72 31.51 17.46
CA PRO B 6 22.16 31.30 17.57
C PRO B 6 22.91 31.58 16.28
N ARG B 7 24.16 32.02 16.40
CA ARG B 7 24.97 32.39 15.24
C ARG B 7 25.24 31.19 14.34
N LYS B 8 25.64 31.47 13.10
CA LYS B 8 25.96 30.42 12.14
C LYS B 8 27.17 29.60 12.58
N GLN B 9 26.99 28.29 12.65
CA GLN B 9 28.07 27.39 13.02
C GLN B 9 29.13 27.34 11.93
N LEU B 10 30.40 27.25 12.34
CA LEU B 10 31.50 27.18 11.39
C LEU B 10 31.90 25.73 11.10
N ALA B 11 33.10 25.53 10.57
CA ALA B 11 33.56 24.22 10.15
C ALA B 11 33.73 23.24 11.32
N THR B 12 34.17 23.76 12.45
CA THR B 12 34.47 22.91 13.61
C THR B 12 33.22 22.49 14.37
N LYS B 13 32.41 23.47 14.78
CA LYS B 13 31.22 23.22 15.57
C LYS B 13 30.22 22.31 14.84
N ALA B 14 30.18 22.46 13.52
CA ALA B 14 29.26 21.66 12.70
C ALA B 14 29.79 20.23 12.51
N ALA B 15 31.10 20.08 12.58
CA ALA B 15 31.73 18.79 12.36
C ALA B 15 31.49 17.83 13.52
N ARG B 16 31.24 18.38 14.71
CA ARG B 16 31.02 17.56 15.89
C ARG B 16 29.54 17.46 16.26
N LYS B 17 28.76 18.48 15.89
CA LYS B 17 27.33 18.48 16.17
C LYS B 17 26.52 17.95 14.99
N ASP C 26 -14.86 23.37 -20.54
CA ASP C 26 -14.80 22.68 -21.81
C ASP C 26 -14.05 21.36 -21.68
N THR C 27 -14.43 20.37 -22.51
CA THR C 27 -13.83 19.04 -22.43
C THR C 27 -12.75 18.83 -23.49
N THR C 28 -12.04 19.90 -23.83
CA THR C 28 -10.90 19.81 -24.74
C THR C 28 -9.64 20.26 -24.01
N ILE C 29 -9.78 21.31 -23.21
CA ILE C 29 -8.70 21.79 -22.35
C ILE C 29 -8.81 21.12 -20.98
N GLN C 30 -9.44 19.95 -20.95
CA GLN C 30 -9.55 19.16 -19.74
C GLN C 30 -9.12 17.72 -20.04
N ARG C 31 -9.37 17.30 -21.28
CA ARG C 31 -8.94 15.98 -21.75
C ARG C 31 -7.42 15.98 -21.92
N THR C 32 -6.87 17.17 -22.13
CA THR C 32 -5.42 17.33 -22.26
C THR C 32 -4.82 17.83 -20.95
N VAL C 33 -5.44 17.46 -19.83
CA VAL C 33 -4.98 17.86 -18.52
C VAL C 33 -4.47 16.66 -17.71
N GLN C 34 -5.25 15.58 -17.70
CA GLN C 34 -4.84 14.36 -17.02
C GLN C 34 -3.61 13.75 -17.69
N GLN C 35 -3.47 14.00 -18.99
CA GLN C 35 -2.29 13.58 -19.73
C GLN C 35 -1.17 14.60 -19.57
N LYS C 36 -1.43 15.64 -18.80
CA LYS C 36 -0.44 16.66 -18.50
C LYS C 36 -0.22 16.74 -16.98
N LEU C 37 -1.03 15.99 -16.24
CA LEU C 37 -0.88 15.90 -14.80
C LEU C 37 -0.31 14.54 -14.39
N GLU C 38 -0.19 13.65 -15.36
CA GLU C 38 0.43 12.35 -15.13
C GLU C 38 1.79 12.29 -15.84
N GLN C 39 2.01 13.23 -16.74
CA GLN C 39 3.30 13.36 -17.42
C GLN C 39 4.31 13.97 -16.45
N LEU C 40 3.80 14.74 -15.50
CA LEU C 40 4.64 15.37 -14.48
C LEU C 40 4.79 14.47 -13.26
N ASN C 41 4.09 13.34 -13.28
CA ASN C 41 4.15 12.39 -12.17
C ASN C 41 5.48 11.64 -12.14
N GLN C 42 6.22 11.74 -13.25
CA GLN C 42 7.51 11.07 -13.38
C GLN C 42 8.52 11.58 -12.36
N TYR C 43 8.50 12.89 -12.12
CA TYR C 43 9.48 13.52 -11.24
C TYR C 43 9.28 13.11 -9.79
N ASN C 47 4.93 15.56 -7.09
CA ASN C 47 3.81 14.83 -6.52
C ASN C 47 3.44 15.35 -5.14
N ASN C 48 4.40 16.01 -4.48
CA ASN C 48 4.16 16.62 -3.18
C ASN C 48 3.86 18.10 -3.31
N TYR C 49 3.76 18.58 -4.55
CA TYR C 49 3.36 19.96 -4.81
C TYR C 49 1.84 20.07 -4.71
N LEU C 50 1.19 18.92 -4.62
CA LEU C 50 -0.26 18.85 -4.49
C LEU C 50 -0.69 18.97 -3.03
N ILE C 51 0.08 18.36 -2.13
CA ILE C 51 -0.22 18.40 -0.71
C ILE C 51 0.06 19.80 -0.16
N PHE C 52 0.81 20.59 -0.91
CA PHE C 52 1.12 21.96 -0.52
C PHE C 52 -0.13 22.83 -0.58
N VAL C 53 -0.81 22.78 -1.72
CA VAL C 53 -2.00 23.61 -1.96
C VAL C 53 -3.23 23.08 -1.21
N LEU C 54 -3.03 22.19 -0.24
CA LEU C 54 -4.15 21.61 0.47
C LEU C 54 -4.19 22.03 1.94
N THR C 55 -3.17 21.65 2.69
CA THR C 55 -3.20 21.82 4.15
C THR C 55 -2.32 22.97 4.64
N LYS C 56 -1.10 23.06 4.14
CA LYS C 56 -0.14 24.04 4.63
C LYS C 56 -0.31 25.41 3.98
N LEU C 57 -1.04 25.45 2.87
CA LEU C 57 -1.30 26.71 2.18
C LEU C 57 -2.72 27.19 2.45
N LYS C 58 -2.87 27.93 3.55
CA LYS C 58 -4.18 28.43 3.97
C LYS C 58 -4.51 29.76 3.31
N SER C 59 -4.32 29.84 2.00
CA SER C 59 -4.48 31.12 1.30
C SER C 59 -5.28 31.03 0.01
N GLU C 60 -5.05 29.99 -0.78
CA GLU C 60 -5.64 29.90 -2.12
C GLU C 60 -7.10 29.46 -2.10
N ASP C 61 -7.72 29.50 -3.28
CA ASP C 61 -9.13 29.17 -3.46
C ASP C 61 -9.42 27.72 -3.06
N GLU C 62 -10.55 27.51 -2.39
CA GLU C 62 -10.86 26.22 -1.80
C GLU C 62 -11.22 25.10 -2.80
N PRO C 63 -12.01 25.40 -3.85
CA PRO C 63 -12.18 24.35 -4.86
C PRO C 63 -10.86 23.93 -5.50
N THR C 64 -9.93 24.88 -5.62
CA THR C 64 -8.59 24.59 -6.10
C THR C 64 -7.77 23.94 -5.00
N ARG C 65 -8.01 24.37 -3.76
CA ARG C 65 -7.34 23.82 -2.59
C ARG C 65 -7.70 22.36 -2.38
N SER C 66 -8.87 21.97 -2.85
CA SER C 66 -9.34 20.60 -2.71
C SER C 66 -9.06 19.74 -3.93
N LEU C 67 -9.17 20.33 -5.12
CA LEU C 67 -8.98 19.60 -6.37
C LEU C 67 -7.60 18.97 -6.44
N SER C 68 -6.57 19.74 -6.10
CA SER C 68 -5.20 19.24 -6.12
C SER C 68 -4.98 18.23 -4.99
N GLY C 69 -5.86 18.25 -4.00
CA GLY C 69 -5.82 17.30 -2.91
C GLY C 69 -6.57 16.02 -3.24
N LEU C 70 -7.24 16.02 -4.37
CA LEU C 70 -8.00 14.85 -4.82
C LEU C 70 -7.30 14.17 -5.99
N ILE C 71 -6.34 14.87 -6.59
CA ILE C 71 -5.50 14.27 -7.62
C ILE C 71 -4.44 13.42 -6.91
N LEU C 72 -4.13 13.79 -5.68
CA LEU C 72 -3.27 12.99 -4.82
C LEU C 72 -3.98 11.66 -4.52
N LYS C 73 -5.30 11.71 -4.48
CA LYS C 73 -6.12 10.52 -4.30
C LYS C 73 -6.13 9.71 -5.60
N ASN C 74 -5.67 10.31 -6.68
CA ASN C 74 -5.56 9.63 -7.97
C ASN C 74 -4.10 9.30 -8.32
N ASN C 75 -3.17 9.86 -7.56
CA ASN C 75 -1.76 9.58 -7.76
C ASN C 75 -1.22 8.61 -6.70
N VAL C 76 -2.10 8.20 -5.80
CA VAL C 76 -1.78 7.18 -4.81
C VAL C 76 -2.57 5.92 -5.14
N LYS C 77 -3.81 6.12 -5.58
CA LYS C 77 -4.67 5.02 -6.01
C LYS C 77 -4.05 4.30 -7.20
N ALA C 78 -3.37 5.07 -8.05
CA ALA C 78 -2.60 4.51 -9.17
C ALA C 78 -1.19 5.08 -9.16
N HIS C 79 -0.31 4.50 -9.96
CA HIS C 79 1.12 4.83 -10.01
C HIS C 79 1.72 5.17 -8.62
N PHE C 80 1.91 4.15 -7.80
CA PHE C 80 2.44 4.31 -6.45
C PHE C 80 3.88 3.82 -6.36
N GLN C 81 4.33 3.15 -7.42
CA GLN C 81 5.66 2.57 -7.46
C GLN C 81 6.77 3.64 -7.49
N ASN C 82 6.63 4.63 -8.37
CA ASN C 82 7.60 5.72 -8.46
C ASN C 82 7.19 6.89 -7.58
N PHE C 83 6.62 6.56 -6.42
CA PHE C 83 6.18 7.56 -5.46
C PHE C 83 7.14 7.59 -4.27
N PRO C 84 8.02 8.61 -4.24
CA PRO C 84 9.13 8.74 -3.27
C PRO C 84 8.74 8.50 -1.82
N ASN C 85 9.62 7.85 -1.08
CA ASN C 85 9.37 7.53 0.32
C ASN C 85 9.46 8.78 1.21
N GLY C 86 10.22 9.77 0.75
CA GLY C 86 10.31 11.04 1.46
C GLY C 86 9.05 11.86 1.25
N VAL C 87 8.48 11.75 0.05
CA VAL C 87 7.23 12.41 -0.28
C VAL C 87 6.08 11.74 0.48
N THR C 88 6.17 10.42 0.62
CA THR C 88 5.14 9.64 1.30
C THR C 88 5.10 9.92 2.81
N ASP C 89 6.07 10.68 3.29
CA ASP C 89 6.11 11.07 4.69
C ASP C 89 5.64 12.51 4.90
N PHE C 90 5.80 13.34 3.87
CA PHE C 90 5.36 14.73 3.93
C PHE C 90 3.89 14.84 3.49
N ILE C 91 3.25 13.70 3.32
CA ILE C 91 1.82 13.66 2.99
C ILE C 91 1.05 12.98 4.12
N LYS C 92 1.62 11.91 4.66
CA LYS C 92 1.03 11.22 5.80
C LYS C 92 0.95 12.14 7.01
N SER C 93 2.03 12.89 7.24
CA SER C 93 2.11 13.78 8.39
C SER C 93 1.37 15.09 8.14
N GLU C 94 1.03 15.35 6.89
CA GLU C 94 0.30 16.56 6.53
C GLU C 94 -1.20 16.34 6.53
N CYS C 95 -1.63 15.14 6.90
CA CYS C 95 -3.06 14.82 6.97
C CYS C 95 -3.53 14.67 8.40
N LEU C 96 -2.66 14.14 9.27
CA LEU C 96 -3.01 13.91 10.66
C LEU C 96 -3.20 15.22 11.42
N ASN C 97 -2.41 16.23 11.08
CA ASN C 97 -2.51 17.54 11.72
C ASN C 97 -3.75 18.30 11.25
N ASN C 98 -4.09 18.16 9.98
CA ASN C 98 -5.23 18.85 9.41
C ASN C 98 -6.45 17.95 9.24
N ILE C 99 -6.58 16.97 10.14
CA ILE C 99 -7.76 16.10 10.14
C ILE C 99 -9.00 16.91 10.51
N GLY C 100 -8.79 17.98 11.28
CA GLY C 100 -9.86 18.88 11.65
C GLY C 100 -9.66 20.24 11.04
N ASP C 101 -10.42 20.54 9.99
CA ASP C 101 -10.35 21.83 9.33
C ASP C 101 -11.70 22.53 9.40
N SER C 102 -11.68 23.85 9.42
CA SER C 102 -12.90 24.65 9.56
C SER C 102 -13.87 24.40 8.41
N SER C 103 -13.33 24.13 7.23
CA SER C 103 -14.16 23.89 6.06
C SER C 103 -14.51 22.41 5.92
N PRO C 104 -15.75 22.12 5.50
CA PRO C 104 -16.16 20.73 5.26
C PRO C 104 -15.50 20.13 4.01
N LEU C 105 -14.97 21.00 3.15
CA LEU C 105 -14.34 20.57 1.90
C LEU C 105 -12.89 20.14 2.12
N ILE C 106 -12.24 20.73 3.13
CA ILE C 106 -10.86 20.39 3.43
C ILE C 106 -10.81 19.23 4.44
N ARG C 107 -11.78 19.21 5.34
CA ARG C 107 -11.89 18.14 6.32
C ARG C 107 -12.21 16.81 5.65
N ALA C 108 -12.86 16.87 4.50
CA ALA C 108 -13.25 15.67 3.75
C ALA C 108 -12.22 15.29 2.71
N THR C 109 -11.48 16.28 2.21
CA THR C 109 -10.44 16.03 1.22
C THR C 109 -9.30 15.24 1.84
N VAL C 110 -8.93 15.61 3.06
CA VAL C 110 -7.90 14.87 3.80
C VAL C 110 -8.51 13.64 4.45
N GLY C 111 -9.84 13.61 4.52
CA GLY C 111 -10.55 12.49 5.11
C GLY C 111 -10.58 11.29 4.19
N ILE C 112 -10.30 11.52 2.91
CA ILE C 112 -10.26 10.44 1.93
C ILE C 112 -8.82 10.04 1.65
N LEU C 113 -7.88 10.89 2.05
CA LEU C 113 -6.47 10.60 1.86
C LEU C 113 -5.94 9.71 2.99
N ILE C 114 -6.54 9.83 4.17
CA ILE C 114 -6.17 8.98 5.30
C ILE C 114 -6.71 7.57 5.09
N THR C 115 -7.82 7.47 4.39
CA THR C 115 -8.47 6.18 4.17
C THR C 115 -7.99 5.47 2.90
N THR C 116 -7.60 6.23 1.89
CA THR C 116 -7.17 5.65 0.62
C THR C 116 -5.65 5.63 0.47
N ILE C 117 -4.94 5.74 1.58
CA ILE C 117 -3.50 5.56 1.60
C ILE C 117 -3.17 4.47 2.63
N ALA C 118 -3.97 4.43 3.70
CA ALA C 118 -3.87 3.36 4.69
C ALA C 118 -4.45 2.07 4.12
N SER C 119 -5.14 2.17 3.00
CA SER C 119 -5.66 1.01 2.29
C SER C 119 -4.77 0.65 1.11
N LYS C 120 -3.86 1.56 0.77
CA LYS C 120 -2.87 1.29 -0.28
C LYS C 120 -1.68 0.54 0.32
N GLY C 121 -1.39 0.82 1.58
CA GLY C 121 -0.39 0.07 2.31
C GLY C 121 -0.94 -1.28 2.70
N GLU C 122 -1.04 -1.54 4.00
CA GLU C 122 -1.62 -2.77 4.52
C GLU C 122 -2.10 -2.58 5.95
N LEU C 123 -2.23 -1.32 6.36
CA LEU C 123 -2.57 -0.95 7.74
C LEU C 123 -1.53 -1.45 8.74
N GLN C 124 -0.39 -1.91 8.23
CA GLN C 124 0.70 -2.40 9.07
C GLN C 124 2.01 -1.80 8.61
N ASN C 125 1.96 -1.07 7.50
CA ASN C 125 3.08 -0.28 7.03
C ASN C 125 3.13 1.06 7.73
N TRP C 126 2.08 1.35 8.50
CA TRP C 126 1.97 2.59 9.25
C TRP C 126 1.44 2.31 10.66
N PRO C 127 2.35 2.15 11.63
CA PRO C 127 1.97 1.85 13.01
C PRO C 127 1.30 3.03 13.71
N ASP C 128 1.62 4.25 13.27
CA ASP C 128 1.07 5.45 13.89
C ASP C 128 -0.28 5.82 13.27
N LEU C 129 -1.28 4.99 13.51
CA LEU C 129 -2.62 5.26 12.98
C LEU C 129 -3.70 4.85 13.97
N LEU C 130 -3.87 3.54 14.15
CA LEU C 130 -4.89 3.03 15.07
C LEU C 130 -4.62 3.38 16.53
N PRO C 131 -3.35 3.25 17.00
CA PRO C 131 -3.13 3.76 18.35
C PRO C 131 -2.99 5.29 18.38
N LYS C 132 -3.10 5.91 17.21
CA LYS C 132 -2.97 7.36 17.10
C LYS C 132 -4.33 8.02 16.93
N LEU C 133 -5.16 7.48 16.05
CA LEU C 133 -6.50 8.00 15.84
C LEU C 133 -7.41 7.69 17.02
N CYS C 134 -7.01 6.72 17.84
CA CYS C 134 -7.73 6.40 19.06
C CYS C 134 -7.58 7.52 20.07
N SER C 135 -6.49 8.28 19.95
CA SER C 135 -6.24 9.42 20.81
C SER C 135 -6.94 10.67 20.29
N LEU C 136 -7.24 10.67 18.99
CA LEU C 136 -7.92 11.80 18.36
C LEU C 136 -9.44 11.72 18.55
N LEU C 137 -9.90 10.61 19.12
CA LEU C 137 -11.33 10.42 19.38
C LEU C 137 -11.76 11.13 20.67
N ASP C 138 -10.92 11.03 21.70
CA ASP C 138 -11.24 11.61 22.99
C ASP C 138 -11.15 13.14 22.97
N SER C 139 -10.57 13.68 21.91
CA SER C 139 -10.54 15.12 21.71
C SER C 139 -11.97 15.63 21.56
N GLU C 140 -12.43 16.38 22.55
CA GLU C 140 -13.83 16.81 22.61
C GLU C 140 -14.20 17.75 21.48
N ASP C 141 -13.20 18.38 20.87
CA ASP C 141 -13.42 19.24 19.71
C ASP C 141 -14.00 18.43 18.55
N TYR C 142 -15.20 18.80 18.12
CA TYR C 142 -15.97 17.99 17.17
C TYR C 142 -15.30 17.81 15.81
N ASN C 143 -14.79 18.90 15.24
CA ASN C 143 -14.18 18.85 13.92
C ASN C 143 -12.94 17.98 13.85
N THR C 144 -12.29 17.77 14.99
CA THR C 144 -11.13 16.90 15.06
C THR C 144 -11.51 15.53 15.60
N CYS C 145 -12.77 15.39 16.02
CA CYS C 145 -13.27 14.12 16.53
C CYS C 145 -14.09 13.39 15.47
N GLU C 146 -14.83 14.16 14.67
CA GLU C 146 -15.65 13.59 13.61
C GLU C 146 -14.78 13.15 12.43
N GLY C 147 -13.78 13.96 12.10
CA GLY C 147 -12.85 13.63 11.03
C GLY C 147 -12.01 12.42 11.37
N ALA C 148 -11.63 12.32 12.64
CA ALA C 148 -10.85 11.19 13.12
C ALA C 148 -11.70 9.93 13.16
N PHE C 149 -12.98 10.09 13.47
CA PHE C 149 -13.91 8.96 13.50
C PHE C 149 -14.40 8.64 12.08
N GLY C 150 -14.33 9.64 11.21
CA GLY C 150 -14.72 9.47 9.82
C GLY C 150 -13.68 8.70 9.03
N ALA C 151 -12.45 8.75 9.50
CA ALA C 151 -11.35 8.03 8.87
C ALA C 151 -11.32 6.57 9.32
N LEU C 152 -11.55 6.36 10.62
CA LEU C 152 -11.47 5.04 11.22
C LEU C 152 -12.49 4.06 10.63
N GLN C 153 -13.68 4.55 10.30
CA GLN C 153 -14.75 3.70 9.80
C GLN C 153 -14.39 3.02 8.49
N LYS C 154 -13.87 3.78 7.54
CA LYS C 154 -13.52 3.23 6.24
C LYS C 154 -12.30 2.32 6.34
N ILE C 155 -11.44 2.59 7.31
CA ILE C 155 -10.26 1.75 7.54
C ILE C 155 -10.69 0.44 8.21
N CYS C 156 -11.76 0.49 8.99
CA CYS C 156 -12.31 -0.69 9.64
C CYS C 156 -13.10 -1.57 8.68
N GLU C 157 -13.39 -1.04 7.50
CA GLU C 157 -14.15 -1.77 6.50
C GLU C 157 -13.24 -2.33 5.40
N ASP C 158 -11.97 -1.95 5.46
CA ASP C 158 -10.98 -2.44 4.50
C ASP C 158 -9.94 -3.31 5.20
N SER C 159 -10.15 -3.57 6.48
CA SER C 159 -9.21 -4.36 7.27
C SER C 159 -9.91 -5.09 8.40
N ALA C 160 -11.18 -5.41 8.21
CA ALA C 160 -11.93 -6.18 9.19
C ALA C 160 -11.47 -7.63 9.19
N GLU C 161 -10.83 -8.04 8.10
CA GLU C 161 -10.30 -9.39 7.97
C GLU C 161 -8.90 -9.46 8.57
N ILE C 162 -8.25 -8.31 8.71
CA ILE C 162 -6.96 -8.25 9.38
C ILE C 162 -7.19 -8.45 10.88
N LEU C 163 -7.26 -9.72 11.29
CA LEU C 163 -7.58 -10.08 12.67
C LEU C 163 -6.57 -11.09 13.22
N ASP C 164 -6.09 -10.84 14.44
CA ASP C 164 -5.00 -11.62 15.02
C ASP C 164 -4.70 -11.25 16.47
N SER C 165 -4.88 -9.97 16.78
CA SER C 165 -4.49 -9.39 18.07
C SER C 165 -2.97 -9.44 18.30
N ASP C 166 -2.19 -9.73 17.26
CA ASP C 166 -0.74 -9.83 17.41
C ASP C 166 -0.01 -9.84 16.05
N VAL C 167 -0.39 -8.91 15.18
CA VAL C 167 0.33 -8.68 13.92
C VAL C 167 0.47 -7.20 13.57
N LEU C 168 -0.65 -6.50 13.48
CA LEU C 168 -0.69 -5.09 13.12
C LEU C 168 0.20 -4.26 14.04
N ASP C 169 -0.27 -4.09 15.27
CA ASP C 169 0.44 -3.35 16.32
C ASP C 169 -0.35 -3.56 17.61
N ARG C 170 -0.99 -4.72 17.69
CA ARG C 170 -1.99 -5.02 18.72
C ARG C 170 -3.10 -3.96 18.67
N PRO C 171 -4.06 -4.16 17.75
CA PRO C 171 -5.11 -3.18 17.43
C PRO C 171 -6.36 -3.25 18.31
N LEU C 172 -6.96 -4.41 18.44
CA LEU C 172 -8.23 -4.55 19.16
C LEU C 172 -8.04 -4.67 20.66
N ASN C 173 -9.00 -5.30 21.32
CA ASN C 173 -9.06 -5.42 22.78
C ASN C 173 -9.19 -4.06 23.46
N ILE C 174 -8.27 -3.14 23.14
CA ILE C 174 -8.33 -1.78 23.64
C ILE C 174 -9.33 -0.94 22.83
N MET C 175 -9.49 -1.30 21.56
CA MET C 175 -10.38 -0.56 20.68
C MET C 175 -11.73 -1.27 20.55
N ILE C 176 -12.27 -1.71 21.67
CA ILE C 176 -13.61 -2.29 21.68
C ILE C 176 -14.47 -1.78 22.84
N PRO C 177 -13.86 -1.32 23.95
CA PRO C 177 -14.80 -0.61 24.83
C PRO C 177 -14.67 0.89 24.58
N LYS C 178 -13.71 1.27 23.75
CA LYS C 178 -13.46 2.65 23.38
C LYS C 178 -14.50 3.12 22.38
N PHE C 179 -14.86 2.23 21.46
CA PHE C 179 -15.93 2.50 20.51
C PHE C 179 -17.30 2.41 21.18
N LEU C 180 -17.40 1.52 22.17
CA LEU C 180 -18.65 1.31 22.89
C LEU C 180 -18.96 2.44 23.86
N GLN C 181 -17.93 3.18 24.27
CA GLN C 181 -18.11 4.33 25.15
C GLN C 181 -18.34 5.60 24.34
N PHE C 182 -18.76 5.44 23.10
CA PHE C 182 -19.08 6.57 22.22
C PHE C 182 -20.46 6.38 21.59
N PHE C 183 -21.20 5.40 22.09
CA PHE C 183 -22.56 5.14 21.62
C PHE C 183 -23.55 6.13 22.24
N LYS C 184 -23.08 6.89 23.23
CA LYS C 184 -23.93 7.81 23.96
C LYS C 184 -23.56 9.26 23.70
N HIS C 185 -22.92 9.51 22.56
CA HIS C 185 -22.49 10.86 22.19
C HIS C 185 -23.68 11.74 21.82
N SER C 186 -23.46 13.05 21.84
CA SER C 186 -24.53 14.00 21.54
C SER C 186 -24.89 14.01 20.05
N SER C 187 -23.88 14.19 19.21
CA SER C 187 -24.10 14.28 17.76
C SER C 187 -24.44 12.92 17.15
N PRO C 188 -25.48 12.89 16.30
CA PRO C 188 -25.91 11.68 15.60
C PRO C 188 -24.82 11.11 14.69
N LYS C 189 -23.98 11.98 14.16
CA LYS C 189 -22.88 11.56 13.30
C LYS C 189 -21.88 10.68 14.05
N ILE C 190 -21.48 11.12 15.22
CA ILE C 190 -20.52 10.40 16.04
C ILE C 190 -21.05 9.04 16.46
N ARG C 191 -22.32 8.98 16.86
CA ARG C 191 -22.94 7.73 17.27
C ARG C 191 -23.02 6.76 16.10
N SER C 192 -23.41 7.26 14.94
CA SER C 192 -23.57 6.43 13.74
C SER C 192 -22.22 5.93 13.24
N HIS C 193 -21.17 6.71 13.49
CA HIS C 193 -19.81 6.32 13.12
C HIS C 193 -19.25 5.30 14.10
N ALA C 194 -19.91 5.16 15.24
CA ALA C 194 -19.48 4.21 16.27
C ALA C 194 -20.07 2.83 16.01
N VAL C 195 -21.36 2.78 15.73
CA VAL C 195 -22.04 1.51 15.48
C VAL C 195 -21.58 0.89 14.16
N ALA C 196 -21.09 1.73 13.27
CA ALA C 196 -20.67 1.27 11.94
C ALA C 196 -19.30 0.59 11.97
N CYS C 197 -18.58 0.72 13.09
CA CYS C 197 -17.28 0.10 13.24
C CYS C 197 -17.36 -1.23 13.98
N VAL C 198 -18.29 -1.32 14.93
CA VAL C 198 -18.44 -2.52 15.75
C VAL C 198 -19.11 -3.64 14.95
N ASN C 199 -19.91 -3.27 13.96
CA ASN C 199 -20.61 -4.24 13.13
C ASN C 199 -19.67 -5.01 12.20
N GLN C 200 -18.45 -4.50 12.05
CA GLN C 200 -17.45 -5.14 11.21
C GLN C 200 -16.86 -6.38 11.87
N PHE C 201 -17.01 -6.47 13.19
CA PHE C 201 -16.37 -7.53 13.96
C PHE C 201 -17.38 -8.48 14.59
N ILE C 202 -18.63 -8.40 14.14
CA ILE C 202 -19.68 -9.29 14.62
C ILE C 202 -19.60 -10.64 13.90
N ILE C 203 -19.28 -10.58 12.62
CA ILE C 203 -19.16 -11.79 11.80
C ILE C 203 -17.76 -12.41 11.93
N SER C 204 -16.79 -11.58 12.34
CA SER C 204 -15.42 -12.05 12.49
C SER C 204 -15.23 -12.74 13.85
N ARG C 205 -16.30 -12.76 14.64
CA ARG C 205 -16.34 -13.33 15.99
C ARG C 205 -15.03 -13.21 16.77
N THR C 206 -14.51 -11.98 16.85
CA THR C 206 -13.31 -11.71 17.60
C THR C 206 -13.57 -11.78 19.10
N GLN C 207 -12.60 -12.31 19.85
CA GLN C 207 -12.72 -12.37 21.31
C GLN C 207 -12.90 -10.99 21.92
N ALA C 208 -12.32 -9.97 21.29
CA ALA C 208 -12.39 -8.61 21.80
C ALA C 208 -13.83 -8.13 21.91
N LEU C 209 -14.64 -8.42 20.91
CA LEU C 209 -16.02 -7.95 20.87
C LEU C 209 -16.96 -8.86 21.67
N MET C 210 -16.81 -10.17 21.49
CA MET C 210 -17.68 -11.14 22.16
C MET C 210 -17.51 -11.11 23.68
N LEU C 211 -16.38 -10.55 24.14
CA LEU C 211 -16.12 -10.39 25.56
C LEU C 211 -17.19 -9.52 26.21
N HIS C 212 -17.55 -8.43 25.53
CA HIS C 212 -18.55 -7.50 26.02
C HIS C 212 -19.93 -7.92 25.53
N ILE C 213 -20.52 -8.89 26.22
CA ILE C 213 -21.76 -9.51 25.78
C ILE C 213 -22.98 -8.62 25.99
N ASP C 214 -23.20 -8.15 27.22
CA ASP C 214 -24.34 -7.31 27.52
C ASP C 214 -24.00 -5.84 27.36
N SER C 215 -22.76 -5.55 27.00
CA SER C 215 -22.32 -4.17 26.78
C SER C 215 -22.54 -3.77 25.33
N PHE C 216 -23.14 -4.65 24.55
CA PHE C 216 -23.39 -4.39 23.13
C PHE C 216 -24.83 -4.71 22.75
N ILE C 217 -25.45 -5.64 23.48
CA ILE C 217 -26.83 -6.03 23.19
C ILE C 217 -27.82 -5.20 24.01
N GLU C 218 -27.36 -4.70 25.16
CA GLU C 218 -28.19 -3.84 26.00
C GLU C 218 -27.85 -2.37 25.74
N ASN C 219 -26.76 -2.14 25.03
CA ASN C 219 -26.35 -0.79 24.66
C ASN C 219 -27.00 -0.37 23.36
N LEU C 220 -27.51 -1.33 22.61
CA LEU C 220 -28.22 -1.07 21.37
C LEU C 220 -29.74 -1.05 21.60
N PHE C 221 -30.18 -1.64 22.70
CA PHE C 221 -31.58 -1.60 23.08
C PHE C 221 -31.97 -0.18 23.49
N ALA C 222 -30.99 0.56 24.01
CA ALA C 222 -31.20 1.93 24.43
C ALA C 222 -31.18 2.88 23.24
N LEU C 223 -30.58 2.42 22.13
CA LEU C 223 -30.51 3.22 20.92
C LEU C 223 -31.67 2.90 19.98
N ALA C 224 -32.64 2.13 20.48
CA ALA C 224 -33.83 1.80 19.70
C ALA C 224 -34.82 2.95 19.71
N GLY C 225 -35.31 3.31 18.53
CA GLY C 225 -36.24 4.41 18.40
C GLY C 225 -35.53 5.75 18.29
N ASP C 226 -34.32 5.72 17.75
CA ASP C 226 -33.54 6.94 17.55
C ASP C 226 -34.09 7.74 16.38
N GLU C 227 -34.30 9.04 16.59
CA GLU C 227 -34.87 9.90 15.56
C GLU C 227 -33.80 10.29 14.53
N GLU C 228 -33.23 9.28 13.88
CA GLU C 228 -32.21 9.46 12.86
C GLU C 228 -32.11 8.21 12.00
N PRO C 229 -32.23 8.37 10.67
CA PRO C 229 -32.22 7.24 9.74
C PRO C 229 -30.91 6.46 9.73
N GLU C 230 -29.78 7.16 9.78
CA GLU C 230 -28.48 6.53 9.67
C GLU C 230 -28.09 5.76 10.93
N VAL C 231 -28.46 6.30 12.09
CA VAL C 231 -28.15 5.65 13.36
C VAL C 231 -28.97 4.38 13.54
N ARG C 232 -30.27 4.49 13.31
CA ARG C 232 -31.19 3.37 13.46
C ARG C 232 -30.92 2.28 12.41
N LYS C 233 -30.30 2.68 11.31
CA LYS C 233 -29.94 1.74 10.25
C LYS C 233 -28.90 0.73 10.74
N ASN C 234 -27.86 1.23 11.41
CA ASN C 234 -26.80 0.38 11.93
C ASN C 234 -27.27 -0.46 13.12
N VAL C 235 -28.33 -0.01 13.78
CA VAL C 235 -28.92 -0.77 14.86
C VAL C 235 -29.59 -2.01 14.32
N CYS C 236 -30.28 -1.85 13.19
CA CYS C 236 -30.96 -2.96 12.54
C CYS C 236 -29.98 -3.92 11.88
N ARG C 237 -28.91 -3.37 11.31
CA ARG C 237 -27.88 -4.17 10.65
C ARG C 237 -27.14 -5.05 11.65
N ALA C 238 -26.91 -4.50 12.85
CA ALA C 238 -26.24 -5.25 13.91
C ALA C 238 -27.22 -6.20 14.59
N LEU C 239 -28.50 -6.04 14.30
CA LEU C 239 -29.54 -6.88 14.90
C LEU C 239 -29.83 -8.08 14.01
N VAL C 240 -29.42 -7.98 12.75
CA VAL C 240 -29.58 -9.08 11.80
C VAL C 240 -28.40 -10.05 11.92
N MET C 241 -27.21 -9.50 12.11
CA MET C 241 -25.99 -10.30 12.25
C MET C 241 -25.96 -11.05 13.57
N LEU C 242 -26.75 -10.60 14.54
CA LEU C 242 -26.80 -11.22 15.86
C LEU C 242 -27.82 -12.36 15.92
N LEU C 243 -28.23 -12.85 14.76
CA LEU C 243 -29.06 -14.05 14.70
C LEU C 243 -28.25 -15.20 14.13
N GLU C 244 -27.31 -14.87 13.24
CA GLU C 244 -26.40 -15.87 12.68
C GLU C 244 -25.34 -16.23 13.71
N VAL C 245 -24.98 -15.26 14.55
CA VAL C 245 -24.10 -15.49 15.68
C VAL C 245 -24.79 -15.03 16.96
N ARG C 246 -24.50 -15.71 18.07
CA ARG C 246 -25.08 -15.38 19.37
C ARG C 246 -26.61 -15.34 19.34
N MET C 247 -27.23 -16.47 18.98
CA MET C 247 -28.69 -16.57 18.96
C MET C 247 -29.23 -16.74 20.38
N ASP C 248 -28.34 -17.05 21.31
CA ASP C 248 -28.73 -17.33 22.69
C ASP C 248 -29.11 -16.10 23.49
N ARG C 249 -28.62 -14.93 23.07
CA ARG C 249 -28.84 -13.70 23.83
C ARG C 249 -29.93 -12.81 23.24
N LEU C 250 -30.53 -13.25 22.14
CA LEU C 250 -31.67 -12.54 21.56
C LEU C 250 -32.93 -13.37 21.71
N LEU C 251 -32.75 -14.63 22.09
CA LEU C 251 -33.86 -15.54 22.39
C LEU C 251 -34.71 -15.05 23.57
N PRO C 252 -34.08 -14.49 24.62
CA PRO C 252 -34.95 -13.95 25.67
C PRO C 252 -35.85 -12.79 25.19
N HIS C 253 -35.23 -11.67 24.83
CA HIS C 253 -35.98 -10.54 24.28
C HIS C 253 -36.34 -10.80 22.82
N MET C 254 -37.32 -11.67 22.60
CA MET C 254 -37.71 -12.05 21.24
C MET C 254 -38.97 -11.32 20.80
N HIS C 255 -40.05 -11.49 21.55
CA HIS C 255 -41.32 -10.87 21.20
C HIS C 255 -41.26 -9.34 21.32
N ASN C 256 -40.18 -8.85 21.93
CA ASN C 256 -39.90 -7.43 21.95
C ASN C 256 -39.08 -7.02 20.72
N ILE C 257 -38.27 -7.95 20.24
CA ILE C 257 -37.41 -7.68 19.09
C ILE C 257 -38.09 -8.06 17.78
N VAL C 258 -39.13 -8.88 17.86
CA VAL C 258 -39.93 -9.21 16.70
C VAL C 258 -40.95 -8.10 16.45
N GLU C 259 -41.52 -7.59 17.53
CA GLU C 259 -42.46 -6.48 17.47
C GLU C 259 -41.76 -5.21 17.01
N TYR C 260 -40.48 -5.09 17.34
CA TYR C 260 -39.69 -3.92 16.95
C TYR C 260 -39.39 -3.93 15.45
N MET C 261 -38.90 -5.07 14.95
CA MET C 261 -38.56 -5.19 13.54
C MET C 261 -39.81 -5.26 12.66
N LEU C 262 -40.96 -5.43 13.30
CA LEU C 262 -42.23 -5.49 12.58
C LEU C 262 -42.65 -4.09 12.12
N GLN C 263 -42.19 -3.07 12.83
CA GLN C 263 -42.52 -1.69 12.50
C GLN C 263 -41.35 -0.99 11.80
N ARG C 264 -40.16 -1.58 11.91
CA ARG C 264 -38.98 -1.02 11.28
C ARG C 264 -38.97 -1.30 9.78
N THR C 265 -39.73 -2.31 9.37
CA THR C 265 -39.87 -2.63 7.95
C THR C 265 -40.81 -1.63 7.29
N GLN C 266 -41.60 -0.94 8.09
CA GLN C 266 -42.50 0.09 7.60
C GLN C 266 -41.96 1.48 7.93
N ASP C 267 -40.63 1.58 8.03
CA ASP C 267 -40.00 2.84 8.38
C ASP C 267 -40.09 3.84 7.23
N GLN C 268 -39.75 5.10 7.52
CA GLN C 268 -39.81 6.16 6.53
C GLN C 268 -38.87 5.88 5.36
N ASP C 269 -37.57 5.96 5.61
CA ASP C 269 -36.58 5.68 4.57
C ASP C 269 -36.52 4.20 4.25
N GLU C 270 -36.61 3.88 2.96
CA GLU C 270 -36.60 2.49 2.51
C GLU C 270 -35.24 1.84 2.74
N ASN C 271 -34.21 2.66 2.88
CA ASN C 271 -32.86 2.16 3.13
C ASN C 271 -32.72 1.63 4.55
N VAL C 272 -33.54 2.14 5.45
CA VAL C 272 -33.58 1.66 6.83
C VAL C 272 -34.50 0.44 6.93
N ALA C 273 -35.60 0.48 6.18
CA ALA C 273 -36.56 -0.61 6.16
C ALA C 273 -35.98 -1.85 5.47
N LEU C 274 -34.98 -1.64 4.63
CA LEU C 274 -34.32 -2.74 3.93
C LEU C 274 -33.56 -3.62 4.90
N GLU C 275 -32.84 -3.00 5.83
CA GLU C 275 -32.06 -3.74 6.81
C GLU C 275 -32.93 -4.27 7.94
N ALA C 276 -34.23 -4.01 7.86
CA ALA C 276 -35.18 -4.54 8.82
C ALA C 276 -35.92 -5.73 8.22
N CYS C 277 -35.96 -5.79 6.89
CA CYS C 277 -36.64 -6.88 6.20
C CYS C 277 -35.73 -8.09 6.07
N GLU C 278 -34.42 -7.88 6.21
CA GLU C 278 -33.46 -8.97 6.16
C GLU C 278 -33.51 -9.79 7.44
N PHE C 279 -34.22 -9.27 8.44
CA PHE C 279 -34.40 -9.97 9.70
C PHE C 279 -35.20 -11.25 9.50
N TRP C 280 -36.15 -11.21 8.58
CA TRP C 280 -37.00 -12.36 8.31
C TRP C 280 -36.28 -13.38 7.43
N LEU C 281 -35.32 -12.89 6.64
CA LEU C 281 -34.51 -13.77 5.79
C LEU C 281 -33.44 -14.47 6.61
N THR C 282 -33.12 -13.91 7.77
CA THR C 282 -32.12 -14.49 8.66
C THR C 282 -32.79 -15.42 9.67
N LEU C 283 -33.99 -15.03 10.11
CA LEU C 283 -34.81 -15.88 10.95
C LEU C 283 -35.34 -17.07 10.14
N ALA C 284 -35.20 -16.95 8.82
CA ALA C 284 -35.66 -17.98 7.89
C ALA C 284 -34.91 -19.30 8.08
N GLU C 285 -33.58 -19.25 8.03
CA GLU C 285 -32.77 -20.46 8.14
C GLU C 285 -32.52 -20.86 9.60
N GLN C 286 -33.48 -20.53 10.46
CA GLN C 286 -33.41 -20.92 11.87
C GLN C 286 -34.49 -21.95 12.19
N PRO C 287 -34.10 -23.06 12.82
CA PRO C 287 -35.04 -24.11 13.23
C PRO C 287 -36.13 -23.57 14.15
N ILE C 288 -35.80 -22.53 14.91
CA ILE C 288 -36.76 -21.86 15.77
C ILE C 288 -37.35 -20.66 15.03
N CYS C 289 -38.37 -20.94 14.21
CA CYS C 289 -39.00 -19.91 13.41
C CYS C 289 -40.49 -20.18 13.24
N LYS C 290 -40.85 -21.47 13.15
CA LYS C 290 -42.24 -21.87 13.04
C LYS C 290 -42.91 -21.83 14.41
N ASP C 291 -42.14 -21.48 15.43
CA ASP C 291 -42.66 -21.38 16.79
C ASP C 291 -42.68 -19.93 17.23
N VAL C 292 -41.77 -19.14 16.69
CA VAL C 292 -41.66 -17.72 17.04
C VAL C 292 -42.72 -16.88 16.36
N LEU C 293 -42.85 -17.05 15.05
CA LEU C 293 -43.67 -16.16 14.23
C LEU C 293 -45.16 -16.51 14.23
N VAL C 294 -45.53 -17.57 14.94
CA VAL C 294 -46.94 -17.97 15.02
C VAL C 294 -47.78 -16.86 15.64
N ARG C 295 -47.29 -16.30 16.74
CA ARG C 295 -47.97 -15.21 17.42
C ARG C 295 -47.92 -13.94 16.58
N HIS C 296 -46.82 -13.74 15.85
CA HIS C 296 -46.65 -12.56 15.02
C HIS C 296 -46.76 -12.88 13.53
N LEU C 297 -47.79 -13.62 13.15
CA LEU C 297 -47.97 -14.02 11.75
C LEU C 297 -49.02 -13.20 10.99
N PRO C 298 -50.22 -12.98 11.57
CA PRO C 298 -51.21 -12.24 10.78
C PRO C 298 -50.87 -10.77 10.56
N LYS C 299 -49.77 -10.30 11.15
CA LYS C 299 -49.33 -8.93 10.94
C LYS C 299 -48.04 -8.88 10.13
N LEU C 300 -47.30 -9.99 10.13
CA LEU C 300 -46.04 -10.05 9.39
C LEU C 300 -46.27 -10.16 7.89
N ILE C 301 -47.28 -10.92 7.50
CA ILE C 301 -47.58 -11.14 6.09
C ILE C 301 -48.07 -9.89 5.35
N PRO C 302 -49.07 -9.17 5.90
CA PRO C 302 -49.50 -7.98 5.15
C PRO C 302 -48.43 -6.88 5.08
N VAL C 303 -47.47 -6.93 6.00
CA VAL C 303 -46.33 -6.01 5.96
C VAL C 303 -45.38 -6.39 4.83
N LEU C 304 -45.10 -7.69 4.71
CA LEU C 304 -44.24 -8.19 3.64
C LEU C 304 -44.90 -8.02 2.28
N VAL C 305 -46.21 -8.22 2.22
CA VAL C 305 -46.96 -8.06 0.98
C VAL C 305 -46.88 -6.62 0.47
N ASN C 306 -47.07 -5.67 1.37
CA ASN C 306 -46.99 -4.26 1.03
C ASN C 306 -45.57 -3.86 0.62
N GLY C 307 -44.59 -4.59 1.15
CA GLY C 307 -43.20 -4.32 0.85
C GLY C 307 -42.77 -4.80 -0.53
N MET C 308 -43.49 -5.81 -1.04
CA MET C 308 -43.19 -6.37 -2.36
C MET C 308 -43.69 -5.48 -3.48
N LYS C 309 -44.45 -4.45 -3.11
CA LYS C 309 -44.96 -3.51 -4.10
C LYS C 309 -43.84 -2.61 -4.61
N TYR C 310 -43.88 -2.32 -5.91
CA TYR C 310 -42.86 -1.49 -6.55
C TYR C 310 -42.75 -0.10 -5.93
N SER C 311 -41.52 0.29 -5.59
CA SER C 311 -41.28 1.65 -5.13
C SER C 311 -41.38 2.60 -6.31
N ASP C 312 -41.76 3.85 -6.04
CA ASP C 312 -41.98 4.84 -7.08
C ASP C 312 -40.71 5.13 -7.89
N ILE C 313 -39.55 4.97 -7.24
CA ILE C 313 -38.27 5.22 -7.90
C ILE C 313 -37.96 4.13 -8.93
N ASP C 314 -38.27 2.89 -8.57
CA ASP C 314 -37.98 1.75 -9.44
C ASP C 314 -38.82 1.76 -10.72
N ILE C 315 -40.04 2.29 -10.61
CA ILE C 315 -40.94 2.32 -11.75
C ILE C 315 -40.41 3.25 -12.85
N ILE C 316 -39.75 4.33 -12.44
CA ILE C 316 -39.14 5.25 -13.38
C ILE C 316 -37.91 4.62 -14.03
N LEU C 317 -37.10 3.96 -13.22
CA LEU C 317 -35.88 3.30 -13.70
C LEU C 317 -36.21 2.17 -14.68
N LEU C 318 -37.35 1.51 -14.46
CA LEU C 318 -37.79 0.44 -15.34
C LEU C 318 -38.71 0.96 -16.43
N LYS C 319 -38.96 2.27 -16.40
CA LYS C 319 -39.84 2.93 -17.36
C LYS C 319 -41.23 2.30 -17.39
N GLY C 320 -42.02 2.55 -16.35
CA GLY C 320 -43.37 2.02 -16.26
C GLY C 320 -44.39 3.06 -15.87
N THR C 333 -31.95 -2.54 -14.73
CA THR C 333 -31.54 -1.16 -14.51
C THR C 333 -31.82 -0.71 -13.08
N ILE C 334 -32.37 -1.62 -12.28
CA ILE C 334 -32.60 -1.34 -10.87
C ILE C 334 -31.46 -1.90 -10.02
N SER C 335 -31.54 -1.70 -8.71
CA SER C 335 -30.52 -2.22 -7.81
C SER C 335 -30.53 -3.73 -7.81
N ASP C 336 -29.39 -4.33 -7.47
CA ASP C 336 -29.28 -5.78 -7.44
C ASP C 336 -29.93 -6.34 -6.18
N TRP C 337 -30.30 -5.44 -5.28
CA TRP C 337 -30.93 -5.83 -4.02
C TRP C 337 -31.67 -4.63 -3.40
N ASN C 338 -32.97 -4.80 -3.16
CA ASN C 338 -33.78 -3.75 -2.57
C ASN C 338 -34.86 -4.29 -1.64
N LEU C 339 -35.73 -3.39 -1.17
CA LEU C 339 -36.79 -3.75 -0.24
C LEU C 339 -37.82 -4.69 -0.87
N ARG C 340 -38.03 -4.53 -2.17
CA ARG C 340 -39.00 -5.35 -2.88
C ARG C 340 -38.54 -6.80 -2.98
N LYS C 341 -37.29 -7.00 -3.38
CA LYS C 341 -36.74 -8.34 -3.56
C LYS C 341 -36.52 -9.06 -2.23
N CYS C 342 -36.18 -8.29 -1.21
CA CYS C 342 -35.94 -8.86 0.12
C CYS C 342 -37.24 -9.32 0.77
N SER C 343 -38.34 -8.69 0.38
CA SER C 343 -39.65 -9.05 0.91
C SER C 343 -40.19 -10.30 0.22
N ALA C 344 -39.89 -10.43 -1.07
CA ALA C 344 -40.34 -11.57 -1.85
C ALA C 344 -39.62 -12.84 -1.44
N ALA C 345 -38.33 -12.70 -1.12
CA ALA C 345 -37.53 -13.83 -0.68
C ALA C 345 -38.03 -14.36 0.66
N ALA C 346 -38.37 -13.44 1.57
CA ALA C 346 -38.86 -13.81 2.88
C ALA C 346 -40.19 -14.54 2.80
N LEU C 347 -41.05 -14.11 1.88
CA LEU C 347 -42.34 -14.75 1.69
C LEU C 347 -42.17 -16.12 1.05
N ASP C 348 -41.16 -16.25 0.21
CA ASP C 348 -40.87 -17.51 -0.48
C ASP C 348 -40.40 -18.58 0.50
N VAL C 349 -39.55 -18.18 1.44
CA VAL C 349 -39.03 -19.11 2.44
C VAL C 349 -40.12 -19.49 3.45
N LEU C 350 -40.89 -18.50 3.88
CA LEU C 350 -41.98 -18.74 4.83
C LEU C 350 -43.05 -19.63 4.21
N ALA C 351 -43.10 -19.65 2.88
CA ALA C 351 -44.01 -20.53 2.16
C ALA C 351 -43.55 -21.98 2.27
N ASN C 352 -42.25 -22.17 2.47
CA ASN C 352 -41.67 -23.50 2.60
C ASN C 352 -41.69 -24.00 4.04
N VAL C 353 -42.11 -23.13 4.96
CA VAL C 353 -42.15 -23.48 6.38
C VAL C 353 -43.54 -23.88 6.82
N TYR C 354 -44.46 -22.91 6.84
CA TYR C 354 -45.84 -23.16 7.26
C TYR C 354 -46.62 -23.87 6.18
N ARG C 355 -46.20 -23.68 4.93
CA ARG C 355 -46.82 -24.33 3.77
C ARG C 355 -48.32 -24.07 3.69
N ASP C 356 -49.11 -25.13 3.84
CA ASP C 356 -50.57 -25.02 3.69
C ASP C 356 -51.21 -24.22 4.82
N GLU C 357 -50.50 -24.06 5.92
CA GLU C 357 -51.01 -23.31 7.06
C GLU C 357 -50.75 -21.81 6.89
N LEU C 358 -50.07 -21.44 5.81
CA LEU C 358 -49.77 -20.05 5.53
C LEU C 358 -50.86 -19.42 4.65
N LEU C 359 -51.55 -20.28 3.90
CA LEU C 359 -52.59 -19.83 2.97
C LEU C 359 -53.77 -19.07 3.60
N PRO C 360 -54.31 -19.55 4.74
CA PRO C 360 -55.47 -18.82 5.28
C PRO C 360 -55.13 -17.41 5.76
N HIS C 361 -53.85 -17.05 5.76
CA HIS C 361 -53.43 -15.70 6.15
C HIS C 361 -53.06 -14.86 4.92
N ILE C 362 -53.20 -15.44 3.73
CA ILE C 362 -52.83 -14.76 2.49
C ILE C 362 -53.98 -14.71 1.49
N LEU C 363 -54.69 -15.83 1.34
CA LEU C 363 -55.77 -15.95 0.36
C LEU C 363 -56.83 -14.83 0.41
N PRO C 364 -57.23 -14.37 1.62
CA PRO C 364 -58.14 -13.22 1.60
C PRO C 364 -57.51 -11.97 1.00
N LEU C 365 -56.25 -11.71 1.33
CA LEU C 365 -55.55 -10.53 0.82
C LEU C 365 -55.22 -10.67 -0.66
N LEU C 366 -55.13 -11.91 -1.13
CA LEU C 366 -54.76 -12.18 -2.52
C LEU C 366 -55.88 -11.79 -3.48
N LYS C 367 -57.12 -11.88 -3.03
CA LYS C 367 -58.28 -11.55 -3.86
C LYS C 367 -58.31 -10.06 -4.21
N GLU C 368 -57.96 -9.23 -3.24
CA GLU C 368 -57.99 -7.78 -3.41
C GLU C 368 -56.85 -7.27 -4.28
N LEU C 369 -55.70 -7.92 -4.18
CA LEU C 369 -54.52 -7.52 -4.93
C LEU C 369 -54.68 -7.74 -6.42
N LEU C 370 -55.14 -8.93 -6.80
CA LEU C 370 -55.21 -9.34 -8.20
C LEU C 370 -56.17 -8.51 -9.03
N PHE C 371 -57.20 -7.97 -8.37
CA PHE C 371 -58.22 -7.20 -9.09
C PHE C 371 -58.26 -5.74 -8.63
N HIS C 372 -57.10 -5.19 -8.29
CA HIS C 372 -57.02 -3.79 -7.90
C HIS C 372 -56.89 -2.91 -9.14
N HIS C 373 -57.43 -1.70 -9.06
CA HIS C 373 -57.44 -0.80 -10.21
C HIS C 373 -56.03 -0.33 -10.58
N GLU C 374 -55.17 -0.16 -9.57
CA GLU C 374 -53.78 0.22 -9.81
C GLU C 374 -52.97 -0.99 -10.27
N TRP C 375 -52.23 -0.83 -11.36
CA TRP C 375 -51.46 -1.93 -11.94
C TRP C 375 -50.29 -2.32 -11.05
N VAL C 376 -49.78 -1.36 -10.28
CA VAL C 376 -48.67 -1.62 -9.38
C VAL C 376 -49.10 -2.58 -8.27
N VAL C 377 -50.32 -2.41 -7.79
CA VAL C 377 -50.87 -3.25 -6.74
C VAL C 377 -51.12 -4.66 -7.27
N LYS C 378 -51.62 -4.75 -8.50
CA LYS C 378 -51.90 -6.03 -9.12
C LYS C 378 -50.61 -6.80 -9.41
N GLU C 379 -49.58 -6.06 -9.83
CA GLU C 379 -48.29 -6.66 -10.13
C GLU C 379 -47.70 -7.29 -8.88
N SER C 380 -47.90 -6.63 -7.74
CA SER C 380 -47.44 -7.16 -6.46
C SER C 380 -48.22 -8.40 -6.08
N GLY C 381 -49.48 -8.47 -6.51
CA GLY C 381 -50.34 -9.60 -6.22
C GLY C 381 -49.92 -10.84 -6.99
N ILE C 382 -49.56 -10.65 -8.27
CA ILE C 382 -49.09 -11.75 -9.11
C ILE C 382 -47.74 -12.27 -8.60
N LEU C 383 -46.94 -11.36 -8.07
CA LEU C 383 -45.65 -11.71 -7.48
C LEU C 383 -45.84 -12.58 -6.25
N VAL C 384 -46.79 -12.21 -5.40
CA VAL C 384 -47.11 -12.98 -4.20
C VAL C 384 -47.59 -14.38 -4.58
N LEU C 385 -48.40 -14.44 -5.63
CA LEU C 385 -48.94 -15.70 -6.11
C LEU C 385 -47.83 -16.66 -6.54
N GLY C 386 -46.74 -16.11 -7.07
CA GLY C 386 -45.63 -16.92 -7.53
C GLY C 386 -44.61 -17.19 -6.44
N ALA C 387 -44.60 -16.33 -5.42
CA ALA C 387 -43.66 -16.49 -4.31
C ALA C 387 -44.11 -17.59 -3.36
N ILE C 388 -45.43 -17.77 -3.25
CA ILE C 388 -45.98 -18.80 -2.38
C ILE C 388 -46.26 -20.09 -3.14
N ALA C 389 -45.80 -20.14 -4.39
CA ALA C 389 -45.99 -21.32 -5.23
C ALA C 389 -45.30 -22.55 -4.64
N GLU C 390 -43.98 -22.45 -4.47
CA GLU C 390 -43.22 -23.53 -3.85
C GLU C 390 -43.46 -23.56 -2.35
N GLY C 391 -44.20 -24.57 -1.90
CA GLY C 391 -44.52 -24.71 -0.49
C GLY C 391 -46.01 -24.80 -0.25
N CYS C 392 -46.74 -23.80 -0.71
CA CYS C 392 -48.20 -23.78 -0.58
C CYS C 392 -48.86 -24.41 -1.81
N MET C 393 -48.05 -25.12 -2.58
CA MET C 393 -48.48 -25.69 -3.86
C MET C 393 -49.71 -26.58 -3.74
N GLN C 394 -49.78 -27.39 -2.68
CA GLN C 394 -50.85 -28.35 -2.51
C GLN C 394 -52.20 -27.69 -2.24
N GLY C 395 -52.19 -26.63 -1.43
CA GLY C 395 -53.41 -25.93 -1.09
C GLY C 395 -53.86 -24.98 -2.18
N MET C 396 -52.98 -24.70 -3.13
CA MET C 396 -53.29 -23.80 -4.24
C MET C 396 -54.03 -24.51 -5.36
N ILE C 397 -53.93 -25.83 -5.39
CA ILE C 397 -54.53 -26.64 -6.45
C ILE C 397 -56.02 -26.41 -6.68
N PRO C 398 -56.83 -26.30 -5.61
CA PRO C 398 -58.25 -26.03 -5.89
C PRO C 398 -58.51 -24.66 -6.52
N TYR C 399 -57.61 -23.71 -6.30
CA TYR C 399 -57.78 -22.35 -6.80
C TYR C 399 -57.19 -22.18 -8.20
N LEU C 400 -56.34 -23.11 -8.59
CA LEU C 400 -55.65 -23.03 -9.89
C LEU C 400 -56.56 -23.06 -11.12
N PRO C 401 -57.62 -23.90 -11.14
CA PRO C 401 -58.48 -23.87 -12.33
C PRO C 401 -59.17 -22.52 -12.58
N GLU C 402 -59.09 -21.61 -11.62
CA GLU C 402 -59.65 -20.28 -11.79
C GLU C 402 -58.54 -19.24 -11.96
N LEU C 403 -57.43 -19.44 -11.26
CA LEU C 403 -56.32 -18.49 -11.28
C LEU C 403 -55.47 -18.60 -12.55
N ILE C 404 -55.14 -19.82 -12.94
CA ILE C 404 -54.31 -20.05 -14.13
C ILE C 404 -54.94 -19.46 -15.41
N PRO C 405 -56.26 -19.67 -15.64
CA PRO C 405 -56.80 -19.03 -16.83
C PRO C 405 -56.81 -17.51 -16.74
N HIS C 406 -56.79 -16.98 -15.52
CA HIS C 406 -56.77 -15.54 -15.31
C HIS C 406 -55.40 -14.94 -15.60
N LEU C 407 -54.35 -15.70 -15.30
CA LEU C 407 -52.99 -15.23 -15.51
C LEU C 407 -52.61 -15.19 -16.98
N ILE C 408 -53.14 -16.14 -17.76
CA ILE C 408 -52.86 -16.19 -19.19
C ILE C 408 -53.35 -14.92 -19.89
N GLN C 409 -54.44 -14.36 -19.37
CA GLN C 409 -55.00 -13.12 -19.90
C GLN C 409 -54.17 -11.92 -19.46
N CYS C 410 -53.40 -12.09 -18.40
CA CYS C 410 -52.54 -11.02 -17.89
C CYS C 410 -51.25 -10.92 -18.71
N LEU C 411 -51.07 -11.87 -19.62
CA LEU C 411 -49.91 -11.86 -20.50
C LEU C 411 -50.09 -10.83 -21.63
N SER C 412 -51.30 -10.31 -21.74
CA SER C 412 -51.62 -9.33 -22.77
C SER C 412 -51.88 -7.95 -22.19
N ASP C 413 -51.55 -7.79 -20.90
CA ASP C 413 -51.73 -6.52 -20.21
C ASP C 413 -50.87 -5.43 -20.85
N LYS C 414 -51.34 -4.19 -20.81
CA LYS C 414 -50.65 -3.08 -21.43
C LYS C 414 -49.31 -2.77 -20.76
N LYS C 415 -49.25 -2.94 -19.45
CA LYS C 415 -48.02 -2.70 -18.70
C LYS C 415 -47.03 -3.86 -18.89
N ALA C 416 -45.80 -3.51 -19.25
CA ALA C 416 -44.76 -4.51 -19.51
C ALA C 416 -44.33 -5.22 -18.23
N LEU C 417 -44.33 -4.49 -17.12
CA LEU C 417 -43.93 -5.05 -15.83
C LEU C 417 -44.92 -6.10 -15.36
N VAL C 418 -46.18 -5.95 -15.77
CA VAL C 418 -47.21 -6.94 -15.44
C VAL C 418 -47.05 -8.18 -16.32
N ARG C 419 -46.70 -7.95 -17.58
CA ARG C 419 -46.49 -9.05 -18.52
C ARG C 419 -45.36 -9.98 -18.09
N SER C 420 -44.25 -9.39 -17.65
CA SER C 420 -43.06 -10.17 -17.30
C SER C 420 -43.26 -10.99 -16.03
N ILE C 421 -43.78 -10.36 -14.98
CA ILE C 421 -43.98 -11.02 -13.70
C ILE C 421 -45.02 -12.13 -13.81
N THR C 422 -45.86 -12.05 -14.83
CA THR C 422 -46.89 -13.06 -15.06
C THR C 422 -46.27 -14.34 -15.62
N CYS C 423 -45.27 -14.18 -16.49
CA CYS C 423 -44.56 -15.31 -17.07
C CYS C 423 -43.92 -16.16 -15.98
N TRP C 424 -43.28 -15.50 -15.03
CA TRP C 424 -42.60 -16.17 -13.95
C TRP C 424 -43.57 -16.94 -13.05
N THR C 425 -44.66 -16.28 -12.67
CA THR C 425 -45.67 -16.90 -11.81
C THR C 425 -46.29 -18.12 -12.48
N LEU C 426 -46.53 -18.02 -13.78
CA LEU C 426 -47.09 -19.13 -14.55
C LEU C 426 -46.11 -20.29 -14.64
N SER C 427 -44.82 -19.99 -14.64
CA SER C 427 -43.79 -21.02 -14.71
C SER C 427 -43.56 -21.66 -13.34
N ARG C 428 -44.13 -21.06 -12.30
CA ARG C 428 -44.03 -21.59 -10.95
C ARG C 428 -45.06 -22.69 -10.72
N TYR C 429 -46.12 -22.68 -11.54
CA TYR C 429 -47.16 -23.70 -11.46
C TYR C 429 -47.15 -24.56 -12.72
N ALA C 430 -45.98 -24.69 -13.34
CA ALA C 430 -45.85 -25.42 -14.59
C ALA C 430 -46.11 -26.91 -14.43
N HIS C 431 -45.85 -27.44 -13.24
CA HIS C 431 -46.05 -28.86 -12.98
C HIS C 431 -47.53 -29.24 -13.01
N TRP C 432 -48.37 -28.35 -12.50
CA TRP C 432 -49.80 -28.59 -12.45
C TRP C 432 -50.44 -28.45 -13.83
N VAL C 433 -49.94 -27.50 -14.61
CA VAL C 433 -50.49 -27.21 -15.94
C VAL C 433 -50.37 -28.42 -16.87
N VAL C 434 -49.20 -29.05 -16.88
CA VAL C 434 -48.96 -30.20 -17.74
C VAL C 434 -49.65 -31.46 -17.21
N SER C 435 -50.14 -31.38 -15.97
CA SER C 435 -50.87 -32.49 -15.36
C SER C 435 -52.36 -32.40 -15.70
N GLN C 436 -52.71 -31.37 -16.47
CA GLN C 436 -54.09 -31.16 -16.89
C GLN C 436 -54.25 -31.50 -18.37
N PRO C 437 -55.50 -31.62 -18.86
CA PRO C 437 -55.74 -31.80 -20.30
C PRO C 437 -54.97 -30.80 -21.15
N PRO C 438 -54.14 -31.30 -22.08
CA PRO C 438 -53.20 -30.51 -22.90
C PRO C 438 -53.85 -29.45 -23.78
N ASP C 439 -55.18 -29.34 -23.76
CA ASP C 439 -55.87 -28.39 -24.61
C ASP C 439 -56.52 -27.27 -23.79
N THR C 440 -56.62 -27.48 -22.48
CA THR C 440 -57.30 -26.52 -21.62
C THR C 440 -56.35 -25.48 -21.03
N TYR C 441 -55.21 -25.93 -20.53
CA TYR C 441 -54.26 -25.03 -19.87
C TYR C 441 -52.92 -24.96 -20.61
N LEU C 442 -52.39 -26.11 -20.98
CA LEU C 442 -51.06 -26.19 -21.60
C LEU C 442 -50.99 -25.44 -22.92
N LYS C 443 -51.87 -25.81 -23.85
CA LYS C 443 -51.88 -25.21 -25.20
C LYS C 443 -52.04 -23.69 -25.20
N PRO C 444 -53.01 -23.14 -24.43
CA PRO C 444 -53.10 -21.67 -24.46
C PRO C 444 -51.93 -20.98 -23.78
N LEU C 445 -51.38 -21.59 -22.74
CA LEU C 445 -50.29 -21.01 -21.97
C LEU C 445 -49.03 -20.80 -22.80
N MET C 446 -48.57 -21.87 -23.46
CA MET C 446 -47.36 -21.80 -24.25
C MET C 446 -47.54 -20.97 -25.51
N THR C 447 -48.75 -20.94 -26.03
CA THR C 447 -49.05 -20.14 -27.22
C THR C 447 -48.88 -18.65 -26.93
N GLU C 448 -49.43 -18.21 -25.81
CA GLU C 448 -49.28 -16.83 -25.37
C GLU C 448 -47.83 -16.52 -24.99
N LEU C 449 -47.14 -17.53 -24.47
CA LEU C 449 -45.73 -17.37 -24.09
C LEU C 449 -44.84 -17.14 -25.29
N LEU C 450 -45.06 -17.92 -26.35
CA LEU C 450 -44.27 -17.82 -27.57
C LEU C 450 -44.35 -16.43 -28.19
N LYS C 451 -45.53 -15.81 -28.09
CA LYS C 451 -45.72 -14.47 -28.62
C LYS C 451 -45.01 -13.45 -27.75
N ARG C 452 -44.85 -13.77 -26.46
CA ARG C 452 -44.18 -12.87 -25.52
C ARG C 452 -42.67 -13.05 -25.58
N ILE C 453 -42.22 -14.11 -26.24
CA ILE C 453 -40.80 -14.30 -26.51
C ILE C 453 -40.37 -13.29 -27.56
N LEU C 454 -41.29 -12.98 -28.47
CA LEU C 454 -41.06 -12.01 -29.53
C LEU C 454 -41.64 -10.64 -29.17
N ASP C 455 -41.83 -10.41 -27.87
CA ASP C 455 -42.40 -9.16 -27.39
C ASP C 455 -41.48 -7.98 -27.68
N SER C 456 -42.07 -6.80 -27.82
CA SER C 456 -41.32 -5.59 -28.12
C SER C 456 -40.44 -5.16 -26.94
N ASN C 457 -40.90 -5.48 -25.73
CA ASN C 457 -40.16 -5.15 -24.51
C ASN C 457 -39.10 -6.20 -24.21
N LYS C 458 -37.88 -5.75 -23.91
CA LYS C 458 -36.77 -6.66 -23.67
C LYS C 458 -36.94 -7.47 -22.39
N ARG C 459 -37.39 -6.82 -21.32
CA ARG C 459 -37.56 -7.48 -20.04
C ARG C 459 -38.65 -8.55 -20.11
N VAL C 460 -39.62 -8.35 -20.98
CA VAL C 460 -40.67 -9.34 -21.20
C VAL C 460 -40.08 -10.53 -21.97
N GLN C 461 -39.19 -10.24 -22.90
CA GLN C 461 -38.52 -11.28 -23.67
C GLN C 461 -37.70 -12.20 -22.77
N GLU C 462 -37.00 -11.61 -21.82
CA GLU C 462 -36.18 -12.38 -20.87
C GLU C 462 -37.06 -13.30 -20.02
N ALA C 463 -38.10 -12.72 -19.42
CA ALA C 463 -38.97 -13.46 -18.52
C ALA C 463 -39.74 -14.56 -19.24
N ALA C 464 -40.28 -14.25 -20.41
CA ALA C 464 -41.08 -15.21 -21.17
C ALA C 464 -40.24 -16.37 -21.68
N CYS C 465 -39.06 -16.06 -22.20
CA CYS C 465 -38.18 -17.09 -22.74
C CYS C 465 -37.63 -17.97 -21.61
N SER C 466 -37.42 -17.37 -20.45
CA SER C 466 -36.97 -18.12 -19.28
C SER C 466 -38.08 -18.99 -18.74
N ALA C 467 -39.30 -18.45 -18.73
CA ALA C 467 -40.47 -19.17 -18.23
C ALA C 467 -40.81 -20.33 -19.16
N PHE C 468 -40.57 -20.14 -20.46
CA PHE C 468 -40.86 -21.17 -21.44
C PHE C 468 -39.92 -22.36 -21.25
N ALA C 469 -38.68 -22.08 -20.88
CA ALA C 469 -37.69 -23.12 -20.61
C ALA C 469 -38.09 -23.95 -19.41
N THR C 470 -38.71 -23.29 -18.42
CA THR C 470 -39.22 -23.98 -17.25
C THR C 470 -40.36 -24.92 -17.63
N LEU C 471 -41.25 -24.43 -18.51
CA LEU C 471 -42.40 -25.19 -18.96
C LEU C 471 -41.97 -26.38 -19.81
N GLU C 472 -40.87 -26.23 -20.53
CA GLU C 472 -40.37 -27.28 -21.41
C GLU C 472 -39.87 -28.49 -20.64
N GLU C 473 -39.25 -28.24 -19.48
CA GLU C 473 -38.74 -29.33 -18.64
C GLU C 473 -39.88 -30.20 -18.11
N GLU C 474 -40.99 -29.55 -17.76
CA GLU C 474 -42.13 -30.27 -17.20
C GLU C 474 -42.96 -30.95 -18.27
N ALA C 475 -43.11 -30.30 -19.42
CA ALA C 475 -43.96 -30.79 -20.49
C ALA C 475 -43.34 -32.01 -21.19
N CYS C 476 -42.04 -31.95 -21.41
CA CYS C 476 -41.30 -33.02 -22.09
C CYS C 476 -41.87 -33.34 -23.47
N THR C 477 -42.40 -34.55 -23.62
CA THR C 477 -42.88 -35.03 -24.92
C THR C 477 -44.25 -34.49 -25.30
N GLU C 478 -44.85 -33.68 -24.44
CA GLU C 478 -46.14 -33.07 -24.75
C GLU C 478 -45.95 -31.76 -25.52
N LEU C 479 -44.80 -31.62 -26.16
CA LEU C 479 -44.50 -30.44 -26.97
C LEU C 479 -44.28 -30.84 -28.43
N VAL C 480 -44.14 -32.15 -28.65
CA VAL C 480 -43.91 -32.69 -29.99
C VAL C 480 -44.99 -32.30 -31.00
N PRO C 481 -46.30 -32.33 -30.62
CA PRO C 481 -47.28 -31.88 -31.60
C PRO C 481 -47.14 -30.40 -31.97
N TYR C 482 -46.49 -29.62 -31.11
CA TYR C 482 -46.34 -28.18 -31.34
C TYR C 482 -44.91 -27.80 -31.68
N LEU C 483 -44.10 -28.78 -32.05
CA LEU C 483 -42.68 -28.57 -32.30
C LEU C 483 -42.41 -27.57 -33.41
N ALA C 484 -43.11 -27.72 -34.54
CA ALA C 484 -42.90 -26.86 -35.69
C ALA C 484 -43.27 -25.41 -35.38
N TYR C 485 -44.24 -25.23 -34.49
CA TYR C 485 -44.70 -23.90 -34.10
C TYR C 485 -43.74 -23.25 -33.12
N ILE C 486 -43.23 -24.03 -32.18
CA ILE C 486 -42.27 -23.53 -31.20
C ILE C 486 -40.93 -23.20 -31.84
N LEU C 487 -40.42 -24.14 -32.63
CA LEU C 487 -39.12 -24.00 -33.26
C LEU C 487 -39.08 -22.81 -34.22
N ASP C 488 -40.20 -22.55 -34.87
CA ASP C 488 -40.31 -21.41 -35.78
C ASP C 488 -40.15 -20.10 -35.02
N THR C 489 -40.69 -20.06 -33.80
CA THR C 489 -40.63 -18.86 -32.97
C THR C 489 -39.23 -18.65 -32.41
N LEU C 490 -38.63 -19.71 -31.87
CA LEU C 490 -37.31 -19.62 -31.25
C LEU C 490 -36.22 -19.25 -32.24
N VAL C 491 -36.23 -19.88 -33.42
CA VAL C 491 -35.25 -19.61 -34.44
C VAL C 491 -35.36 -18.17 -34.95
N PHE C 492 -36.59 -17.68 -35.07
CA PHE C 492 -36.81 -16.30 -35.49
C PHE C 492 -36.32 -15.32 -34.43
N ALA C 493 -36.40 -15.74 -33.17
CA ALA C 493 -35.95 -14.90 -32.05
C ALA C 493 -34.43 -14.86 -31.96
N PHE C 494 -33.77 -15.66 -32.80
CA PHE C 494 -32.32 -15.75 -32.80
C PHE C 494 -31.70 -14.63 -33.63
N SER C 495 -32.57 -13.80 -34.20
CA SER C 495 -32.12 -12.67 -35.01
C SER C 495 -32.47 -11.35 -34.34
N LYS C 496 -33.50 -11.38 -33.48
CA LYS C 496 -34.01 -10.18 -32.84
C LYS C 496 -33.28 -9.89 -31.52
N TYR C 497 -32.67 -10.91 -30.95
CA TYR C 497 -32.01 -10.77 -29.64
C TYR C 497 -30.65 -10.09 -29.74
N GLN C 498 -30.18 -9.55 -28.62
CA GLN C 498 -28.98 -8.72 -28.60
C GLN C 498 -27.94 -9.16 -27.59
N HIS C 499 -27.50 -10.42 -27.71
CA HIS C 499 -26.37 -10.94 -26.94
C HIS C 499 -26.53 -10.91 -25.41
N LYS C 500 -27.74 -10.61 -24.94
CA LYS C 500 -28.02 -10.70 -23.51
C LYS C 500 -29.17 -11.65 -23.28
N ASN C 501 -30.06 -11.72 -24.27
CA ASN C 501 -31.18 -12.65 -24.23
C ASN C 501 -30.86 -13.93 -24.99
N LEU C 502 -29.76 -13.91 -25.75
CA LEU C 502 -29.28 -15.10 -26.42
C LEU C 502 -28.90 -16.15 -25.38
N LEU C 503 -28.37 -15.68 -24.26
CA LEU C 503 -28.04 -16.53 -23.12
C LEU C 503 -29.25 -17.33 -22.67
N ILE C 504 -30.40 -16.67 -22.61
CA ILE C 504 -31.64 -17.31 -22.19
C ILE C 504 -32.28 -18.07 -23.35
N LEU C 505 -32.09 -17.56 -24.56
CA LEU C 505 -32.63 -18.22 -25.74
C LEU C 505 -31.89 -19.54 -26.01
N TYR C 506 -30.59 -19.55 -25.74
CA TYR C 506 -29.80 -20.77 -25.80
C TYR C 506 -30.37 -21.81 -24.85
N ASP C 507 -30.82 -21.34 -23.69
CA ASP C 507 -31.40 -22.21 -22.68
C ASP C 507 -32.72 -22.81 -23.16
N ALA C 508 -33.50 -22.00 -23.86
CA ALA C 508 -34.79 -22.45 -24.40
C ALA C 508 -34.61 -23.51 -25.47
N ILE C 509 -33.66 -23.28 -26.37
CA ILE C 509 -33.36 -24.23 -27.45
C ILE C 509 -32.78 -25.53 -26.91
N GLY C 510 -31.82 -25.40 -25.99
CA GLY C 510 -31.20 -26.56 -25.39
C GLY C 510 -32.16 -27.41 -24.59
N THR C 511 -33.00 -26.77 -23.78
CA THR C 511 -33.98 -27.46 -22.97
C THR C 511 -34.99 -28.19 -23.86
N LEU C 512 -35.36 -27.54 -24.96
CA LEU C 512 -36.28 -28.13 -25.93
C LEU C 512 -35.76 -29.46 -26.45
N ALA C 513 -34.47 -29.50 -26.75
CA ALA C 513 -33.85 -30.71 -27.29
C ALA C 513 -33.75 -31.81 -26.23
N ASP C 514 -33.70 -31.42 -24.97
CA ASP C 514 -33.62 -32.37 -23.87
C ASP C 514 -34.99 -32.90 -23.48
N SER C 515 -36.03 -32.29 -24.05
CA SER C 515 -37.41 -32.68 -23.72
C SER C 515 -38.01 -33.57 -24.80
N VAL C 516 -37.84 -33.19 -26.06
CA VAL C 516 -38.45 -33.93 -27.16
C VAL C 516 -37.54 -35.07 -27.65
N GLY C 517 -36.25 -34.95 -27.36
CA GLY C 517 -35.30 -35.99 -27.73
C GLY C 517 -35.15 -36.19 -29.23
N HIS C 518 -35.33 -37.43 -29.67
CA HIS C 518 -35.11 -37.79 -31.07
C HIS C 518 -36.21 -37.26 -32.00
N HIS C 519 -37.26 -36.70 -31.42
CA HIS C 519 -38.37 -36.14 -32.20
C HIS C 519 -37.93 -34.93 -33.02
N LEU C 520 -36.83 -34.31 -32.59
CA LEU C 520 -36.31 -33.13 -33.27
C LEU C 520 -35.55 -33.52 -34.53
N ASN C 521 -35.26 -34.81 -34.68
CA ASN C 521 -34.51 -35.30 -35.83
C ASN C 521 -35.37 -35.39 -37.08
N LYS C 522 -35.60 -34.25 -37.71
CA LYS C 522 -36.36 -34.18 -38.95
C LYS C 522 -35.81 -33.07 -39.84
N PRO C 523 -35.68 -33.35 -41.15
CA PRO C 523 -35.02 -32.45 -42.11
C PRO C 523 -35.62 -31.05 -42.12
N GLU C 524 -36.92 -30.93 -41.89
CA GLU C 524 -37.57 -29.63 -41.86
C GLU C 524 -37.11 -28.83 -40.65
N TYR C 525 -36.79 -29.52 -39.58
CA TYR C 525 -36.34 -28.89 -38.33
C TYR C 525 -34.85 -28.61 -38.35
N ILE C 526 -34.08 -29.57 -38.84
CA ILE C 526 -32.61 -29.47 -38.84
C ILE C 526 -32.12 -28.31 -39.70
N GLN C 527 -32.66 -28.18 -40.90
CA GLN C 527 -32.25 -27.11 -41.81
C GLN C 527 -32.80 -25.76 -41.37
N MET C 528 -33.56 -25.77 -40.28
CA MET C 528 -34.16 -24.56 -39.74
C MET C 528 -33.43 -24.12 -38.47
N LEU C 529 -32.85 -25.07 -37.76
CA LEU C 529 -32.23 -24.80 -36.47
C LEU C 529 -30.71 -24.73 -36.54
N MET C 530 -30.11 -25.52 -37.42
CA MET C 530 -28.65 -25.61 -37.50
C MET C 530 -27.95 -24.38 -38.13
N PRO C 531 -28.46 -23.86 -39.26
CA PRO C 531 -27.76 -22.70 -39.85
C PRO C 531 -27.55 -21.50 -38.91
N PRO C 532 -28.52 -21.14 -38.06
CA PRO C 532 -28.19 -20.04 -37.15
C PRO C 532 -27.12 -20.41 -36.12
N LEU C 533 -27.14 -21.65 -35.64
CA LEU C 533 -26.17 -22.12 -34.65
C LEU C 533 -24.76 -22.20 -35.22
N ILE C 534 -24.67 -22.69 -36.45
CA ILE C 534 -23.38 -22.83 -37.13
C ILE C 534 -22.77 -21.45 -37.41
N GLN C 535 -23.62 -20.46 -37.64
CA GLN C 535 -23.15 -19.11 -37.91
C GLN C 535 -22.50 -18.49 -36.67
N LYS C 536 -23.12 -18.69 -35.51
CA LYS C 536 -22.54 -18.24 -34.25
C LYS C 536 -21.23 -18.98 -33.98
N TRP C 537 -21.19 -20.24 -34.41
CA TRP C 537 -20.01 -21.08 -34.27
C TRP C 537 -18.83 -20.50 -35.06
N ASN C 538 -19.13 -19.92 -36.22
CA ASN C 538 -18.09 -19.37 -37.08
C ASN C 538 -17.75 -17.91 -36.75
N MET C 539 -18.64 -17.25 -36.02
CA MET C 539 -18.42 -15.85 -35.64
C MET C 539 -17.67 -15.73 -34.32
N LEU C 540 -17.34 -16.86 -33.70
CA LEU C 540 -16.64 -16.86 -32.43
C LEU C 540 -15.27 -17.53 -32.53
N LYS C 541 -14.27 -16.93 -31.89
CA LYS C 541 -12.93 -17.50 -31.83
C LYS C 541 -12.80 -18.46 -30.65
N ASP C 542 -11.69 -19.19 -30.59
CA ASP C 542 -11.47 -20.17 -29.54
C ASP C 542 -11.23 -19.53 -28.18
N GLU C 543 -10.91 -18.24 -28.17
CA GLU C 543 -10.63 -17.55 -26.92
C GLU C 543 -11.81 -16.70 -26.46
N ASP C 544 -12.89 -16.71 -27.24
CA ASP C 544 -14.10 -15.97 -26.89
C ASP C 544 -14.95 -16.79 -25.92
N LYS C 545 -15.30 -16.19 -24.79
CA LYS C 545 -16.04 -16.89 -23.75
C LYS C 545 -17.54 -16.94 -24.03
N ASP C 546 -17.93 -16.57 -25.23
CA ASP C 546 -19.32 -16.68 -25.66
C ASP C 546 -19.58 -18.05 -26.26
N LEU C 547 -18.54 -18.89 -26.26
CA LEU C 547 -18.66 -20.26 -26.74
C LEU C 547 -19.38 -21.14 -25.70
N PHE C 548 -19.29 -20.73 -24.44
CA PHE C 548 -19.86 -21.50 -23.34
C PHE C 548 -21.38 -21.71 -23.49
N PRO C 549 -22.15 -20.65 -23.76
CA PRO C 549 -23.58 -20.91 -23.90
C PRO C 549 -23.93 -21.62 -25.20
N LEU C 550 -23.13 -21.40 -26.23
CA LEU C 550 -23.39 -21.98 -27.55
C LEU C 550 -23.13 -23.48 -27.57
N LEU C 551 -21.98 -23.90 -27.06
CA LEU C 551 -21.60 -25.31 -27.11
C LEU C 551 -22.35 -26.13 -26.06
N GLU C 552 -22.77 -25.49 -24.97
CA GLU C 552 -23.59 -26.16 -23.98
C GLU C 552 -24.97 -26.41 -24.55
N CYS C 553 -25.37 -25.54 -25.47
CA CYS C 553 -26.64 -25.67 -26.17
C CYS C 553 -26.53 -26.69 -27.30
N LEU C 554 -25.38 -26.72 -27.97
CA LEU C 554 -25.16 -27.64 -29.08
C LEU C 554 -25.08 -29.09 -28.61
N SER C 555 -24.63 -29.30 -27.38
CA SER C 555 -24.53 -30.64 -26.83
C SER C 555 -25.92 -31.26 -26.66
N SER C 556 -26.90 -30.45 -26.29
CA SER C 556 -28.27 -30.91 -26.16
C SER C 556 -28.89 -31.17 -27.53
N VAL C 557 -28.58 -30.31 -28.48
CA VAL C 557 -29.08 -30.43 -29.84
C VAL C 557 -28.51 -31.68 -30.54
N ALA C 558 -27.21 -31.89 -30.37
CA ALA C 558 -26.52 -33.02 -31.00
C ALA C 558 -27.06 -34.35 -30.49
N THR C 559 -27.37 -34.42 -29.20
CA THR C 559 -27.94 -35.61 -28.60
C THR C 559 -29.35 -35.87 -29.13
N ALA C 560 -30.05 -34.79 -29.44
CA ALA C 560 -31.44 -34.88 -29.90
C ALA C 560 -31.51 -35.20 -31.39
N LEU C 561 -30.64 -34.59 -32.18
CA LEU C 561 -30.65 -34.78 -33.63
C LEU C 561 -30.15 -36.17 -34.04
N GLN C 562 -29.55 -36.88 -33.08
CA GLN C 562 -29.04 -38.23 -33.31
C GLN C 562 -28.11 -38.28 -34.51
N SER C 563 -28.54 -39.00 -35.55
CA SER C 563 -27.73 -39.16 -36.77
C SER C 563 -27.99 -38.03 -37.76
N GLY C 564 -28.86 -37.10 -37.37
CA GLY C 564 -29.15 -35.95 -38.22
C GLY C 564 -28.12 -34.86 -38.04
N PHE C 565 -27.18 -35.09 -37.13
CA PHE C 565 -26.12 -34.14 -36.84
C PHE C 565 -24.86 -34.48 -37.63
N LEU C 566 -24.88 -35.65 -38.28
CA LEU C 566 -23.75 -36.14 -39.07
C LEU C 566 -23.14 -35.13 -40.07
N PRO C 567 -23.99 -34.37 -40.79
CA PRO C 567 -23.36 -33.40 -41.71
C PRO C 567 -22.58 -32.29 -41.02
N TYR C 568 -22.79 -32.11 -39.70
CA TYR C 568 -22.13 -31.03 -38.98
C TYR C 568 -21.23 -31.57 -37.86
N CYS C 569 -20.99 -32.87 -37.84
CA CYS C 569 -20.32 -33.50 -36.71
C CYS C 569 -18.79 -33.36 -36.75
N GLU C 570 -18.21 -33.56 -37.92
CA GLU C 570 -16.74 -33.57 -38.04
C GLU C 570 -16.07 -32.22 -37.71
N PRO C 571 -16.61 -31.08 -38.22
CA PRO C 571 -15.98 -29.83 -37.80
C PRO C 571 -16.18 -29.53 -36.32
N VAL C 572 -17.35 -29.85 -35.78
CA VAL C 572 -17.63 -29.65 -34.36
C VAL C 572 -16.73 -30.52 -33.51
N TYR C 573 -16.57 -31.77 -33.89
CA TYR C 573 -15.74 -32.73 -33.16
C TYR C 573 -14.29 -32.26 -33.07
N GLN C 574 -13.74 -31.85 -34.21
CA GLN C 574 -12.33 -31.48 -34.27
C GLN C 574 -11.99 -30.27 -33.40
N ARG C 575 -12.86 -29.27 -33.41
CA ARG C 575 -12.61 -28.04 -32.65
C ARG C 575 -12.67 -28.29 -31.15
N CYS C 576 -13.52 -29.23 -30.73
CA CYS C 576 -13.63 -29.57 -29.32
C CYS C 576 -12.35 -30.21 -28.80
N VAL C 577 -11.80 -31.14 -29.59
CA VAL C 577 -10.56 -31.81 -29.21
C VAL C 577 -9.43 -30.80 -29.12
N ASN C 578 -9.43 -29.82 -30.03
CA ASN C 578 -8.42 -28.77 -30.03
C ASN C 578 -8.55 -27.85 -28.81
N LEU C 579 -9.79 -27.56 -28.41
CA LEU C 579 -10.03 -26.74 -27.23
C LEU C 579 -9.50 -27.42 -25.97
N VAL C 580 -9.73 -28.72 -25.87
CA VAL C 580 -9.25 -29.49 -24.72
C VAL C 580 -7.73 -29.54 -24.73
N GLN C 581 -7.16 -29.73 -25.91
CA GLN C 581 -5.72 -29.86 -26.05
C GLN C 581 -4.98 -28.56 -25.72
N LYS C 582 -5.49 -27.45 -26.23
CA LYS C 582 -4.87 -26.15 -25.97
C LYS C 582 -5.01 -25.74 -24.51
N THR C 583 -6.18 -26.01 -23.92
CA THR C 583 -6.41 -25.68 -22.52
C THR C 583 -5.45 -26.44 -21.61
N LEU C 584 -5.26 -27.72 -21.89
CA LEU C 584 -4.33 -28.55 -21.13
C LEU C 584 -2.90 -28.05 -21.31
N ALA C 585 -2.54 -27.71 -22.53
CA ALA C 585 -1.18 -27.25 -22.84
C ALA C 585 -0.90 -25.90 -22.17
N GLN C 586 -1.90 -25.03 -22.17
CA GLN C 586 -1.75 -23.72 -21.54
C GLN C 586 -1.62 -23.85 -20.03
N ALA C 587 -2.26 -24.86 -19.47
CA ALA C 587 -2.17 -25.14 -18.04
C ALA C 587 -0.78 -25.61 -17.67
N MET C 588 -0.13 -26.33 -18.59
CA MET C 588 1.23 -26.80 -18.38
C MET C 588 2.22 -25.64 -18.36
N LEU C 589 2.07 -24.74 -19.33
CA LEU C 589 2.95 -23.58 -19.44
C LEU C 589 2.85 -22.69 -18.21
N ASN C 590 1.66 -22.62 -17.62
CA ASN C 590 1.46 -21.90 -16.37
C ASN C 590 2.17 -22.61 -15.22
N ASN C 591 1.97 -23.92 -15.14
CA ASN C 591 2.54 -24.71 -14.05
C ASN C 591 4.07 -24.65 -14.02
N ALA C 592 4.67 -24.33 -15.16
CA ALA C 592 6.12 -24.18 -15.25
C ALA C 592 6.53 -22.75 -14.89
N GLN C 593 6.02 -21.79 -15.64
CA GLN C 593 6.33 -20.38 -15.41
C GLN C 593 5.07 -19.53 -15.32
N PRO C 594 4.50 -19.40 -14.11
CA PRO C 594 3.28 -18.62 -13.88
C PRO C 594 3.49 -17.13 -14.17
N ASP C 595 4.74 -16.71 -14.24
CA ASP C 595 5.07 -15.30 -14.42
C ASP C 595 4.96 -14.89 -15.89
N GLN C 596 5.13 -15.85 -16.79
CA GLN C 596 5.14 -15.57 -18.22
C GLN C 596 3.91 -16.10 -18.93
N TYR C 597 3.32 -17.16 -18.39
CA TYR C 597 2.17 -17.80 -19.03
C TYR C 597 0.91 -17.71 -18.16
N GLU C 598 -0.14 -17.15 -18.72
CA GLU C 598 -1.39 -16.90 -18.00
C GLU C 598 -2.18 -18.19 -17.81
N ALA C 599 -2.97 -18.24 -16.74
CA ALA C 599 -3.82 -19.39 -16.46
C ALA C 599 -4.96 -19.51 -17.45
N PRO C 600 -5.18 -20.72 -17.97
CA PRO C 600 -6.26 -20.97 -18.92
C PRO C 600 -7.62 -21.08 -18.22
N ASP C 601 -8.67 -20.63 -18.89
CA ASP C 601 -10.02 -20.80 -18.36
C ASP C 601 -10.47 -22.24 -18.63
N LYS C 602 -10.51 -23.05 -17.57
CA LYS C 602 -10.83 -24.46 -17.72
C LYS C 602 -12.29 -24.69 -18.09
N ASP C 603 -13.07 -23.61 -18.13
CA ASP C 603 -14.45 -23.69 -18.59
C ASP C 603 -14.48 -24.09 -20.06
N PHE C 604 -13.52 -23.62 -20.84
CA PHE C 604 -13.39 -24.01 -22.25
C PHE C 604 -13.19 -25.51 -22.37
N MET C 605 -12.49 -26.09 -21.41
CA MET C 605 -12.22 -27.52 -21.40
C MET C 605 -13.47 -28.31 -21.00
N ILE C 606 -14.15 -27.83 -19.96
CA ILE C 606 -15.37 -28.47 -19.48
C ILE C 606 -16.46 -28.47 -20.54
N VAL C 607 -16.66 -27.31 -21.16
CA VAL C 607 -17.69 -27.14 -22.18
C VAL C 607 -17.40 -27.97 -23.43
N ALA C 608 -16.13 -28.05 -23.81
CA ALA C 608 -15.73 -28.82 -24.98
C ALA C 608 -15.90 -30.33 -24.75
N LEU C 609 -15.59 -30.79 -23.54
CA LEU C 609 -15.74 -32.20 -23.20
C LEU C 609 -17.20 -32.63 -23.20
N ASP C 610 -18.08 -31.74 -22.74
CA ASP C 610 -19.50 -32.05 -22.67
C ASP C 610 -20.13 -32.16 -24.05
N LEU C 611 -19.60 -31.39 -25.01
CA LEU C 611 -20.08 -31.45 -26.38
C LEU C 611 -19.63 -32.75 -27.04
N LEU C 612 -18.42 -33.19 -26.70
CA LEU C 612 -17.93 -34.48 -27.17
C LEU C 612 -18.79 -35.61 -26.60
N SER C 613 -19.28 -35.40 -25.38
CA SER C 613 -20.18 -36.34 -24.75
C SER C 613 -21.52 -36.37 -25.48
N GLY C 614 -21.99 -35.19 -25.87
CA GLY C 614 -23.25 -35.06 -26.59
C GLY C 614 -23.22 -35.74 -27.94
N LEU C 615 -22.06 -35.71 -28.58
CA LEU C 615 -21.87 -36.38 -29.87
C LEU C 615 -21.86 -37.89 -29.70
N ALA C 616 -21.09 -38.36 -28.74
CA ALA C 616 -20.96 -39.80 -28.47
C ALA C 616 -22.31 -40.41 -28.10
N GLU C 617 -23.11 -39.65 -27.36
CA GLU C 617 -24.43 -40.12 -26.95
C GLU C 617 -25.42 -40.05 -28.11
N GLY C 618 -25.27 -39.03 -28.94
CA GLY C 618 -26.18 -38.81 -30.06
C GLY C 618 -25.82 -39.63 -31.29
N LEU C 619 -24.60 -39.45 -31.78
CA LEU C 619 -24.14 -40.16 -32.97
C LEU C 619 -23.99 -41.65 -32.71
N GLY C 620 -23.64 -42.00 -31.47
CA GLY C 620 -23.44 -43.38 -31.10
C GLY C 620 -22.22 -43.97 -31.77
N GLY C 621 -22.40 -45.11 -32.43
CA GLY C 621 -21.30 -45.82 -33.07
C GLY C 621 -20.77 -45.17 -34.33
N ASN C 622 -21.34 -44.03 -34.71
CA ASN C 622 -20.88 -43.31 -35.88
C ASN C 622 -19.68 -42.43 -35.56
N ILE C 623 -19.30 -42.40 -34.29
CA ILE C 623 -18.19 -41.57 -33.84
C ILE C 623 -16.88 -42.37 -33.85
N GLU C 624 -16.98 -43.63 -34.24
CA GLU C 624 -15.82 -44.54 -34.27
C GLU C 624 -14.68 -44.00 -35.12
N GLN C 625 -15.02 -43.47 -36.30
CA GLN C 625 -14.02 -42.97 -37.24
C GLN C 625 -13.32 -41.73 -36.68
N LEU C 626 -14.10 -40.82 -36.09
CA LEU C 626 -13.56 -39.60 -35.52
C LEU C 626 -12.63 -39.88 -34.35
N VAL C 627 -13.05 -40.79 -33.47
CA VAL C 627 -12.27 -41.14 -32.29
C VAL C 627 -10.95 -41.80 -32.66
N ALA C 628 -11.01 -42.77 -33.58
CA ALA C 628 -9.84 -43.55 -33.96
C ALA C 628 -8.74 -42.69 -34.59
N ARG C 629 -9.15 -41.62 -35.28
CA ARG C 629 -8.20 -40.78 -35.99
C ARG C 629 -7.63 -39.66 -35.10
N SER C 630 -8.38 -39.30 -34.05
CA SER C 630 -7.93 -38.26 -33.14
C SER C 630 -7.18 -38.85 -31.95
N ASN C 631 -7.22 -38.16 -30.83
CA ASN C 631 -6.54 -38.63 -29.62
C ASN C 631 -7.20 -38.13 -28.34
N ILE C 632 -8.52 -38.25 -28.25
CA ILE C 632 -9.23 -37.84 -27.05
C ILE C 632 -8.80 -38.67 -25.87
N LEU C 633 -8.65 -39.98 -26.10
CA LEU C 633 -8.28 -40.93 -25.05
C LEU C 633 -7.04 -40.50 -24.28
N THR C 634 -6.07 -39.94 -25.00
CA THR C 634 -4.87 -39.41 -24.37
C THR C 634 -5.20 -38.13 -23.61
N LEU C 635 -5.99 -37.27 -24.24
CA LEU C 635 -6.39 -36.00 -23.64
C LEU C 635 -7.36 -36.23 -22.48
N MET C 636 -8.28 -37.18 -22.66
CA MET C 636 -9.24 -37.53 -21.63
C MET C 636 -8.51 -38.12 -20.42
N TYR C 637 -7.42 -38.83 -20.70
CA TYR C 637 -6.56 -39.40 -19.67
C TYR C 637 -6.04 -38.31 -18.74
N GLN C 638 -5.53 -37.23 -19.32
CA GLN C 638 -4.99 -36.12 -18.55
C GLN C 638 -6.08 -35.35 -17.82
N CYS C 639 -7.27 -35.31 -18.41
CA CYS C 639 -8.39 -34.59 -17.82
C CYS C 639 -8.89 -35.27 -16.55
N MET C 640 -8.69 -36.58 -16.47
CA MET C 640 -9.12 -37.35 -15.29
C MET C 640 -8.18 -37.12 -14.12
N GLN C 641 -7.00 -36.56 -14.40
CA GLN C 641 -6.02 -36.29 -13.36
C GLN C 641 -6.01 -34.82 -12.98
N ASP C 642 -6.93 -34.06 -13.56
CA ASP C 642 -7.00 -32.62 -13.32
C ASP C 642 -7.47 -32.31 -11.90
N LYS C 643 -6.95 -31.22 -11.34
CA LYS C 643 -7.26 -30.83 -9.97
C LYS C 643 -8.72 -30.41 -9.81
N MET C 644 -9.26 -29.73 -10.82
CA MET C 644 -10.61 -29.22 -10.77
C MET C 644 -11.64 -30.34 -10.94
N PRO C 645 -12.58 -30.45 -9.98
CA PRO C 645 -13.62 -31.49 -9.97
C PRO C 645 -14.51 -31.44 -11.21
N GLU C 646 -14.87 -30.24 -11.67
CA GLU C 646 -15.72 -30.10 -12.84
C GLU C 646 -15.08 -30.70 -14.08
N VAL C 647 -13.75 -30.65 -14.16
CA VAL C 647 -13.03 -31.22 -15.29
C VAL C 647 -13.07 -32.74 -15.24
N ARG C 648 -12.75 -33.30 -14.08
CA ARG C 648 -12.77 -34.74 -13.89
C ARG C 648 -14.17 -35.31 -14.13
N GLN C 649 -15.19 -34.55 -13.74
CA GLN C 649 -16.57 -34.96 -13.92
C GLN C 649 -16.94 -35.10 -15.39
N SER C 650 -16.55 -34.11 -16.19
CA SER C 650 -16.89 -34.08 -17.60
C SER C 650 -16.13 -35.15 -18.39
N SER C 651 -14.91 -35.46 -17.95
CA SER C 651 -14.08 -36.44 -18.63
C SER C 651 -14.61 -37.85 -18.40
N PHE C 652 -15.04 -38.14 -17.17
CA PHE C 652 -15.62 -39.44 -16.85
C PHE C 652 -16.92 -39.66 -17.61
N ALA C 653 -17.69 -38.59 -17.78
CA ALA C 653 -18.94 -38.65 -18.53
C ALA C 653 -18.66 -38.98 -20.00
N LEU C 654 -17.56 -38.45 -20.52
CA LEU C 654 -17.16 -38.72 -21.89
C LEU C 654 -16.64 -40.14 -22.03
N LEU C 655 -16.07 -40.68 -20.96
CA LEU C 655 -15.57 -42.04 -20.95
C LEU C 655 -16.69 -43.05 -21.09
N GLY C 656 -17.75 -42.86 -20.29
CA GLY C 656 -18.90 -43.75 -20.33
C GLY C 656 -19.64 -43.71 -21.65
N ASP C 657 -19.70 -42.53 -22.25
CA ASP C 657 -20.40 -42.35 -23.52
C ASP C 657 -19.64 -43.01 -24.68
N LEU C 658 -18.32 -42.95 -24.62
CA LEU C 658 -17.50 -43.60 -25.64
C LEU C 658 -17.46 -45.11 -25.42
N THR C 659 -17.73 -45.53 -24.18
CA THR C 659 -17.78 -46.94 -23.84
C THR C 659 -18.98 -47.61 -24.51
N LYS C 660 -20.08 -46.86 -24.63
CA LYS C 660 -21.29 -47.38 -25.25
C LYS C 660 -21.28 -47.23 -26.76
N ALA C 661 -20.40 -46.35 -27.25
CA ALA C 661 -20.38 -46.02 -28.68
C ALA C 661 -19.27 -46.75 -29.42
N CYS C 662 -18.05 -46.67 -28.87
CA CYS C 662 -16.89 -47.29 -29.51
C CYS C 662 -15.91 -47.83 -28.47
N PHE C 663 -16.27 -48.95 -27.85
CA PHE C 663 -15.46 -49.51 -26.78
C PHE C 663 -14.18 -50.16 -27.29
N GLN C 664 -14.15 -50.49 -28.58
CA GLN C 664 -12.97 -51.12 -29.18
C GLN C 664 -11.79 -50.16 -29.18
N HIS C 665 -12.08 -48.87 -29.03
CA HIS C 665 -11.04 -47.86 -28.92
C HIS C 665 -10.70 -47.62 -27.45
N VAL C 666 -11.69 -47.81 -26.58
CA VAL C 666 -11.53 -47.60 -25.15
C VAL C 666 -10.86 -48.80 -24.48
N LYS C 667 -11.18 -49.99 -24.95
CA LYS C 667 -10.70 -51.24 -24.37
C LYS C 667 -9.19 -51.31 -24.12
N PRO C 668 -8.36 -50.87 -25.09
CA PRO C 668 -6.92 -50.91 -24.79
C PRO C 668 -6.50 -49.98 -23.66
N CYS C 669 -7.28 -48.94 -23.40
CA CYS C 669 -6.93 -47.96 -22.38
C CYS C 669 -7.63 -48.23 -21.04
N ILE C 670 -8.22 -49.42 -20.92
CA ILE C 670 -8.92 -49.80 -19.70
C ILE C 670 -7.95 -49.98 -18.53
N ALA C 671 -6.76 -50.50 -18.83
CA ALA C 671 -5.74 -50.76 -17.82
C ALA C 671 -5.32 -49.48 -17.09
N ASP C 672 -5.49 -48.33 -17.74
CA ASP C 672 -5.10 -47.06 -17.16
C ASP C 672 -6.29 -46.33 -16.53
N PHE C 673 -7.47 -46.50 -17.13
CA PHE C 673 -8.66 -45.78 -16.70
C PHE C 673 -9.23 -46.34 -15.41
N MET C 674 -9.22 -47.66 -15.26
CA MET C 674 -9.78 -48.31 -14.08
C MET C 674 -9.11 -47.89 -12.76
N PRO C 675 -7.77 -47.79 -12.71
CA PRO C 675 -7.20 -47.31 -11.44
C PRO C 675 -7.62 -45.88 -11.09
N ILE C 676 -7.80 -45.04 -12.10
CA ILE C 676 -8.24 -43.67 -11.88
C ILE C 676 -9.71 -43.61 -11.47
N LEU C 677 -10.52 -44.46 -12.10
CA LEU C 677 -11.94 -44.57 -11.75
C LEU C 677 -12.10 -44.97 -10.28
N GLY C 678 -11.20 -45.81 -9.81
CA GLY C 678 -11.22 -46.27 -8.43
C GLY C 678 -10.81 -45.18 -7.45
N THR C 679 -9.81 -44.40 -7.83
CA THR C 679 -9.32 -43.32 -6.97
C THR C 679 -10.29 -42.13 -6.95
N ASN C 680 -11.29 -42.17 -7.81
CA ASN C 680 -12.28 -41.10 -7.89
C ASN C 680 -13.64 -41.54 -7.38
N LEU C 681 -13.66 -42.56 -6.53
CA LEU C 681 -14.90 -43.02 -5.91
C LEU C 681 -15.07 -42.36 -4.55
N ASN C 682 -14.57 -41.14 -4.42
CA ASN C 682 -14.70 -40.38 -3.18
C ASN C 682 -15.97 -39.53 -3.19
N PRO C 683 -16.85 -39.77 -2.22
CA PRO C 683 -18.20 -39.18 -2.15
C PRO C 683 -18.24 -37.67 -1.91
N GLU C 684 -17.14 -37.07 -1.46
CA GLU C 684 -17.15 -35.63 -1.20
C GLU C 684 -17.30 -34.86 -2.51
N PHE C 685 -16.83 -35.46 -3.60
CA PHE C 685 -17.05 -34.92 -4.93
C PHE C 685 -18.17 -35.71 -5.60
N ILE C 686 -19.40 -35.33 -5.28
CA ILE C 686 -20.59 -36.08 -5.70
C ILE C 686 -20.68 -36.27 -7.21
N SER C 687 -20.64 -35.18 -7.96
CA SER C 687 -20.75 -35.24 -9.41
C SER C 687 -19.64 -36.07 -10.04
N VAL C 688 -18.44 -35.96 -9.49
CA VAL C 688 -17.30 -36.75 -9.96
C VAL C 688 -17.51 -38.22 -9.63
N CYS C 689 -17.89 -38.49 -8.38
CA CYS C 689 -18.12 -39.86 -7.93
C CYS C 689 -19.27 -40.51 -8.67
N ASN C 690 -20.30 -39.73 -8.95
CA ASN C 690 -21.48 -40.22 -9.67
C ASN C 690 -21.12 -40.68 -11.08
N ASN C 691 -20.42 -39.83 -11.83
CA ASN C 691 -20.00 -40.16 -13.18
C ASN C 691 -18.98 -41.30 -13.18
N ALA C 692 -18.20 -41.39 -12.11
CA ALA C 692 -17.20 -42.44 -11.98
C ALA C 692 -17.85 -43.81 -11.86
N THR C 693 -18.78 -43.95 -10.92
CA THR C 693 -19.48 -45.20 -10.71
C THR C 693 -20.29 -45.61 -11.94
N TRP C 694 -20.90 -44.62 -12.60
CA TRP C 694 -21.69 -44.88 -13.80
C TRP C 694 -20.82 -45.39 -14.94
N ALA C 695 -19.61 -44.84 -15.06
CA ALA C 695 -18.68 -45.27 -16.09
C ALA C 695 -18.26 -46.72 -15.85
N ILE C 696 -17.97 -47.05 -14.59
CA ILE C 696 -17.56 -48.39 -14.22
C ILE C 696 -18.61 -49.43 -14.60
N GLY C 697 -19.86 -49.15 -14.26
CA GLY C 697 -20.96 -50.03 -14.58
C GLY C 697 -21.15 -50.25 -16.07
N GLU C 698 -20.89 -49.20 -16.85
CA GLU C 698 -21.04 -49.27 -18.30
C GLU C 698 -19.91 -50.08 -18.94
N ILE C 699 -18.71 -49.99 -18.37
CA ILE C 699 -17.57 -50.74 -18.87
C ILE C 699 -17.77 -52.23 -18.62
N SER C 700 -18.45 -52.56 -17.54
CA SER C 700 -18.75 -53.95 -17.17
C SER C 700 -19.52 -54.67 -18.27
N ILE C 701 -20.48 -53.98 -18.85
CA ILE C 701 -21.30 -54.54 -19.93
C ILE C 701 -20.45 -54.90 -21.15
N GLN C 702 -19.55 -54.00 -21.51
CA GLN C 702 -18.74 -54.16 -22.72
C GLN C 702 -17.56 -55.11 -22.50
N MET C 703 -16.98 -55.08 -21.31
CA MET C 703 -15.83 -55.93 -21.00
C MET C 703 -16.23 -57.39 -20.86
N GLY C 704 -17.35 -57.63 -20.21
CA GLY C 704 -17.78 -58.99 -19.93
C GLY C 704 -16.89 -59.61 -18.86
N ILE C 705 -16.76 -60.94 -18.90
CA ILE C 705 -16.02 -61.71 -17.90
C ILE C 705 -14.60 -61.15 -17.62
N GLU C 706 -14.07 -60.40 -18.58
CA GLU C 706 -12.72 -59.84 -18.45
C GLU C 706 -12.65 -58.69 -17.43
N MET C 707 -13.78 -58.40 -16.79
CA MET C 707 -13.86 -57.35 -15.78
C MET C 707 -13.29 -57.81 -14.44
N GLN C 708 -13.15 -59.13 -14.30
CA GLN C 708 -12.75 -59.76 -13.03
C GLN C 708 -11.53 -59.16 -12.32
N PRO C 709 -10.42 -58.92 -13.04
CA PRO C 709 -9.25 -58.40 -12.30
C PRO C 709 -9.45 -57.00 -11.73
N TYR C 710 -10.39 -56.24 -12.29
CA TYR C 710 -10.60 -54.85 -11.90
C TYR C 710 -11.67 -54.69 -10.82
N ILE C 711 -12.22 -55.82 -10.38
CA ILE C 711 -13.28 -55.80 -9.37
C ILE C 711 -12.84 -55.33 -7.97
N PRO C 712 -11.75 -55.89 -7.41
CA PRO C 712 -11.46 -55.54 -6.01
C PRO C 712 -11.01 -54.09 -5.81
N MET C 713 -10.55 -53.43 -6.87
CA MET C 713 -10.09 -52.06 -6.76
C MET C 713 -11.24 -51.06 -6.86
N VAL C 714 -12.46 -51.59 -6.90
CA VAL C 714 -13.65 -50.75 -7.06
C VAL C 714 -14.77 -51.20 -6.13
N LEU C 715 -15.01 -52.51 -6.09
CA LEU C 715 -16.14 -53.07 -5.36
C LEU C 715 -16.10 -52.76 -3.86
N HIS C 716 -14.91 -52.74 -3.29
CA HIS C 716 -14.75 -52.50 -1.86
C HIS C 716 -15.13 -51.07 -1.48
N GLN C 717 -15.19 -50.20 -2.48
CA GLN C 717 -15.49 -48.80 -2.25
C GLN C 717 -16.97 -48.50 -2.43
N LEU C 718 -17.58 -49.13 -3.43
CA LEU C 718 -18.98 -48.91 -3.76
C LEU C 718 -19.89 -49.33 -2.61
N VAL C 719 -19.52 -50.41 -1.92
CA VAL C 719 -20.32 -50.94 -0.82
C VAL C 719 -20.32 -49.97 0.36
N GLU C 720 -19.25 -49.20 0.51
CA GLU C 720 -19.16 -48.22 1.58
C GLU C 720 -19.95 -46.96 1.23
N ILE C 721 -20.05 -46.69 -0.07
CA ILE C 721 -20.80 -45.53 -0.55
C ILE C 721 -22.30 -45.77 -0.45
N ILE C 722 -22.73 -46.98 -0.79
CA ILE C 722 -24.15 -47.32 -0.75
C ILE C 722 -24.63 -47.44 0.69
N ASN C 723 -23.70 -47.68 1.61
CA ASN C 723 -24.00 -47.73 3.03
C ASN C 723 -23.58 -46.45 3.75
N ARG C 724 -23.82 -45.31 3.11
CA ARG C 724 -23.36 -44.03 3.61
C ARG C 724 -24.51 -43.05 3.83
N PRO C 725 -24.56 -42.43 5.01
CA PRO C 725 -25.62 -41.48 5.37
C PRO C 725 -25.54 -40.17 4.57
N ASN C 726 -26.68 -39.51 4.40
CA ASN C 726 -26.78 -38.23 3.68
C ASN C 726 -26.31 -38.29 2.23
N THR C 727 -26.06 -39.50 1.73
CA THR C 727 -25.66 -39.68 0.33
C THR C 727 -26.88 -39.49 -0.57
N PRO C 728 -26.76 -38.59 -1.57
CA PRO C 728 -27.84 -38.23 -2.49
C PRO C 728 -28.52 -39.43 -3.14
N LYS C 729 -29.75 -39.24 -3.60
CA LYS C 729 -30.53 -40.29 -4.24
C LYS C 729 -29.84 -40.78 -5.51
N THR C 730 -29.49 -39.84 -6.39
CA THR C 730 -28.93 -40.16 -7.70
C THR C 730 -27.62 -40.93 -7.61
N LEU C 731 -26.86 -40.73 -6.54
CA LEU C 731 -25.60 -41.43 -6.36
C LEU C 731 -25.83 -42.87 -5.93
N LEU C 732 -26.78 -43.07 -5.01
CA LEU C 732 -27.13 -44.40 -4.54
C LEU C 732 -27.70 -45.25 -5.67
N GLU C 733 -28.43 -44.60 -6.57
CA GLU C 733 -29.02 -45.28 -7.72
C GLU C 733 -27.93 -45.81 -8.64
N ASN C 734 -26.98 -44.95 -9.00
CA ASN C 734 -25.87 -45.33 -9.87
C ASN C 734 -24.95 -46.34 -9.19
N THR C 735 -24.75 -46.20 -7.89
CA THR C 735 -23.93 -47.12 -7.13
C THR C 735 -24.55 -48.51 -7.13
N ALA C 736 -25.86 -48.57 -6.91
CA ALA C 736 -26.57 -49.83 -6.91
C ALA C 736 -26.57 -50.47 -8.29
N ILE C 737 -26.82 -49.66 -9.31
CA ILE C 737 -26.82 -50.15 -10.69
C ILE C 737 -25.45 -50.69 -11.08
N THR C 738 -24.40 -49.98 -10.69
CA THR C 738 -23.04 -50.40 -11.00
C THR C 738 -22.71 -51.72 -10.31
N ILE C 739 -23.00 -51.81 -9.01
CA ILE C 739 -22.77 -53.03 -8.26
C ILE C 739 -23.56 -54.19 -8.87
N GLY C 740 -24.82 -53.92 -9.22
CA GLY C 740 -25.65 -54.91 -9.87
C GLY C 740 -25.10 -55.29 -11.24
N ARG C 741 -24.56 -54.31 -11.95
CA ARG C 741 -23.99 -54.56 -13.26
C ARG C 741 -22.68 -55.32 -13.14
N LEU C 742 -21.97 -55.08 -12.04
CA LEU C 742 -20.74 -55.82 -11.73
C LEU C 742 -21.05 -57.27 -11.40
N GLY C 743 -22.21 -57.49 -10.77
CA GLY C 743 -22.61 -58.81 -10.34
C GLY C 743 -23.00 -59.73 -11.48
N TYR C 744 -23.77 -59.19 -12.43
CA TYR C 744 -24.21 -59.96 -13.59
C TYR C 744 -23.02 -60.47 -14.39
N VAL C 745 -21.95 -59.69 -14.40
CA VAL C 745 -20.75 -60.01 -15.16
C VAL C 745 -19.86 -61.00 -14.41
N CYS C 746 -19.45 -60.62 -13.19
CA CYS C 746 -18.60 -61.48 -12.38
C CYS C 746 -19.23 -61.73 -11.01
N PRO C 747 -20.13 -62.72 -10.94
CA PRO C 747 -20.86 -63.07 -9.71
C PRO C 747 -19.92 -63.49 -8.58
N GLN C 748 -18.97 -64.37 -8.87
CA GLN C 748 -18.07 -64.91 -7.86
C GLN C 748 -17.29 -63.85 -7.10
N GLU C 749 -17.15 -62.67 -7.71
CA GLU C 749 -16.36 -61.59 -7.11
C GLU C 749 -17.22 -60.71 -6.20
N VAL C 750 -18.50 -60.59 -6.53
CA VAL C 750 -19.39 -59.68 -5.81
C VAL C 750 -20.31 -60.41 -4.83
N ALA C 751 -20.62 -61.68 -5.15
CA ALA C 751 -21.51 -62.49 -4.31
C ALA C 751 -21.07 -62.63 -2.84
N PRO C 752 -19.77 -62.82 -2.56
CA PRO C 752 -19.42 -62.98 -1.14
C PRO C 752 -19.66 -61.74 -0.28
N MET C 753 -20.06 -60.63 -0.89
CA MET C 753 -20.37 -59.42 -0.15
C MET C 753 -21.85 -59.05 -0.28
N LEU C 754 -22.64 -60.00 -0.73
CA LEU C 754 -24.08 -59.79 -0.94
C LEU C 754 -24.80 -59.42 0.35
N GLN C 755 -24.29 -59.91 1.46
CA GLN C 755 -24.88 -59.64 2.78
C GLN C 755 -24.81 -58.16 3.15
N GLN C 756 -23.77 -57.48 2.65
CA GLN C 756 -23.43 -56.16 3.15
C GLN C 756 -24.15 -55.00 2.46
N PHE C 757 -24.56 -55.18 1.20
CA PHE C 757 -25.08 -54.05 0.44
C PHE C 757 -26.55 -54.16 0.03
N ILE C 758 -27.20 -55.28 0.34
CA ILE C 758 -28.60 -55.46 -0.07
C ILE C 758 -29.55 -54.59 0.74
N ARG C 759 -29.14 -54.19 1.93
CA ARG C 759 -29.96 -53.36 2.80
C ARG C 759 -30.31 -52.00 2.15
N PRO C 760 -29.31 -51.29 1.58
CA PRO C 760 -29.72 -50.07 0.87
C PRO C 760 -29.96 -50.28 -0.62
N TRP C 761 -29.50 -51.40 -1.16
CA TRP C 761 -29.65 -51.69 -2.59
C TRP C 761 -31.13 -51.77 -2.97
N CYS C 762 -31.90 -52.49 -2.16
CA CYS C 762 -33.32 -52.71 -2.45
C CYS C 762 -34.14 -51.46 -2.19
N THR C 763 -33.76 -50.69 -1.17
CA THR C 763 -34.47 -49.46 -0.84
C THR C 763 -34.28 -48.40 -1.90
N SER C 764 -33.13 -48.43 -2.57
CA SER C 764 -32.79 -47.45 -3.59
C SER C 764 -33.48 -47.75 -4.92
N LEU C 765 -33.36 -48.99 -5.39
CA LEU C 765 -33.89 -49.35 -6.70
C LEU C 765 -35.37 -49.74 -6.63
N ARG C 766 -36.01 -49.45 -5.50
CA ARG C 766 -37.44 -49.67 -5.36
C ARG C 766 -38.22 -48.51 -5.97
N ASN C 767 -37.63 -47.32 -5.90
CA ASN C 767 -38.28 -46.12 -6.39
C ASN C 767 -37.76 -45.70 -7.77
N ILE C 768 -37.48 -46.69 -8.61
CA ILE C 768 -37.00 -46.44 -9.97
C ILE C 768 -37.91 -47.12 -10.99
N ARG C 769 -38.20 -46.41 -12.07
CA ARG C 769 -39.06 -46.91 -13.15
C ARG C 769 -38.54 -48.23 -13.72
N ASP C 770 -39.44 -49.04 -14.25
CA ASP C 770 -39.09 -50.34 -14.80
C ASP C 770 -38.43 -50.20 -16.17
N ASN C 771 -37.21 -49.66 -16.18
CA ASN C 771 -36.46 -49.48 -17.41
C ASN C 771 -35.30 -50.48 -17.52
N GLU C 772 -34.51 -50.35 -18.57
CA GLU C 772 -33.38 -51.25 -18.78
C GLU C 772 -32.28 -50.99 -17.76
N GLU C 773 -32.26 -49.77 -17.22
CA GLU C 773 -31.28 -49.40 -16.20
C GLU C 773 -31.47 -50.23 -14.93
N LYS C 774 -32.73 -50.52 -14.60
CA LYS C 774 -33.06 -51.29 -13.42
C LYS C 774 -33.16 -52.78 -13.76
N ASP C 775 -33.56 -53.06 -15.00
CA ASP C 775 -33.73 -54.43 -15.45
C ASP C 775 -32.40 -55.17 -15.52
N SER C 776 -31.33 -54.42 -15.74
CA SER C 776 -30.00 -55.02 -15.80
C SER C 776 -29.42 -55.20 -14.39
N ALA C 777 -29.85 -54.33 -13.48
CA ALA C 777 -29.37 -54.39 -12.09
C ALA C 777 -29.99 -55.57 -11.35
N PHE C 778 -31.23 -55.90 -11.70
CA PHE C 778 -31.92 -57.03 -11.08
C PHE C 778 -31.46 -58.35 -11.68
N ARG C 779 -31.11 -58.34 -12.96
CA ARG C 779 -30.51 -59.52 -13.58
C ARG C 779 -29.19 -59.82 -12.90
N GLY C 780 -28.52 -58.77 -12.46
CA GLY C 780 -27.29 -58.90 -11.71
C GLY C 780 -27.55 -59.51 -10.35
N ILE C 781 -28.45 -58.90 -9.59
CA ILE C 781 -28.72 -59.34 -8.22
C ILE C 781 -29.30 -60.75 -8.16
N CYS C 782 -29.81 -61.24 -9.29
CA CYS C 782 -30.35 -62.59 -9.36
C CYS C 782 -29.23 -63.62 -9.52
N THR C 783 -28.24 -63.29 -10.33
CA THR C 783 -27.07 -64.16 -10.49
C THR C 783 -26.22 -64.12 -9.21
N MET C 784 -26.39 -63.06 -8.44
CA MET C 784 -25.73 -62.92 -7.15
C MET C 784 -26.27 -63.96 -6.17
N ILE C 785 -27.57 -64.22 -6.25
CA ILE C 785 -28.24 -65.14 -5.35
C ILE C 785 -27.94 -66.59 -5.72
N SER C 786 -27.92 -66.88 -7.01
CA SER C 786 -27.67 -68.24 -7.48
C SER C 786 -26.23 -68.71 -7.17
N VAL C 787 -25.40 -67.78 -6.74
CA VAL C 787 -24.04 -68.10 -6.31
C VAL C 787 -23.94 -68.08 -4.79
N ASN C 788 -24.61 -67.10 -4.17
CA ASN C 788 -24.66 -67.00 -2.72
C ASN C 788 -26.10 -66.85 -2.22
N PRO C 789 -26.81 -67.98 -2.09
CA PRO C 789 -28.22 -68.01 -1.68
C PRO C 789 -28.41 -67.78 -0.18
N SER C 790 -27.32 -67.53 0.53
CA SER C 790 -27.39 -67.36 1.98
C SER C 790 -27.12 -65.92 2.39
N GLY C 791 -27.08 -65.02 1.41
CA GLY C 791 -26.78 -63.62 1.67
C GLY C 791 -28.00 -62.74 1.78
N VAL C 792 -29.11 -63.19 1.21
CA VAL C 792 -30.32 -62.38 1.15
C VAL C 792 -31.27 -62.70 2.30
N ILE C 793 -31.08 -63.85 2.92
CA ILE C 793 -32.01 -64.36 3.93
C ILE C 793 -32.14 -63.44 5.14
N GLN C 794 -31.03 -62.85 5.57
CA GLN C 794 -31.03 -61.97 6.73
C GLN C 794 -31.84 -60.69 6.50
N ASP C 795 -31.84 -60.23 5.25
CA ASP C 795 -32.61 -59.03 4.89
C ASP C 795 -33.57 -59.33 3.75
N PHE C 796 -34.26 -60.46 3.84
CA PHE C 796 -35.17 -60.88 2.78
C PHE C 796 -36.43 -60.02 2.75
N ILE C 797 -36.65 -59.27 3.82
CA ILE C 797 -37.78 -58.34 3.88
C ILE C 797 -37.61 -57.24 2.84
N PHE C 798 -36.36 -56.82 2.64
CA PHE C 798 -36.06 -55.74 1.71
C PHE C 798 -36.07 -56.19 0.26
N PHE C 799 -35.62 -57.42 0.01
CA PHE C 799 -35.58 -57.97 -1.34
C PHE C 799 -36.98 -58.04 -1.93
N CYS C 800 -37.97 -58.31 -1.09
CA CYS C 800 -39.36 -58.38 -1.53
C CYS C 800 -39.88 -57.00 -1.87
N ASP C 801 -39.46 -55.99 -1.12
CA ASP C 801 -39.88 -54.62 -1.37
C ASP C 801 -39.41 -54.13 -2.75
N ALA C 802 -38.26 -54.62 -3.18
CA ALA C 802 -37.69 -54.21 -4.47
C ALA C 802 -38.43 -54.86 -5.63
N VAL C 803 -38.73 -56.15 -5.50
CA VAL C 803 -39.42 -56.90 -6.55
C VAL C 803 -40.85 -56.40 -6.73
N ALA C 804 -41.46 -55.95 -5.65
CA ALA C 804 -42.86 -55.51 -5.66
C ALA C 804 -43.06 -54.26 -6.51
N SER C 805 -41.99 -53.49 -6.69
CA SER C 805 -42.06 -52.26 -7.46
C SER C 805 -42.18 -52.53 -8.96
N TRP C 806 -41.90 -53.78 -9.35
CA TRP C 806 -41.98 -54.16 -10.75
C TRP C 806 -43.42 -54.27 -11.24
N ILE C 807 -43.80 -53.37 -12.14
CA ILE C 807 -45.13 -53.39 -12.74
C ILE C 807 -45.16 -54.35 -13.94
N ASN C 808 -44.23 -54.15 -14.86
CA ASN C 808 -44.11 -55.01 -16.04
C ASN C 808 -42.71 -55.58 -16.20
N PRO C 809 -42.32 -56.53 -15.33
CA PRO C 809 -40.99 -57.14 -15.45
C PRO C 809 -40.91 -58.05 -16.67
N LYS C 810 -39.70 -58.24 -17.20
CA LYS C 810 -39.52 -59.12 -18.34
C LYS C 810 -39.85 -60.56 -17.98
N ASP C 811 -40.29 -61.33 -18.97
CA ASP C 811 -40.77 -62.68 -18.74
C ASP C 811 -39.72 -63.62 -18.14
N ASP C 812 -38.48 -63.47 -18.59
CA ASP C 812 -37.39 -64.31 -18.09
C ASP C 812 -36.93 -63.86 -16.71
N LEU C 813 -36.99 -62.55 -16.46
CA LEU C 813 -36.63 -62.00 -15.17
C LEU C 813 -37.67 -62.36 -14.12
N ARG C 814 -38.93 -62.34 -14.54
CA ARG C 814 -40.04 -62.72 -13.67
C ARG C 814 -39.93 -64.17 -13.22
N ASP C 815 -39.43 -65.02 -14.10
CA ASP C 815 -39.23 -66.43 -13.79
C ASP C 815 -38.12 -66.62 -12.76
N MET C 816 -37.17 -65.69 -12.75
CA MET C 816 -36.07 -65.77 -11.80
C MET C 816 -36.52 -65.37 -10.39
N PHE C 817 -37.54 -64.52 -10.33
CA PHE C 817 -38.09 -64.08 -9.05
C PHE C 817 -38.90 -65.19 -8.38
N CYS C 818 -39.48 -66.08 -9.19
CA CYS C 818 -40.22 -67.22 -8.68
C CYS C 818 -39.32 -68.15 -7.87
N LYS C 819 -38.23 -68.58 -8.48
CA LYS C 819 -37.33 -69.57 -7.90
C LYS C 819 -36.64 -69.06 -6.63
N ILE C 820 -36.60 -67.74 -6.48
CA ILE C 820 -35.98 -67.14 -5.30
C ILE C 820 -36.99 -66.98 -4.18
N LEU C 821 -38.20 -66.54 -4.53
CA LEU C 821 -39.26 -66.35 -3.55
C LEU C 821 -39.82 -67.70 -3.07
N HIS C 822 -40.09 -68.60 -4.00
CA HIS C 822 -40.57 -69.93 -3.65
C HIS C 822 -39.50 -70.70 -2.90
N GLY C 823 -38.24 -70.41 -3.20
CA GLY C 823 -37.12 -71.04 -2.53
C GLY C 823 -37.00 -70.61 -1.08
N PHE C 824 -37.62 -69.49 -0.76
CA PHE C 824 -37.60 -68.96 0.61
C PHE C 824 -38.75 -69.55 1.42
N LYS C 825 -39.92 -69.69 0.80
CA LYS C 825 -41.09 -70.26 1.45
C LYS C 825 -40.87 -71.74 1.74
N ASN C 826 -40.22 -72.43 0.82
CA ASN C 826 -39.94 -73.85 0.96
C ASN C 826 -38.71 -74.12 1.83
N GLN C 827 -38.21 -73.07 2.48
CA GLN C 827 -37.03 -73.19 3.31
C GLN C 827 -37.33 -72.78 4.75
N VAL C 828 -38.48 -72.13 4.95
CA VAL C 828 -38.89 -71.71 6.29
C VAL C 828 -40.18 -72.38 6.71
N GLY C 829 -40.84 -73.04 5.77
CA GLY C 829 -42.11 -73.68 6.05
C GLY C 829 -43.27 -72.74 5.80
N ASP C 830 -44.47 -73.30 5.66
CA ASP C 830 -45.65 -72.50 5.40
C ASP C 830 -46.04 -71.64 6.59
N GLU C 831 -45.77 -72.14 7.80
CA GLU C 831 -46.14 -71.43 9.01
C GLU C 831 -45.30 -70.16 9.21
N ASN C 832 -44.00 -70.27 9.02
CA ASN C 832 -43.10 -69.13 9.18
C ASN C 832 -43.26 -68.10 8.07
N TRP C 833 -43.65 -68.57 6.89
CA TRP C 833 -43.88 -67.68 5.76
C TRP C 833 -45.12 -66.84 5.96
N ARG C 834 -46.15 -67.43 6.57
CA ARG C 834 -47.39 -66.73 6.85
C ARG C 834 -47.18 -65.68 7.94
N ARG C 835 -46.15 -65.87 8.76
CA ARG C 835 -45.79 -64.89 9.77
C ARG C 835 -44.90 -63.81 9.17
N PHE C 836 -44.03 -64.22 8.27
CA PHE C 836 -43.10 -63.31 7.59
C PHE C 836 -43.84 -62.37 6.65
N SER C 837 -44.93 -62.85 6.08
CA SER C 837 -45.68 -62.09 5.09
C SER C 837 -46.64 -61.08 5.74
N ASP C 838 -46.80 -61.18 7.06
CA ASP C 838 -47.67 -60.27 7.79
C ASP C 838 -47.03 -58.88 7.94
N GLN C 839 -45.72 -58.82 7.73
CA GLN C 839 -44.99 -57.57 7.81
C GLN C 839 -45.20 -56.72 6.55
N PHE C 840 -45.84 -57.31 5.55
CA PHE C 840 -46.14 -56.62 4.30
C PHE C 840 -47.49 -55.93 4.37
N PRO C 841 -47.49 -54.59 4.21
CA PRO C 841 -48.73 -53.79 4.28
C PRO C 841 -49.59 -53.89 3.01
N LEU C 842 -48.96 -53.73 1.85
CA LEU C 842 -49.70 -53.73 0.58
C LEU C 842 -49.11 -54.69 -0.47
N PRO C 843 -47.78 -54.77 -0.61
CA PRO C 843 -47.25 -55.75 -1.58
C PRO C 843 -47.57 -57.20 -1.21
N LEU C 844 -48.15 -57.42 -0.03
CA LEU C 844 -48.60 -58.73 0.38
C LEU C 844 -49.54 -59.34 -0.66
N LYS C 845 -50.47 -58.53 -1.14
CA LYS C 845 -51.46 -58.99 -2.10
C LYS C 845 -50.93 -58.93 -3.53
N GLU C 846 -49.86 -58.17 -3.73
CA GLU C 846 -49.24 -58.07 -5.05
C GLU C 846 -48.02 -58.99 -5.13
N ARG C 847 -48.07 -60.10 -4.40
CA ARG C 847 -46.97 -61.06 -4.39
C ARG C 847 -47.47 -62.46 -4.03
N LEU C 848 -48.53 -62.52 -3.23
CA LEU C 848 -49.11 -63.80 -2.86
C LEU C 848 -50.51 -63.95 -3.45
N ALA C 849 -50.72 -63.32 -4.60
CA ALA C 849 -51.99 -63.40 -5.31
C ALA C 849 -51.81 -63.09 -6.79
N ALA C 850 -50.72 -62.40 -7.12
CA ALA C 850 -50.43 -62.04 -8.51
C ALA C 850 -49.34 -62.94 -9.08
N PHE C 851 -48.10 -62.50 -8.95
CA PHE C 851 -46.96 -63.30 -9.39
C PHE C 851 -46.37 -64.07 -8.21
N TYR C 852 -45.67 -65.16 -8.52
CA TYR C 852 -44.93 -65.93 -7.53
C TYR C 852 -45.85 -66.39 -6.39
N GLY C 853 -45.30 -66.37 -5.18
CA GLY C 853 -46.06 -66.73 -4.00
C GLY C 853 -46.59 -68.15 -4.03
N THR D 1 -33.76 -44.68 -13.93
CA THR D 1 -32.67 -44.14 -14.74
C THR D 1 -31.53 -43.61 -13.87
N GLY D 2 -30.31 -43.75 -14.36
CA GLY D 2 -29.15 -43.21 -13.69
C GLY D 2 -28.41 -42.26 -14.61
N GLY D 3 -27.35 -42.76 -15.23
CA GLY D 3 -26.62 -41.99 -16.23
C GLY D 3 -25.75 -40.88 -15.66
N LYS D 4 -25.31 -40.00 -16.55
CA LYS D 4 -24.45 -38.88 -16.17
C LYS D 4 -25.19 -37.89 -15.27
N ALA D 5 -24.45 -37.29 -14.34
CA ALA D 5 -24.98 -36.17 -13.56
C ALA D 5 -25.16 -35.00 -14.52
N PRO D 6 -26.20 -34.17 -14.29
CA PRO D 6 -26.47 -33.04 -15.18
C PRO D 6 -25.27 -32.10 -15.31
N ARG D 7 -25.09 -31.53 -16.50
CA ARG D 7 -23.94 -30.67 -16.78
C ARG D 7 -23.91 -29.43 -15.88
N LYS D 8 -22.77 -28.78 -15.84
CA LYS D 8 -22.61 -27.55 -15.06
C LYS D 8 -23.56 -26.47 -15.58
N GLN D 9 -24.48 -26.04 -14.72
CA GLN D 9 -25.46 -25.03 -15.09
C GLN D 9 -24.79 -23.69 -15.33
N LEU D 10 -25.30 -22.95 -16.32
CA LEU D 10 -24.73 -21.64 -16.66
C LEU D 10 -25.51 -20.52 -15.97
N ALA D 11 -25.24 -19.29 -16.37
CA ALA D 11 -25.82 -18.12 -15.70
C ALA D 11 -27.34 -18.05 -15.82
N THR D 12 -27.88 -18.67 -16.87
CA THR D 12 -29.32 -18.61 -17.11
C THR D 12 -30.06 -19.83 -16.56
N LYS D 13 -29.47 -21.00 -16.71
CA LYS D 13 -30.10 -22.24 -16.25
C LYS D 13 -30.10 -22.33 -14.73
N ALA D 14 -29.19 -21.59 -14.09
CA ALA D 14 -29.09 -21.59 -12.64
C ALA D 14 -30.05 -20.59 -12.01
N ALA D 15 -30.08 -19.38 -12.55
CA ALA D 15 -30.97 -18.33 -12.05
C ALA D 15 -32.43 -18.71 -12.26
N ARG D 16 -32.69 -19.49 -13.29
CA ARG D 16 -34.03 -19.97 -13.59
C ARG D 16 -34.46 -21.01 -12.56
N LYS D 17 -33.48 -21.67 -11.95
CA LYS D 17 -33.74 -22.65 -10.90
C LYS D 17 -33.25 -22.15 -9.55
#